data_5ENP
#
_entry.id   5ENP
#
_cell.length_a   108.646
_cell.length_b   145.336
_cell.length_c   174.218
_cell.angle_alpha   90.00
_cell.angle_beta   90.00
_cell.angle_gamma   90.00
#
_symmetry.space_group_name_H-M   'P 21 21 21'
#
loop_
_entity.id
_entity.type
_entity.pdbx_description
1 polymer 'Multidrug efflux pump subunit AcrB,Multidrug efflux pump subunit AcrB'
2 polymer DARPin
3 non-polymer 6-[2-(3,4-dimethoxyphenyl)ethylsulfanyl]-8-[4-(2-methoxyethyl)piperazin-1-yl]-3,3-dimethyl-1,4-dihydropyrano[3,4-c]pyridine-5-carbonitrile
4 water water
#
loop_
_entity_poly.entity_id
_entity_poly.type
_entity_poly.pdbx_seq_one_letter_code
_entity_poly.pdbx_strand_id
1 'polypeptide(L)'
;APPAVTISASYPGADAKTVQDTVTQVIEQNMNGIDNLMYMSSNSDSTGTVQITLTFESGTDADIAQVQVQNKLQLAMPLL
PQEVQQQGVSVEKSSSSFLMVVGVINTDGTMTQEDISDYVAANMKDAISRTSGVGDVQLFGSQYAMRIWMNPNELNKFQL
TPVDVITAIKAQNAQVAAGQLGGTPPVKGQQLNASIIAQTRLTSTEEFGKILLKVNQDGSRVLLRDVAKIELGGENYDII
AEFNGQPASGLGIKLATGANALDTAAAIRAELAKMEPFFPSGLKIVYPYDTGGSGGSGGSSSFLPDEDQGVFMTMVQLPA
GATQERTQKVLNEVTHYYLTKEKNNVESVFAVNGFGFAGRGQNTGIAFVSLKDWADRPGEENKVEAITMRATRAFSQIKD
AMVFAFNLPAIVELGTATGFDFELIDQAGLGHEKLTQARNQLLAEAAKHPDMLTSVRPNGLEDTPQFKIDIDQEKAQALG
VSINDINTTLGAAWGGSYVNDFIDRGRVKKVYVMSEAKYRMLPDDIGDWYVRAADGQMVPFSAFSSSRWEYGSPRLERYN
GLPSMEILGQAAPGKSTGEAMELMEQLASKLPTGVGYDWTGMSYQERLS
;
A,B,C
2 'polypeptide(L)'
;MRGSHHHHHHGSDLGKKLLEAARAGRDDEVRILMANGADVNAADVVGWTPLHLAAYWGHLEIVEVLLKNGADVNAYDTLG
STPLHLAAHFGHLEIVEVLLKNGADVNAKDDNGITPLHLAANRGHLEIVEVLLKYGADVNAQDKFGKTAFDISINNGNED
LAEILQKLN
;
D,E,F
#
# COMPACT_ATOMS: atom_id res chain seq x y z
N ALA A 1 -15.63 4.34 32.52
CA ALA A 1 -14.58 5.18 31.86
C ALA A 1 -14.99 5.51 30.43
N PRO A 2 -14.47 6.62 29.90
CA PRO A 2 -14.82 6.94 28.53
C PRO A 2 -14.24 5.92 27.50
N PRO A 3 -14.91 5.70 26.36
CA PRO A 3 -14.45 4.78 25.36
C PRO A 3 -13.09 5.21 24.76
N ALA A 4 -12.24 4.22 24.48
CA ALA A 4 -10.92 4.47 23.93
C ALA A 4 -10.71 3.62 22.70
N VAL A 5 -10.13 4.22 21.63
CA VAL A 5 -9.66 3.47 20.47
C VAL A 5 -8.15 3.45 20.54
N THR A 6 -7.55 2.29 20.28
CA THR A 6 -6.11 2.19 20.32
CA THR A 6 -6.09 2.17 20.32
C THR A 6 -5.53 1.78 18.95
N ILE A 7 -4.48 2.47 18.52
CA ILE A 7 -3.77 2.10 17.31
C ILE A 7 -2.48 1.48 17.78
N SER A 8 -2.10 0.32 17.26
CA SER A 8 -0.84 -0.31 17.64
C SER A 8 -0.07 -0.71 16.39
N ALA A 9 1.23 -0.53 16.47
CA ALA A 9 2.08 -0.90 15.41
C ALA A 9 3.40 -1.35 15.94
N SER A 10 4.17 -1.94 15.06
CA SER A 10 5.39 -2.59 15.46
C SER A 10 6.43 -2.42 14.38
N TYR A 11 7.69 -2.20 14.79
CA TYR A 11 8.81 -2.00 13.94
C TYR A 11 9.97 -2.80 14.56
N PRO A 12 10.21 -4.03 14.07
CA PRO A 12 11.22 -4.90 14.68
C PRO A 12 12.61 -4.29 14.66
N GLY A 13 13.25 -4.25 15.84
CA GLY A 13 14.63 -3.77 15.97
C GLY A 13 14.70 -2.26 16.10
N ALA A 14 13.54 -1.59 16.09
CA ALA A 14 13.55 -0.14 16.25
C ALA A 14 13.65 0.37 17.74
N ASP A 15 14.43 1.42 17.91
CA ASP A 15 14.56 2.14 19.19
C ASP A 15 13.36 3.15 19.28
N ALA A 16 13.11 3.69 20.49
CA ALA A 16 11.95 4.56 20.74
C ALA A 16 11.85 5.75 19.78
N LYS A 17 12.95 6.44 19.61
CA LYS A 17 13.01 7.60 18.75
C LYS A 17 12.71 7.31 17.26
N THR A 18 13.22 6.20 16.74
CA THR A 18 12.95 5.75 15.39
C THR A 18 11.47 5.46 15.28
N VAL A 19 10.87 4.82 16.29
CA VAL A 19 9.44 4.54 16.25
C VAL A 19 8.66 5.88 16.21
N GLN A 20 9.03 6.75 17.14
CA GLN A 20 8.34 8.01 17.31
C GLN A 20 8.41 8.84 16.00
N ASP A 21 9.60 8.94 15.43
CA ASP A 21 9.82 9.81 14.30
C ASP A 21 9.46 9.28 12.92
N THR A 22 9.31 7.96 12.76
CA THR A 22 8.89 7.40 11.48
C THR A 22 7.48 6.80 11.49
N VAL A 23 6.89 6.65 12.67
CA VAL A 23 5.57 6.05 12.79
C VAL A 23 4.64 6.96 13.60
N THR A 24 4.93 7.18 14.86
CA THR A 24 4.00 7.86 15.76
C THR A 24 3.63 9.24 15.28
N GLN A 25 4.65 10.05 14.96
CA GLN A 25 4.36 11.41 14.53
C GLN A 25 3.54 11.47 13.26
N VAL A 26 3.84 10.57 12.33
CA VAL A 26 3.21 10.59 10.99
C VAL A 26 1.70 10.27 11.17
N ILE A 27 1.41 9.31 12.04
CA ILE A 27 0.01 8.98 12.36
C ILE A 27 -0.69 10.11 13.12
N GLU A 28 -0.04 10.59 14.16
CA GLU A 28 -0.60 11.64 15.02
C GLU A 28 -0.98 12.88 14.27
N GLN A 29 -0.17 13.26 13.29
CA GLN A 29 -0.45 14.47 12.49
C GLN A 29 -1.74 14.40 11.75
N ASN A 30 -2.30 13.20 11.56
CA ASN A 30 -3.61 13.05 10.94
C ASN A 30 -4.76 12.90 11.93
N MET A 31 -4.50 12.84 13.24
CA MET A 31 -5.58 12.58 14.17
C MET A 31 -6.31 13.88 14.60
N ASN A 32 -6.98 14.53 13.65
CA ASN A 32 -7.78 15.72 13.95
C ASN A 32 -9.02 15.63 13.01
N GLY A 33 -10.05 16.44 13.26
CA GLY A 33 -11.33 16.24 12.58
C GLY A 33 -12.04 14.95 12.90
N ILE A 34 -11.84 14.47 14.13
CA ILE A 34 -12.46 13.27 14.68
C ILE A 34 -13.47 13.78 15.71
N ASP A 35 -14.71 13.35 15.57
CA ASP A 35 -15.77 13.81 16.46
C ASP A 35 -15.65 13.22 17.84
N ASN A 36 -16.05 14.03 18.82
CA ASN A 36 -16.12 13.65 20.23
C ASN A 36 -14.83 13.20 20.85
N LEU A 37 -13.70 13.62 20.29
CA LEU A 37 -12.42 13.26 20.83
C LEU A 37 -12.05 14.18 21.99
N MET A 38 -11.73 13.60 23.14
CA MET A 38 -11.28 14.40 24.28
C MET A 38 -9.81 14.62 24.26
N TYR A 39 -9.05 13.55 24.03
CA TYR A 39 -7.61 13.67 24.02
C TYR A 39 -6.95 12.47 23.45
N MET A 40 -5.70 12.62 23.11
CA MET A 40 -4.90 11.56 22.52
C MET A 40 -3.57 11.46 23.26
N SER A 41 -3.05 10.25 23.51
CA SER A 41 -1.72 10.06 24.06
C SER A 41 -1.01 8.92 23.35
N SER A 42 0.29 8.84 23.53
CA SER A 42 1.03 7.78 22.88
C SER A 42 2.30 7.46 23.59
N ASN A 43 2.77 6.22 23.42
CA ASN A 43 4.03 5.75 23.81
C ASN A 43 4.73 5.12 22.68
N SER A 44 6.01 5.46 22.52
CA SER A 44 6.86 4.92 21.46
C SER A 44 8.02 4.28 22.16
N ASP A 45 8.21 2.98 22.00
CA ASP A 45 9.12 2.24 22.92
C ASP A 45 10.29 1.62 22.22
N SER A 46 11.33 1.33 23.00
CA SER A 46 12.53 0.71 22.43
C SER A 46 12.32 -0.81 22.22
N THR A 47 11.15 -1.31 22.59
CA THR A 47 10.70 -2.67 22.06
C THR A 47 10.26 -2.65 20.60
N GLY A 48 10.26 -1.47 19.97
CA GLY A 48 9.84 -1.33 18.60
C GLY A 48 8.33 -1.23 18.49
N THR A 49 7.67 -0.78 19.53
CA THR A 49 6.21 -0.72 19.58
C THR A 49 5.73 0.70 19.76
N VAL A 50 4.58 0.98 19.15
CA VAL A 50 3.84 2.19 19.44
C VAL A 50 2.44 1.82 19.74
N GLN A 51 1.93 2.51 20.71
CA GLN A 51 0.54 2.50 21.00
C GLN A 51 -0.02 3.92 21.11
N ILE A 52 -1.05 4.25 20.32
CA ILE A 52 -1.67 5.54 20.43
C ILE A 52 -3.06 5.25 20.95
N THR A 53 -3.46 6.02 21.94
CA THR A 53 -4.75 5.90 22.56
C THR A 53 -5.54 7.19 22.37
N LEU A 54 -6.72 7.05 21.80
CA LEU A 54 -7.63 8.13 21.55
C LEU A 54 -8.88 7.93 22.40
N THR A 55 -9.22 8.90 23.24
CA THR A 55 -10.25 8.75 24.26
C THR A 55 -11.36 9.66 23.94
N PHE A 56 -12.58 9.10 23.93
CA PHE A 56 -13.73 9.80 23.44
C PHE A 56 -14.69 10.18 24.58
N GLU A 57 -15.57 11.13 24.33
CA GLU A 57 -16.61 11.53 25.30
C GLU A 57 -17.47 10.32 25.67
N SER A 58 -17.91 10.25 26.91
CA SER A 58 -18.92 9.26 27.32
C SER A 58 -20.13 9.28 26.46
N GLY A 59 -20.59 8.09 26.11
CA GLY A 59 -21.69 7.96 25.16
C GLY A 59 -21.34 7.99 23.69
N THR A 60 -20.09 8.23 23.32
CA THR A 60 -19.71 8.11 21.92
C THR A 60 -19.96 6.66 21.42
N ASP A 61 -20.55 6.54 20.24
CA ASP A 61 -20.67 5.25 19.59
C ASP A 61 -19.22 4.73 19.15
N ALA A 62 -18.72 3.72 19.84
CA ALA A 62 -17.40 3.18 19.58
C ALA A 62 -17.17 2.64 18.14
N ASP A 63 -18.21 2.12 17.49
CA ASP A 63 -18.08 1.73 16.11
C ASP A 63 -17.71 2.96 15.26
N ILE A 64 -18.39 4.08 15.51
CA ILE A 64 -18.18 5.30 14.72
C ILE A 64 -16.79 5.88 15.07
N ALA A 65 -16.43 5.86 16.35
CA ALA A 65 -15.11 6.32 16.81
C ALA A 65 -14.00 5.52 16.12
N GLN A 66 -14.12 4.20 16.11
CA GLN A 66 -13.17 3.35 15.46
C GLN A 66 -13.04 3.65 13.96
N VAL A 67 -14.15 3.71 13.27
CA VAL A 67 -14.22 4.11 11.86
C VAL A 67 -13.52 5.46 11.60
N GLN A 68 -13.78 6.46 12.44
CA GLN A 68 -13.21 7.78 12.18
C GLN A 68 -11.69 7.79 12.42
N VAL A 69 -11.20 7.00 13.41
CA VAL A 69 -9.77 6.95 13.69
C VAL A 69 -9.12 6.24 12.56
N GLN A 70 -9.71 5.12 12.17
CA GLN A 70 -9.13 4.40 11.09
C GLN A 70 -9.02 5.19 9.75
N ASN A 71 -10.06 5.95 9.46
CA ASN A 71 -10.12 6.72 8.25
C ASN A 71 -8.95 7.76 8.25
N LYS A 72 -8.63 8.35 9.39
CA LYS A 72 -7.46 9.23 9.49
C LYS A 72 -6.15 8.50 9.43
N LEU A 73 -6.08 7.31 10.04
CA LEU A 73 -4.93 6.46 9.94
C LEU A 73 -4.50 6.14 8.51
N GLN A 74 -5.50 5.92 7.67
CA GLN A 74 -5.28 5.51 6.30
C GLN A 74 -4.50 6.55 5.55
N LEU A 75 -4.63 7.80 5.94
CA LEU A 75 -3.79 8.86 5.37
C LEU A 75 -2.29 8.66 5.63
N ALA A 76 -1.94 8.12 6.79
CA ALA A 76 -0.54 7.90 7.14
C ALA A 76 0.06 6.58 6.65
N MET A 77 -0.78 5.59 6.38
CA MET A 77 -0.35 4.21 6.07
C MET A 77 0.71 4.15 4.96
N PRO A 78 0.50 4.89 3.84
CA PRO A 78 1.50 4.76 2.79
C PRO A 78 2.77 5.48 3.14
N LEU A 79 2.79 6.30 4.19
CA LEU A 79 4.03 6.96 4.60
C LEU A 79 4.81 6.17 5.64
N LEU A 80 4.24 5.09 6.17
CA LEU A 80 4.89 4.36 7.19
C LEU A 80 5.94 3.43 6.57
N PRO A 81 6.98 3.10 7.31
CA PRO A 81 7.97 2.15 6.79
C PRO A 81 7.32 0.82 6.39
N GLN A 82 7.82 0.21 5.33
CA GLN A 82 7.24 -1.07 4.91
C GLN A 82 7.31 -2.13 5.99
N GLU A 83 8.36 -2.06 6.83
CA GLU A 83 8.55 -3.02 7.90
C GLU A 83 7.46 -2.95 8.93
N VAL A 84 6.81 -1.79 9.00
CA VAL A 84 5.80 -1.57 9.97
C VAL A 84 4.46 -2.00 9.37
N GLN A 85 4.24 -1.60 8.11
CA GLN A 85 2.97 -1.95 7.43
C GLN A 85 2.80 -3.49 7.33
N GLN A 86 3.92 -4.13 7.05
CA GLN A 86 3.91 -5.60 6.89
C GLN A 86 3.72 -6.37 8.18
N GLN A 87 3.94 -5.79 9.36
CA GLN A 87 3.58 -6.40 10.62
C GLN A 87 2.09 -6.39 10.93
N GLY A 88 1.31 -5.50 10.28
CA GLY A 88 -0.14 -5.40 10.46
C GLY A 88 -0.45 -4.39 11.53
N VAL A 89 -0.75 -3.16 11.13
CA VAL A 89 -1.19 -2.15 12.06
C VAL A 89 -2.57 -2.54 12.54
N SER A 90 -2.81 -2.38 13.85
CA SER A 90 -4.10 -2.68 14.46
C SER A 90 -4.80 -1.45 15.02
N VAL A 91 -6.14 -1.45 14.91
CA VAL A 91 -7.02 -0.45 15.44
C VAL A 91 -8.15 -1.16 16.19
N GLU A 92 -8.18 -0.98 17.51
CA GLU A 92 -9.08 -1.70 18.41
C GLU A 92 -9.90 -0.76 19.27
N LYS A 93 -11.06 -1.26 19.69
CA LYS A 93 -12.02 -0.49 20.48
C LYS A 93 -12.30 -1.38 21.66
N SER A 94 -11.35 -1.44 22.56
CA SER A 94 -11.47 -2.27 23.75
C SER A 94 -11.38 -1.54 25.08
N SER A 95 -11.86 -2.23 26.10
CA SER A 95 -11.58 -1.83 27.45
C SER A 95 -10.07 -2.01 27.67
N SER A 96 -9.50 -1.24 28.60
CA SER A 96 -8.06 -1.31 28.80
C SER A 96 -7.66 -2.48 29.71
N SER A 97 -8.61 -3.06 30.43
CA SER A 97 -8.28 -4.15 31.34
C SER A 97 -8.81 -5.50 30.89
N PHE A 98 -8.26 -6.56 31.46
CA PHE A 98 -8.60 -7.91 31.02
C PHE A 98 -9.94 -8.36 31.59
N LEU A 99 -10.79 -8.93 30.76
CA LEU A 99 -12.01 -9.64 31.15
C LEU A 99 -11.64 -11.01 31.77
N MET A 100 -10.73 -11.72 31.12
CA MET A 100 -10.27 -13.02 31.57
C MET A 100 -8.96 -13.38 30.95
N VAL A 101 -8.32 -14.38 31.53
CA VAL A 101 -7.16 -14.97 30.99
C VAL A 101 -7.45 -16.44 30.80
N VAL A 102 -7.17 -16.96 29.63
CA VAL A 102 -7.20 -18.41 29.37
C VAL A 102 -5.74 -18.87 29.44
N GLY A 103 -5.39 -19.76 30.36
CA GLY A 103 -4.04 -20.29 30.41
C GLY A 103 -3.99 -21.63 29.76
N VAL A 104 -2.82 -21.99 29.30
CA VAL A 104 -2.64 -23.26 28.71
C VAL A 104 -1.33 -23.85 29.22
N ILE A 105 -1.41 -25.14 29.62
CA ILE A 105 -0.34 -25.86 30.21
C ILE A 105 -0.28 -27.23 29.59
N ASN A 106 0.81 -27.95 29.86
CA ASN A 106 0.88 -29.32 29.41
C ASN A 106 1.20 -30.18 30.63
N THR A 107 0.19 -30.91 31.11
CA THR A 107 0.35 -31.81 32.26
C THR A 107 1.27 -32.99 32.03
N ASP A 108 1.60 -33.37 30.81
CA ASP A 108 2.67 -34.35 30.60
C ASP A 108 4.08 -33.78 30.56
N GLY A 109 4.28 -32.46 30.67
CA GLY A 109 5.62 -31.90 30.54
C GLY A 109 6.33 -32.18 29.20
N THR A 110 5.57 -32.60 28.17
CA THR A 110 6.12 -32.95 26.84
C THR A 110 6.10 -31.74 25.83
N MET A 111 5.73 -30.55 26.31
CA MET A 111 5.79 -29.30 25.54
C MET A 111 6.47 -28.24 26.37
N THR A 112 7.45 -27.58 25.81
CA THR A 112 7.98 -26.37 26.40
C THR A 112 6.99 -25.16 26.33
N GLN A 113 7.32 -24.14 27.12
CA GLN A 113 6.60 -22.86 27.12
C GLN A 113 6.45 -22.33 25.63
N GLU A 114 7.56 -22.43 24.90
CA GLU A 114 7.64 -21.97 23.50
C GLU A 114 6.68 -22.75 22.59
N ASP A 115 6.65 -24.09 22.75
CA ASP A 115 5.78 -25.01 22.02
C ASP A 115 4.33 -24.70 22.38
N ILE A 116 4.06 -24.49 23.66
CA ILE A 116 2.70 -24.22 24.10
C ILE A 116 2.23 -22.88 23.46
N SER A 117 3.07 -21.88 23.52
CA SER A 117 2.70 -20.54 23.01
C SER A 117 2.42 -20.63 21.49
N ASP A 118 3.22 -21.43 20.78
CA ASP A 118 2.97 -21.64 19.35
C ASP A 118 1.70 -22.33 19.13
N TYR A 119 1.37 -23.37 19.93
CA TYR A 119 0.10 -24.06 19.78
C TYR A 119 -1.07 -23.08 19.95
N VAL A 120 -0.98 -22.21 20.97
CA VAL A 120 -2.06 -21.29 21.27
C VAL A 120 -2.21 -20.27 20.07
N ALA A 121 -1.12 -19.63 19.67
CA ALA A 121 -1.12 -18.73 18.57
C ALA A 121 -1.66 -19.37 17.25
N ALA A 122 -1.36 -20.65 17.02
CA ALA A 122 -1.64 -21.27 15.73
C ALA A 122 -2.98 -21.94 15.64
N ASN A 123 -3.56 -22.34 16.77
CA ASN A 123 -4.75 -23.14 16.81
C ASN A 123 -5.85 -22.55 17.58
N MET A 124 -5.60 -21.50 18.36
CA MET A 124 -6.61 -20.99 19.29
C MET A 124 -6.86 -19.49 19.20
N LYS A 125 -5.82 -18.69 19.06
CA LYS A 125 -6.02 -17.26 19.14
C LYS A 125 -6.99 -16.65 18.11
N ASP A 126 -6.86 -17.02 16.84
CA ASP A 126 -7.60 -16.32 15.79
C ASP A 126 -9.10 -16.53 16.06
N ALA A 127 -9.51 -17.77 16.35
CA ALA A 127 -10.94 -18.01 16.61
C ALA A 127 -11.47 -17.19 17.81
N ILE A 128 -10.66 -17.00 18.82
CA ILE A 128 -11.03 -16.16 19.99
C ILE A 128 -11.09 -14.68 19.58
N SER A 129 -10.13 -14.24 18.80
CA SER A 129 -10.06 -12.89 18.36
C SER A 129 -11.21 -12.53 17.43
N ARG A 130 -11.88 -13.50 16.81
CA ARG A 130 -13.04 -13.23 15.96
C ARG A 130 -14.37 -13.33 16.67
N THR A 131 -14.34 -13.74 17.93
CA THR A 131 -15.55 -13.94 18.74
C THR A 131 -16.14 -12.57 19.06
N SER A 132 -17.42 -12.39 18.80
CA SER A 132 -18.08 -11.10 19.06
C SER A 132 -17.98 -10.68 20.55
N GLY A 133 -17.61 -9.40 20.80
CA GLY A 133 -17.29 -8.91 22.11
C GLY A 133 -15.83 -8.96 22.51
N VAL A 134 -14.98 -9.66 21.72
CA VAL A 134 -13.56 -9.68 22.04
C VAL A 134 -12.95 -8.43 21.39
N GLY A 135 -12.59 -7.48 22.23
CA GLY A 135 -11.94 -6.25 21.81
C GLY A 135 -10.48 -6.36 21.46
N ASP A 136 -9.73 -7.16 22.21
CA ASP A 136 -8.24 -7.28 22.10
C ASP A 136 -7.84 -8.62 22.75
N VAL A 137 -6.90 -9.35 22.14
CA VAL A 137 -6.40 -10.59 22.68
C VAL A 137 -4.89 -10.50 22.73
N GLN A 138 -4.33 -10.71 23.92
CA GLN A 138 -2.90 -10.62 24.11
C GLN A 138 -2.40 -12.02 24.28
N LEU A 139 -1.48 -12.43 23.42
CA LEU A 139 -0.85 -13.73 23.57
C LEU A 139 0.27 -13.57 24.61
N PHE A 140 0.31 -14.48 25.59
CA PHE A 140 1.43 -14.49 26.52
C PHE A 140 2.54 -15.45 26.04
N GLY A 141 3.29 -14.98 25.06
CA GLY A 141 4.27 -15.74 24.33
C GLY A 141 4.24 -15.26 22.88
N SER A 142 4.75 -16.11 21.98
CA SER A 142 4.91 -15.78 20.58
C SER A 142 4.65 -16.97 19.70
N GLN A 143 4.01 -16.74 18.58
CA GLN A 143 3.93 -17.75 17.51
C GLN A 143 5.29 -18.10 17.03
N TYR A 144 5.49 -19.35 16.64
CA TYR A 144 6.74 -19.66 15.96
C TYR A 144 6.86 -18.91 14.64
N ALA A 145 8.11 -18.57 14.32
CA ALA A 145 8.55 -18.23 13.03
C ALA A 145 9.67 -19.23 12.65
N MET A 146 10.03 -19.30 11.37
CA MET A 146 11.26 -19.95 10.96
C MET A 146 12.39 -19.00 11.34
N ARG A 147 13.32 -19.43 12.20
CA ARG A 147 14.42 -18.57 12.65
C ARG A 147 15.67 -19.03 11.95
N ILE A 148 16.29 -18.12 11.25
CA ILE A 148 17.60 -18.35 10.63
C ILE A 148 18.57 -17.57 11.56
N TRP A 149 19.42 -18.29 12.30
CA TRP A 149 20.39 -17.65 13.22
C TRP A 149 21.75 -17.64 12.60
N MET A 150 22.10 -16.52 12.00
CA MET A 150 23.31 -16.39 11.23
C MET A 150 24.58 -16.34 12.09
N ASN A 151 25.68 -16.83 11.50
CA ASN A 151 27.01 -16.91 12.05
C ASN A 151 27.87 -16.01 11.16
N PRO A 152 28.40 -14.91 11.68
CA PRO A 152 29.12 -14.00 10.87
C PRO A 152 30.48 -14.51 10.43
N ASN A 153 31.07 -15.42 11.17
CA ASN A 153 32.40 -16.00 10.82
C ASN A 153 32.22 -16.85 9.56
N GLU A 154 31.19 -17.69 9.55
CA GLU A 154 30.88 -18.51 8.37
C GLU A 154 30.42 -17.66 7.17
N LEU A 155 29.57 -16.64 7.37
CA LEU A 155 29.27 -15.74 6.28
C LEU A 155 30.53 -15.12 5.63
N ASN A 156 31.40 -14.60 6.48
CA ASN A 156 32.61 -13.95 5.97
C ASN A 156 33.48 -14.99 5.26
N LYS A 157 33.51 -16.22 5.79
CA LYS A 157 34.29 -17.26 5.20
C LYS A 157 33.90 -17.54 3.76
N PHE A 158 32.63 -17.36 3.40
CA PHE A 158 32.18 -17.60 2.03
C PHE A 158 31.87 -16.33 1.27
N GLN A 159 32.35 -15.18 1.74
CA GLN A 159 32.10 -13.89 1.10
C GLN A 159 30.61 -13.56 0.93
N LEU A 160 29.83 -13.89 1.99
CA LEU A 160 28.40 -13.60 2.05
C LEU A 160 28.04 -12.69 3.19
N THR A 161 26.86 -12.09 3.06
CA THR A 161 26.33 -11.20 4.06
C THR A 161 24.87 -11.55 4.37
N PRO A 162 24.28 -10.90 5.38
CA PRO A 162 22.86 -11.10 5.58
C PRO A 162 22.01 -10.65 4.40
N VAL A 163 22.51 -9.75 3.56
CA VAL A 163 21.77 -9.33 2.37
C VAL A 163 21.67 -10.52 1.43
N ASP A 164 22.74 -11.25 1.21
CA ASP A 164 22.70 -12.47 0.38
C ASP A 164 21.74 -13.53 0.94
N VAL A 165 21.75 -13.67 2.26
CA VAL A 165 20.81 -14.59 2.93
C VAL A 165 19.37 -14.21 2.69
N ILE A 166 19.03 -12.95 2.93
CA ILE A 166 17.71 -12.46 2.73
C ILE A 166 17.25 -12.59 1.26
N THR A 167 18.12 -12.18 0.32
CA THR A 167 17.89 -12.40 -1.09
C THR A 167 17.57 -13.87 -1.43
N ALA A 168 18.38 -14.77 -0.96
CA ALA A 168 18.18 -16.20 -1.27
C ALA A 168 16.90 -16.76 -0.68
N ILE A 169 16.51 -16.31 0.52
CA ILE A 169 15.29 -16.73 1.14
C ILE A 169 14.09 -16.23 0.34
N LYS A 170 14.13 -14.98 -0.09
CA LYS A 170 13.10 -14.47 -0.93
C LYS A 170 12.97 -15.24 -2.30
N ALA A 171 14.08 -15.69 -2.85
CA ALA A 171 14.11 -16.39 -4.13
C ALA A 171 13.72 -17.83 -4.01
N GLN A 172 14.03 -18.48 -2.88
CA GLN A 172 13.96 -19.94 -2.79
C GLN A 172 12.94 -20.39 -1.78
N ASN A 173 12.36 -19.44 -1.06
CA ASN A 173 11.13 -19.64 -0.31
C ASN A 173 10.02 -18.78 -0.91
N ALA A 174 9.51 -19.26 -2.02
CA ALA A 174 8.68 -18.44 -2.91
C ALA A 174 7.46 -19.18 -3.29
N GLN A 175 6.42 -18.43 -3.61
CA GLN A 175 5.13 -19.03 -4.00
C GLN A 175 4.79 -18.45 -5.38
N VAL A 176 5.02 -19.24 -6.44
CA VAL A 176 5.05 -18.73 -7.76
C VAL A 176 3.74 -18.99 -8.51
N ALA A 177 3.17 -17.94 -9.05
CA ALA A 177 2.01 -18.10 -9.98
C ALA A 177 2.57 -18.38 -11.36
N ALA A 178 2.30 -19.56 -11.86
CA ALA A 178 2.97 -20.03 -13.08
C ALA A 178 2.09 -20.34 -14.28
N GLY A 179 0.79 -20.10 -14.14
CA GLY A 179 -0.15 -20.22 -15.21
C GLY A 179 -0.57 -21.67 -15.42
N GLN A 180 -0.86 -21.97 -16.70
CA GLN A 180 -1.46 -23.24 -17.11
C GLN A 180 -0.99 -23.69 -18.43
N LEU A 181 -1.01 -25.02 -18.62
CA LEU A 181 -0.87 -25.59 -19.94
C LEU A 181 -2.29 -25.62 -20.46
N GLY A 182 -2.46 -25.23 -21.71
CA GLY A 182 -3.74 -25.25 -22.36
C GLY A 182 -4.75 -24.28 -21.83
N GLY A 183 -4.30 -23.18 -21.22
CA GLY A 183 -5.28 -22.24 -20.68
C GLY A 183 -5.92 -21.33 -21.74
N THR A 184 -6.92 -20.53 -21.30
CA THR A 184 -7.68 -19.70 -22.21
C THR A 184 -6.91 -18.40 -22.55
N PRO A 185 -6.96 -17.87 -23.77
CA PRO A 185 -7.64 -18.49 -24.92
C PRO A 185 -6.74 -19.60 -25.45
N PRO A 186 -7.30 -20.80 -25.72
CA PRO A 186 -6.47 -21.91 -26.21
C PRO A 186 -6.38 -21.95 -27.73
N VAL A 187 -5.56 -22.82 -28.26
CA VAL A 187 -5.70 -23.24 -29.66
C VAL A 187 -6.94 -24.11 -29.68
N LYS A 188 -7.85 -23.80 -30.58
CA LYS A 188 -9.14 -24.49 -30.58
C LYS A 188 -8.91 -25.96 -30.82
N GLY A 189 -9.66 -26.81 -30.16
CA GLY A 189 -9.38 -28.25 -30.15
C GLY A 189 -8.54 -28.76 -28.99
N GLN A 190 -8.01 -27.85 -28.16
CA GLN A 190 -7.15 -28.23 -27.04
C GLN A 190 -7.89 -29.09 -26.06
N GLN A 191 -7.34 -30.23 -25.69
CA GLN A 191 -7.97 -31.10 -24.70
C GLN A 191 -7.28 -31.05 -23.30
N LEU A 192 -5.97 -30.94 -23.29
CA LEU A 192 -5.16 -30.85 -22.07
C LEU A 192 -5.28 -29.47 -21.48
N ASN A 193 -5.72 -29.43 -20.24
CA ASN A 193 -5.63 -28.20 -19.45
C ASN A 193 -5.14 -28.60 -18.05
N ALA A 194 -4.04 -28.00 -17.60
CA ALA A 194 -3.50 -28.28 -16.25
C ALA A 194 -2.80 -27.05 -15.69
N SER A 195 -2.98 -26.81 -14.39
CA SER A 195 -2.21 -25.80 -13.71
C SER A 195 -0.76 -26.18 -13.69
N ILE A 196 0.09 -25.19 -13.89
CA ILE A 196 1.51 -25.32 -13.66
C ILE A 196 1.81 -24.94 -12.20
N ILE A 197 2.52 -25.84 -11.54
CA ILE A 197 2.92 -25.69 -10.17
C ILE A 197 4.38 -25.58 -10.18
N ALA A 198 4.89 -24.45 -9.70
CA ALA A 198 6.33 -24.23 -9.68
C ALA A 198 6.73 -24.17 -8.20
N GLN A 199 7.59 -23.22 -7.78
CA GLN A 199 8.02 -23.18 -6.40
C GLN A 199 6.82 -22.91 -5.54
N THR A 200 6.88 -23.45 -4.34
CA THR A 200 5.85 -23.26 -3.33
CA THR A 200 5.85 -23.32 -3.30
C THR A 200 6.59 -22.94 -2.00
N ARG A 201 5.91 -22.33 -1.05
CA ARG A 201 6.55 -22.01 0.21
C ARG A 201 7.17 -23.25 0.85
N LEU A 202 8.31 -23.02 1.48
CA LEU A 202 8.98 -24.06 2.27
C LEU A 202 8.19 -24.32 3.55
N THR A 203 8.30 -25.55 4.10
CA THR A 203 7.49 -26.00 5.20
C THR A 203 8.25 -26.51 6.42
N SER A 204 9.57 -26.54 6.35
CA SER A 204 10.35 -27.24 7.34
C SER A 204 11.76 -26.66 7.46
N THR A 205 12.37 -26.93 8.61
CA THR A 205 13.77 -26.49 8.80
C THR A 205 14.67 -27.14 7.79
N GLU A 206 14.40 -28.41 7.46
CA GLU A 206 15.19 -29.15 6.45
C GLU A 206 15.24 -28.42 5.11
N GLU A 207 14.08 -27.93 4.63
CA GLU A 207 14.01 -27.24 3.36
C GLU A 207 14.75 -25.90 3.43
N PHE A 208 14.57 -25.15 4.54
CA PHE A 208 15.33 -23.89 4.67
C PHE A 208 16.83 -24.12 4.66
N GLY A 209 17.26 -25.17 5.36
CA GLY A 209 18.68 -25.59 5.44
C GLY A 209 19.38 -25.78 4.13
N LYS A 210 18.60 -26.28 3.16
CA LYS A 210 19.19 -26.58 1.88
C LYS A 210 19.01 -25.47 0.89
N ILE A 211 18.53 -24.30 1.30
CA ILE A 211 18.59 -23.17 0.42
C ILE A 211 20.03 -22.98 -0.09
N LEU A 212 20.18 -22.75 -1.42
CA LEU A 212 21.49 -22.67 -2.08
C LEU A 212 21.93 -21.23 -2.14
N LEU A 213 22.94 -20.89 -1.34
CA LEU A 213 23.42 -19.52 -1.31
C LEU A 213 24.41 -19.27 -2.40
N LYS A 214 25.32 -20.19 -2.67
CA LYS A 214 26.20 -19.96 -3.79
C LYS A 214 26.91 -21.22 -4.20
N VAL A 215 27.44 -21.20 -5.41
CA VAL A 215 28.25 -22.33 -5.95
C VAL A 215 29.68 -21.74 -6.05
N ASN A 216 30.62 -22.35 -5.36
CA ASN A 216 32.01 -21.88 -5.43
C ASN A 216 32.59 -22.10 -6.81
N GLN A 217 33.66 -21.37 -7.14
CA GLN A 217 34.34 -21.61 -8.43
C GLN A 217 34.78 -23.07 -8.61
N ASP A 218 35.22 -23.74 -7.54
CA ASP A 218 35.52 -25.19 -7.57
C ASP A 218 34.34 -26.17 -7.71
N GLY A 219 33.09 -25.68 -7.85
CA GLY A 219 31.89 -26.54 -7.84
C GLY A 219 31.22 -26.89 -6.48
N SER A 220 31.87 -26.70 -5.32
CA SER A 220 31.23 -26.97 -4.01
C SER A 220 30.06 -25.96 -3.75
N ARG A 221 29.13 -26.38 -2.91
CA ARG A 221 27.90 -25.61 -2.65
C ARG A 221 27.96 -25.02 -1.23
N VAL A 222 27.55 -23.78 -1.11
CA VAL A 222 27.26 -23.21 0.20
C VAL A 222 25.75 -23.18 0.41
N LEU A 223 25.30 -23.98 1.35
CA LEU A 223 23.87 -24.00 1.71
C LEU A 223 23.60 -23.07 2.92
N LEU A 224 22.35 -22.73 3.14
CA LEU A 224 22.03 -21.85 4.25
C LEU A 224 22.42 -22.49 5.57
N ARG A 225 22.27 -23.81 5.70
CA ARG A 225 22.70 -24.46 6.92
C ARG A 225 24.22 -24.44 7.15
N ASP A 226 25.01 -24.00 6.18
CA ASP A 226 26.46 -23.83 6.36
C ASP A 226 26.83 -22.50 7.02
N VAL A 227 25.89 -21.56 7.10
CA VAL A 227 26.13 -20.26 7.65
C VAL A 227 25.13 -19.85 8.75
N ALA A 228 24.22 -20.75 9.13
CA ALA A 228 23.15 -20.39 10.05
C ALA A 228 22.64 -21.63 10.74
N LYS A 229 22.24 -21.50 11.98
CA LYS A 229 21.37 -22.47 12.61
C LYS A 229 19.96 -22.22 12.25
N ILE A 230 19.20 -23.29 11.98
CA ILE A 230 17.83 -23.13 11.51
C ILE A 230 16.89 -23.84 12.45
N GLU A 231 15.92 -23.15 13.03
CA GLU A 231 14.95 -23.79 13.89
C GLU A 231 13.68 -22.99 13.93
N LEU A 232 12.62 -23.64 14.35
CA LEU A 232 11.41 -22.88 14.71
C LEU A 232 11.63 -22.12 16.00
N GLY A 233 11.17 -20.87 16.11
CA GLY A 233 11.36 -20.13 17.31
C GLY A 233 10.48 -18.93 17.27
N GLY A 234 10.22 -18.33 18.41
CA GLY A 234 9.27 -17.22 18.47
C GLY A 234 9.59 -16.08 17.52
N GLU A 235 8.53 -15.44 16.99
CA GLU A 235 8.68 -14.13 16.35
C GLU A 235 9.43 -13.20 17.24
N ASN A 236 9.09 -13.26 18.52
CA ASN A 236 9.94 -12.64 19.51
C ASN A 236 10.03 -13.48 20.81
N TYR A 237 10.95 -13.08 21.69
CA TYR A 237 11.28 -13.86 22.84
C TYR A 237 11.05 -12.99 24.09
N ASP A 238 10.10 -12.08 24.08
CA ASP A 238 10.03 -11.16 25.17
C ASP A 238 8.99 -11.52 26.20
N ILE A 239 8.04 -12.42 25.90
CA ILE A 239 6.96 -12.68 26.82
C ILE A 239 6.97 -14.14 27.27
N ILE A 240 7.11 -14.41 28.58
CA ILE A 240 7.25 -15.78 29.10
C ILE A 240 6.25 -15.92 30.24
N ALA A 241 5.50 -17.00 30.26
CA ALA A 241 4.47 -17.14 31.33
C ALA A 241 4.65 -18.44 32.08
N GLU A 242 4.14 -18.48 33.29
CA GLU A 242 4.10 -19.66 34.15
C GLU A 242 2.81 -19.75 34.89
N PHE A 243 2.37 -20.98 35.15
CA PHE A 243 1.15 -21.22 35.91
C PHE A 243 1.49 -22.14 37.10
N ASN A 244 1.34 -21.62 38.32
CA ASN A 244 1.83 -22.29 39.53
C ASN A 244 3.23 -22.80 39.38
N GLY A 245 4.09 -21.94 38.84
CA GLY A 245 5.45 -22.31 38.51
C GLY A 245 5.65 -23.33 37.42
N GLN A 246 4.64 -23.73 36.66
CA GLN A 246 4.93 -24.64 35.54
C GLN A 246 4.89 -23.88 34.15
N PRO A 247 5.60 -24.38 33.11
CA PRO A 247 5.55 -23.66 31.81
C PRO A 247 4.12 -23.49 31.29
N ALA A 248 3.83 -22.29 30.78
CA ALA A 248 2.51 -22.05 30.34
C ALA A 248 2.50 -21.04 29.18
N SER A 249 1.38 -20.95 28.48
CA SER A 249 1.06 -19.76 27.72
C SER A 249 -0.35 -19.35 28.05
N GLY A 250 -0.87 -18.39 27.32
CA GLY A 250 -2.26 -18.01 27.50
C GLY A 250 -2.66 -16.87 26.63
N LEU A 251 -3.95 -16.51 26.75
CA LEU A 251 -4.58 -15.39 26.11
C LEU A 251 -5.19 -14.47 27.15
N GLY A 252 -4.81 -13.20 27.14
CA GLY A 252 -5.45 -12.19 27.93
C GLY A 252 -6.48 -11.50 27.07
N ILE A 253 -7.73 -11.54 27.49
CA ILE A 253 -8.84 -11.12 26.67
C ILE A 253 -9.46 -9.84 27.22
N LYS A 254 -9.57 -8.80 26.40
CA LYS A 254 -10.26 -7.56 26.82
C LYS A 254 -11.56 -7.47 26.11
N LEU A 255 -12.52 -6.90 26.81
CA LEU A 255 -13.88 -6.74 26.33
C LEU A 255 -13.98 -5.54 25.36
N ALA A 256 -14.66 -5.74 24.20
CA ALA A 256 -14.94 -4.71 23.21
C ALA A 256 -15.83 -3.67 23.93
N THR A 257 -15.57 -2.41 23.65
CA THR A 257 -16.34 -1.31 24.26
C THR A 257 -17.82 -1.60 24.05
N GLY A 258 -18.55 -1.55 25.16
CA GLY A 258 -19.99 -1.73 25.17
C GLY A 258 -20.49 -3.13 25.03
N ALA A 259 -19.63 -4.13 24.87
CA ALA A 259 -20.12 -5.49 24.75
C ALA A 259 -20.49 -6.05 26.14
N ASN A 260 -21.35 -7.07 26.15
CA ASN A 260 -21.77 -7.72 27.36
C ASN A 260 -20.75 -8.74 27.89
N ALA A 261 -20.29 -8.51 29.11
CA ALA A 261 -19.23 -9.35 29.70
C ALA A 261 -19.57 -10.85 29.90
N LEU A 262 -20.77 -11.10 30.42
CA LEU A 262 -21.28 -12.47 30.64
C LEU A 262 -21.42 -13.24 29.35
N ASP A 263 -21.97 -12.59 28.34
CA ASP A 263 -22.27 -13.22 27.05
C ASP A 263 -20.97 -13.51 26.30
N THR A 264 -20.05 -12.53 26.36
CA THR A 264 -18.75 -12.64 25.66
C THR A 264 -17.95 -13.73 26.28
N ALA A 265 -17.88 -13.72 27.60
CA ALA A 265 -17.18 -14.79 28.35
C ALA A 265 -17.69 -16.20 28.03
N ALA A 266 -18.98 -16.36 27.99
CA ALA A 266 -19.60 -17.65 27.56
C ALA A 266 -19.28 -18.01 26.11
N ALA A 267 -19.29 -17.04 25.21
CA ALA A 267 -18.98 -17.33 23.80
C ALA A 267 -17.51 -17.80 23.66
N ILE A 268 -16.64 -17.22 24.50
CA ILE A 268 -15.21 -17.63 24.59
C ILE A 268 -15.10 -19.10 25.02
N ARG A 269 -15.84 -19.46 26.07
CA ARG A 269 -15.84 -20.87 26.58
C ARG A 269 -16.43 -21.85 25.61
N ALA A 270 -17.53 -21.50 24.95
CA ALA A 270 -18.03 -22.28 23.77
C ALA A 270 -17.01 -22.44 22.63
N GLU A 271 -16.22 -21.39 22.34
CA GLU A 271 -15.20 -21.56 21.30
C GLU A 271 -14.06 -22.50 21.75
N LEU A 272 -13.63 -22.32 22.99
CA LEU A 272 -12.63 -23.21 23.56
C LEU A 272 -13.07 -24.69 23.63
N ALA A 273 -14.37 -24.94 23.83
CA ALA A 273 -14.89 -26.33 23.87
C ALA A 273 -14.84 -26.97 22.49
N LYS A 274 -14.87 -26.17 21.43
CA LYS A 274 -14.65 -26.72 20.07
C LYS A 274 -13.20 -27.17 19.86
N MET A 275 -12.28 -26.56 20.59
CA MET A 275 -10.87 -26.76 20.32
C MET A 275 -10.33 -27.93 21.09
N GLU A 276 -10.77 -28.03 22.37
CA GLU A 276 -10.28 -29.04 23.30
C GLU A 276 -10.15 -30.44 22.77
N PRO A 277 -11.14 -30.95 22.05
CA PRO A 277 -10.97 -32.35 21.62
C PRO A 277 -9.85 -32.63 20.68
N PHE A 278 -9.24 -31.59 20.08
CA PHE A 278 -8.15 -31.77 19.12
C PHE A 278 -6.78 -31.45 19.69
N PHE A 279 -6.72 -31.11 20.98
CA PHE A 279 -5.42 -30.88 21.63
C PHE A 279 -4.44 -32.01 21.53
N PRO A 280 -3.14 -31.72 21.40
CA PRO A 280 -2.26 -32.90 21.56
C PRO A 280 -2.25 -33.34 23.02
N SER A 281 -1.65 -34.48 23.29
CA SER A 281 -1.74 -35.07 24.64
C SER A 281 -1.10 -34.18 25.68
N GLY A 282 -1.75 -34.05 26.81
CA GLY A 282 -1.18 -33.38 27.90
C GLY A 282 -1.68 -31.95 27.94
N LEU A 283 -2.06 -31.40 26.78
CA LEU A 283 -2.41 -29.96 26.75
C LEU A 283 -3.71 -29.75 27.49
N LYS A 284 -3.81 -28.67 28.22
CA LYS A 284 -5.02 -28.43 29.01
C LYS A 284 -5.25 -26.93 29.22
N ILE A 285 -6.50 -26.49 29.19
CA ILE A 285 -6.89 -25.15 29.58
C ILE A 285 -7.05 -25.02 31.11
N VAL A 286 -6.66 -23.88 31.65
CA VAL A 286 -6.87 -23.54 33.03
C VAL A 286 -7.35 -22.16 33.00
N TYR A 287 -8.03 -21.76 34.06
CA TYR A 287 -8.68 -20.48 34.09
C TYR A 287 -8.14 -19.64 35.26
N PRO A 288 -7.05 -18.89 35.03
CA PRO A 288 -6.40 -18.26 36.16
C PRO A 288 -6.90 -16.89 36.53
N TYR A 289 -7.87 -16.34 35.81
CA TYR A 289 -8.33 -15.02 36.07
C TYR A 289 -9.66 -14.75 35.40
N ASP A 290 -10.73 -14.89 36.15
CA ASP A 290 -12.09 -14.64 35.65
C ASP A 290 -12.65 -13.51 36.51
N THR A 291 -12.96 -12.37 35.92
CA THR A 291 -13.56 -11.26 36.63
C THR A 291 -15.07 -11.44 36.79
N GLN A 309 -14.76 -10.78 44.94
CA GLN A 309 -14.37 -10.93 43.52
C GLN A 309 -13.64 -12.23 43.27
N GLY A 310 -12.70 -12.56 44.14
CA GLY A 310 -12.03 -13.88 44.05
C GLY A 310 -10.76 -13.88 43.24
N VAL A 311 -10.35 -12.72 42.72
CA VAL A 311 -9.12 -12.57 41.94
C VAL A 311 -8.56 -11.22 42.20
N PHE A 312 -7.30 -11.05 41.83
CA PHE A 312 -6.60 -9.75 41.80
C PHE A 312 -5.31 -9.93 41.01
N MET A 313 -4.59 -8.84 40.85
CA MET A 313 -3.37 -8.82 40.09
C MET A 313 -2.29 -8.25 40.94
N THR A 314 -1.07 -8.55 40.54
CA THR A 314 0.12 -7.99 41.10
C THR A 314 0.92 -7.42 39.98
N MET A 315 1.17 -6.12 40.05
CA MET A 315 1.95 -5.40 39.06
C MET A 315 3.40 -5.46 39.51
N VAL A 316 4.34 -5.65 38.58
CA VAL A 316 5.74 -5.66 38.84
C VAL A 316 6.35 -4.70 37.85
N GLN A 317 7.05 -3.71 38.36
CA GLN A 317 7.65 -2.68 37.50
C GLN A 317 9.04 -2.38 38.02
N LEU A 318 10.04 -2.80 37.30
CA LEU A 318 11.39 -2.49 37.64
C LEU A 318 11.82 -1.23 36.87
N PRO A 319 13.03 -0.65 37.19
CA PRO A 319 13.52 0.55 36.45
C PRO A 319 13.94 0.12 35.08
N ALA A 320 13.91 1.04 34.11
CA ALA A 320 14.38 0.75 32.73
C ALA A 320 15.82 0.28 32.80
N GLY A 321 16.27 -0.55 31.86
CA GLY A 321 17.59 -1.15 31.99
C GLY A 321 17.51 -2.56 32.59
N ALA A 322 16.44 -2.88 33.36
CA ALA A 322 16.34 -4.20 34.01
C ALA A 322 16.10 -5.28 32.97
N THR A 323 16.97 -6.27 33.01
CA THR A 323 16.88 -7.47 32.19
C THR A 323 15.74 -8.51 32.56
N GLN A 324 15.44 -9.38 31.61
CA GLN A 324 14.47 -10.48 31.80
C GLN A 324 14.76 -11.26 33.08
N GLU A 325 16.05 -11.55 33.34
CA GLU A 325 16.50 -12.35 34.50
C GLU A 325 16.18 -11.66 35.82
N ARG A 326 16.37 -10.36 35.91
CA ARG A 326 16.03 -9.62 37.09
C ARG A 326 14.51 -9.54 37.27
N THR A 327 13.73 -9.36 36.19
CA THR A 327 12.29 -9.26 36.38
C THR A 327 11.77 -10.67 36.91
N GLN A 328 12.37 -11.70 36.39
CA GLN A 328 12.02 -13.06 36.79
C GLN A 328 12.27 -13.28 38.25
N LYS A 329 13.37 -12.75 38.77
CA LYS A 329 13.63 -12.85 40.19
C LYS A 329 12.55 -12.22 41.01
N VAL A 330 12.01 -11.08 40.57
CA VAL A 330 11.03 -10.42 41.38
C VAL A 330 9.72 -11.19 41.28
N LEU A 331 9.41 -11.66 40.07
CA LEU A 331 8.21 -12.47 39.85
C LEU A 331 8.25 -13.77 40.69
N ASN A 332 9.42 -14.40 40.79
CA ASN A 332 9.61 -15.56 41.69
C ASN A 332 9.37 -15.25 43.12
N GLU A 333 9.85 -14.10 43.59
CA GLU A 333 9.54 -13.71 44.96
C GLU A 333 8.03 -13.52 45.15
N VAL A 334 7.34 -12.92 44.17
CA VAL A 334 5.90 -12.76 44.25
C VAL A 334 5.18 -14.10 44.28
N THR A 335 5.51 -14.94 43.32
CA THR A 335 4.83 -16.25 43.17
CA THR A 335 4.78 -16.23 43.22
C THR A 335 5.09 -17.07 44.44
N HIS A 336 6.32 -17.01 44.92
CA HIS A 336 6.76 -17.76 46.12
C HIS A 336 5.95 -17.30 47.32
N TYR A 337 5.74 -15.99 47.43
CA TYR A 337 4.89 -15.49 48.52
C TYR A 337 3.46 -16.07 48.52
N TYR A 338 2.80 -16.02 47.37
CA TYR A 338 1.43 -16.53 47.26
C TYR A 338 1.35 -18.05 47.46
N LEU A 339 2.34 -18.80 46.99
CA LEU A 339 2.31 -20.26 47.13
C LEU A 339 2.77 -20.80 48.47
N THR A 340 3.31 -19.94 49.36
CA THR A 340 3.80 -20.32 50.66
C THR A 340 3.04 -19.63 51.75
N LYS A 341 3.22 -18.32 51.90
CA LYS A 341 2.45 -17.55 52.90
C LYS A 341 0.97 -17.60 52.70
N GLU A 342 0.48 -17.54 51.46
CA GLU A 342 -0.97 -17.48 51.22
C GLU A 342 -1.62 -18.74 50.68
N LYS A 343 -0.98 -19.87 50.94
CA LYS A 343 -1.38 -21.12 50.26
C LYS A 343 -2.72 -21.58 50.64
N ASN A 344 -3.21 -21.20 51.81
CA ASN A 344 -4.59 -21.53 52.17
C ASN A 344 -5.62 -20.65 51.53
N ASN A 345 -5.26 -19.46 51.05
CA ASN A 345 -6.19 -18.61 50.32
C ASN A 345 -6.06 -18.67 48.80
N VAL A 346 -4.86 -18.93 48.28
CA VAL A 346 -4.58 -18.76 46.85
C VAL A 346 -4.73 -20.08 46.15
N GLU A 347 -5.59 -20.13 45.14
CA GLU A 347 -5.72 -21.30 44.30
C GLU A 347 -4.59 -21.38 43.23
N SER A 348 -4.29 -20.24 42.56
CA SER A 348 -3.37 -20.22 41.43
C SER A 348 -2.75 -18.85 41.17
N VAL A 349 -1.56 -18.88 40.57
CA VAL A 349 -0.88 -17.67 40.14
C VAL A 349 -0.43 -17.90 38.69
N PHE A 350 -0.81 -17.01 37.80
CA PHE A 350 -0.36 -17.03 36.39
C PHE A 350 0.47 -15.79 36.25
N ALA A 351 1.77 -15.98 36.10
CA ALA A 351 2.73 -14.93 36.10
C ALA A 351 3.30 -14.74 34.71
N VAL A 352 3.44 -13.49 34.29
CA VAL A 352 3.93 -13.18 32.94
C VAL A 352 5.06 -12.27 33.07
N ASN A 353 6.20 -12.68 32.56
CA ASN A 353 7.41 -11.88 32.55
C ASN A 353 7.50 -11.21 31.19
N GLY A 354 7.52 -9.88 31.16
CA GLY A 354 7.73 -9.16 29.88
C GLY A 354 6.52 -8.36 29.40
N PHE A 355 5.44 -8.44 30.16
CA PHE A 355 4.20 -7.79 29.84
C PHE A 355 3.62 -7.34 31.14
N GLY A 356 3.24 -6.07 31.20
CA GLY A 356 2.56 -5.57 32.42
C GLY A 356 1.44 -4.58 32.15
N PHE A 357 0.94 -3.94 33.21
CA PHE A 357 -0.05 -2.84 33.02
C PHE A 357 0.43 -1.84 31.97
N ALA A 358 1.74 -1.54 32.02
CA ALA A 358 2.46 -0.69 31.05
C ALA A 358 2.40 -1.08 29.54
N GLY A 359 1.99 -2.32 29.25
CA GLY A 359 2.25 -2.95 27.95
C GLY A 359 3.55 -3.78 28.02
N ARG A 360 4.19 -3.95 26.86
CA ARG A 360 5.29 -4.84 26.70
C ARG A 360 6.61 -4.18 27.14
N GLY A 361 7.44 -4.92 27.87
CA GLY A 361 8.77 -4.43 28.21
C GLY A 361 9.49 -5.42 29.10
N GLN A 362 10.80 -5.37 29.05
CA GLN A 362 11.62 -6.37 29.65
C GLN A 362 11.77 -6.20 31.21
N ASN A 363 11.32 -5.07 31.73
CA ASN A 363 11.46 -4.66 33.11
C ASN A 363 10.09 -4.67 33.72
N THR A 364 9.12 -5.38 33.13
CA THR A 364 7.78 -5.33 33.63
C THR A 364 7.20 -6.76 33.69
N GLY A 365 6.25 -6.97 34.58
CA GLY A 365 5.54 -8.25 34.68
C GLY A 365 4.27 -8.09 35.38
N ILE A 366 3.48 -9.15 35.36
CA ILE A 366 2.21 -9.14 35.99
C ILE A 366 1.92 -10.52 36.51
N ALA A 367 1.20 -10.59 37.61
CA ALA A 367 0.75 -11.87 38.12
C ALA A 367 -0.72 -11.80 38.29
N PHE A 368 -1.45 -12.78 37.78
CA PHE A 368 -2.88 -12.85 37.99
C PHE A 368 -3.11 -13.89 39.04
N VAL A 369 -3.83 -13.52 40.10
CA VAL A 369 -4.07 -14.41 41.22
C VAL A 369 -5.53 -14.76 41.37
N SER A 370 -5.76 -16.03 41.56
CA SER A 370 -7.05 -16.56 41.74
C SER A 370 -7.12 -17.22 43.11
N LEU A 371 -8.13 -16.78 43.87
CA LEU A 371 -8.39 -17.26 45.21
C LEU A 371 -9.29 -18.48 45.24
N LYS A 372 -9.18 -19.23 46.35
CA LYS A 372 -10.09 -20.35 46.55
C LYS A 372 -11.44 -19.74 46.81
N ASP A 373 -12.46 -20.57 46.66
CA ASP A 373 -13.87 -20.26 46.94
C ASP A 373 -14.08 -19.35 48.20
N TRP A 374 -15.00 -18.36 48.13
CA TRP A 374 -15.55 -17.58 49.30
C TRP A 374 -15.61 -18.44 50.58
N ALA A 375 -16.23 -19.60 50.48
CA ALA A 375 -16.53 -20.46 51.61
C ALA A 375 -15.37 -21.26 52.20
N ASP A 376 -14.19 -21.26 51.58
CA ASP A 376 -12.96 -21.85 52.19
C ASP A 376 -11.99 -20.78 52.73
N ARG A 377 -12.44 -19.52 52.76
CA ARG A 377 -11.68 -18.40 53.31
C ARG A 377 -12.51 -17.61 54.34
N PRO A 378 -12.97 -18.26 55.44
CA PRO A 378 -13.71 -17.49 56.46
C PRO A 378 -12.79 -16.52 57.18
N GLY A 379 -13.33 -15.38 57.60
CA GLY A 379 -12.58 -14.31 58.24
C GLY A 379 -12.32 -13.16 57.28
N GLU A 380 -12.52 -11.93 57.75
CA GLU A 380 -12.17 -10.71 56.98
C GLU A 380 -10.69 -10.61 56.57
N GLU A 381 -9.83 -11.15 57.40
CA GLU A 381 -8.42 -11.30 57.09
C GLU A 381 -8.11 -12.22 55.86
N ASN A 382 -9.05 -13.04 55.43
CA ASN A 382 -8.87 -13.84 54.23
C ASN A 382 -9.69 -13.41 53.04
N LYS A 383 -10.07 -12.16 53.01
CA LYS A 383 -10.85 -11.63 51.91
C LYS A 383 -9.86 -10.80 51.14
N VAL A 384 -10.24 -10.50 49.89
CA VAL A 384 -9.33 -9.87 48.92
C VAL A 384 -8.66 -8.64 49.44
N GLU A 385 -9.42 -7.74 50.06
CA GLU A 385 -8.78 -6.48 50.51
C GLU A 385 -7.66 -6.73 51.53
N ALA A 386 -7.93 -7.57 52.53
CA ALA A 386 -6.86 -7.87 53.55
C ALA A 386 -5.67 -8.66 52.88
N ILE A 387 -6.00 -9.57 51.97
CA ILE A 387 -4.92 -10.29 51.25
C ILE A 387 -4.06 -9.35 50.44
N THR A 388 -4.67 -8.49 49.62
CA THR A 388 -3.83 -7.56 48.83
C THR A 388 -3.08 -6.58 49.71
N MET A 389 -3.73 -6.09 50.75
CA MET A 389 -3.01 -5.21 51.68
C MET A 389 -1.73 -5.89 52.23
N ARG A 390 -1.89 -7.13 52.71
CA ARG A 390 -0.73 -7.91 53.27
C ARG A 390 0.30 -8.15 52.21
N ALA A 391 -0.16 -8.49 50.97
CA ALA A 391 0.84 -8.78 49.89
C ALA A 391 1.64 -7.55 49.58
N THR A 392 0.91 -6.44 49.45
CA THR A 392 1.59 -5.14 49.13
C THR A 392 2.59 -4.77 50.20
N ARG A 393 2.18 -5.01 51.44
CA ARG A 393 3.09 -4.79 52.56
C ARG A 393 4.31 -5.70 52.40
N ALA A 394 4.11 -7.00 52.18
CA ALA A 394 5.30 -7.90 52.08
C ALA A 394 6.19 -7.52 50.92
N PHE A 395 5.61 -7.04 49.81
CA PHE A 395 6.42 -6.70 48.66
C PHE A 395 7.02 -5.29 48.74
N SER A 396 6.54 -4.46 49.67
CA SER A 396 6.99 -3.05 49.77
C SER A 396 8.47 -2.88 50.01
N GLN A 397 9.16 -3.92 50.47
CA GLN A 397 10.57 -3.81 50.73
C GLN A 397 11.42 -4.51 49.70
N ILE A 398 10.81 -4.95 48.60
CA ILE A 398 11.60 -5.46 47.47
C ILE A 398 12.33 -4.28 46.85
N LYS A 399 13.65 -4.42 46.69
CA LYS A 399 14.49 -3.31 46.26
C LYS A 399 14.45 -3.10 44.74
N ASP A 400 14.39 -1.82 44.36
CA ASP A 400 14.37 -1.43 42.92
C ASP A 400 13.26 -2.18 42.20
N ALA A 401 12.04 -2.04 42.70
CA ALA A 401 10.89 -2.57 42.03
C ALA A 401 9.69 -1.98 42.65
N MET A 402 8.75 -1.56 41.85
CA MET A 402 7.46 -1.23 42.39
C MET A 402 6.64 -2.52 42.20
N VAL A 403 6.18 -3.09 43.30
CA VAL A 403 5.43 -4.28 43.30
C VAL A 403 4.26 -3.99 44.12
N PHE A 404 3.06 -4.03 43.55
CA PHE A 404 1.86 -4.02 44.38
C PHE A 404 0.72 -4.84 43.90
N ALA A 405 -0.08 -5.23 44.88
CA ALA A 405 -1.21 -6.05 44.69
C ALA A 405 -2.43 -5.22 44.88
N PHE A 406 -3.38 -5.39 44.01
CA PHE A 406 -4.65 -4.69 44.12
C PHE A 406 -5.68 -5.38 43.25
N ASN A 407 -6.92 -5.30 43.68
CA ASN A 407 -8.04 -5.73 42.87
C ASN A 407 -8.45 -4.54 41.95
N LEU A 408 -8.68 -4.77 40.65
CA LEU A 408 -9.11 -3.74 39.66
C LEU A 408 -7.92 -3.08 39.00
N ALA A 417 -8.16 6.59 42.71
CA ALA A 417 -9.51 7.09 42.96
C ALA A 417 -9.54 8.63 43.07
N THR A 418 -8.93 9.19 44.14
CA THR A 418 -8.67 10.67 44.30
C THR A 418 -7.15 11.05 44.20
N GLY A 419 -6.53 10.38 43.24
CA GLY A 419 -5.30 10.81 42.65
C GLY A 419 -5.53 11.91 41.62
N PHE A 420 -4.44 12.34 41.03
CA PHE A 420 -4.53 13.25 39.91
C PHE A 420 -3.61 12.70 38.80
N ASP A 421 -3.89 13.18 37.58
CA ASP A 421 -3.15 12.66 36.35
C ASP A 421 -2.71 13.85 35.47
N PHE A 422 -1.44 14.21 35.58
CA PHE A 422 -0.90 15.48 35.08
C PHE A 422 0.01 15.19 33.88
N GLU A 423 -0.04 16.05 32.86
CA GLU A 423 0.84 15.91 31.69
C GLU A 423 1.70 17.14 31.60
N LEU A 424 3.02 17.01 31.79
CA LEU A 424 3.98 18.04 31.40
C LEU A 424 4.28 17.94 29.88
N ILE A 425 4.16 19.06 29.18
CA ILE A 425 4.21 19.12 27.70
C ILE A 425 5.28 20.09 27.20
N ASP A 426 6.10 19.62 26.25
CA ASP A 426 7.05 20.43 25.51
C ASP A 426 6.31 21.18 24.45
N GLN A 427 6.10 22.48 24.69
CA GLN A 427 5.34 23.32 23.77
C GLN A 427 6.19 24.25 22.89
N ALA A 428 7.49 24.01 22.78
CA ALA A 428 8.37 24.95 22.07
C ALA A 428 9.52 24.26 21.39
N GLY A 429 9.42 22.98 21.05
CA GLY A 429 10.61 22.30 20.47
C GLY A 429 11.80 22.17 21.40
N LEU A 430 11.60 22.13 22.72
CA LEU A 430 12.75 22.07 23.68
C LEU A 430 13.52 20.79 23.61
N GLY A 431 12.85 19.72 23.27
CA GLY A 431 13.52 18.45 23.11
C GLY A 431 13.39 17.64 24.42
N HIS A 432 13.68 16.36 24.31
CA HIS A 432 13.51 15.41 25.38
C HIS A 432 14.31 15.74 26.66
N GLU A 433 15.57 16.11 26.49
CA GLU A 433 16.51 16.32 27.61
C GLU A 433 16.04 17.54 28.44
N LYS A 434 15.61 18.63 27.78
CA LYS A 434 15.08 19.77 28.52
C LYS A 434 13.77 19.47 29.16
N LEU A 435 12.93 18.68 28.49
CA LEU A 435 11.68 18.31 29.11
C LEU A 435 11.94 17.52 30.43
N THR A 436 12.85 16.54 30.40
CA THR A 436 13.24 15.80 31.60
C THR A 436 13.73 16.80 32.72
N GLN A 437 14.60 17.75 32.37
CA GLN A 437 15.07 18.77 33.39
C GLN A 437 13.90 19.50 33.98
N ALA A 438 12.96 19.96 33.14
CA ALA A 438 11.73 20.58 33.69
C ALA A 438 10.90 19.64 34.56
N ARG A 439 10.80 18.36 34.16
CA ARG A 439 10.07 17.41 34.97
C ARG A 439 10.71 17.32 36.40
N ASN A 440 12.02 17.17 36.43
CA ASN A 440 12.75 16.99 37.71
C ASN A 440 12.58 18.21 38.62
N GLN A 441 12.62 19.40 38.00
CA GLN A 441 12.37 20.63 38.69
C GLN A 441 11.01 20.58 39.33
N LEU A 442 9.98 20.20 38.59
CA LEU A 442 8.65 20.12 39.15
C LEU A 442 8.53 19.08 40.27
N LEU A 443 9.22 17.96 40.12
CA LEU A 443 9.07 16.88 41.05
C LEU A 443 9.70 17.31 42.41
N ALA A 444 10.93 17.85 42.35
CA ALA A 444 11.62 18.46 43.52
C ALA A 444 10.75 19.50 44.29
N GLU A 445 10.15 20.44 43.56
CA GLU A 445 9.20 21.41 44.12
C GLU A 445 8.02 20.76 44.78
N ALA A 446 7.40 19.78 44.11
CA ALA A 446 6.25 19.08 44.68
C ALA A 446 6.66 18.26 45.94
N ALA A 447 7.91 17.77 46.00
CA ALA A 447 8.40 17.07 47.20
C ALA A 447 8.43 17.95 48.49
N LYS A 448 8.60 19.25 48.34
CA LYS A 448 8.62 20.15 49.47
C LYS A 448 7.24 20.55 49.97
N HIS A 449 6.17 19.88 49.51
CA HIS A 449 4.80 20.16 49.94
C HIS A 449 4.01 18.91 50.41
N PRO A 450 4.56 18.15 51.41
CA PRO A 450 3.80 17.00 51.91
C PRO A 450 2.44 17.31 52.47
N ASP A 451 2.22 18.55 52.85
CA ASP A 451 0.93 18.99 53.40
C ASP A 451 -0.20 19.02 52.37
N MET A 452 0.11 19.14 51.07
CA MET A 452 -0.92 19.10 50.02
C MET A 452 -0.77 17.91 49.02
N LEU A 453 0.46 17.40 48.85
CA LEU A 453 0.78 16.48 47.73
C LEU A 453 1.50 15.29 48.28
N THR A 454 0.97 14.11 47.97
CA THR A 454 1.59 12.86 48.35
C THR A 454 1.97 12.12 47.07
N SER A 455 3.20 11.63 47.08
CA SER A 455 3.65 10.64 46.17
C SER A 455 3.60 11.09 44.67
N VAL A 456 4.21 12.24 44.41
CA VAL A 456 4.25 12.84 43.08
C VAL A 456 5.42 12.20 42.37
N ARG A 457 5.13 11.56 41.25
CA ARG A 457 6.10 10.70 40.59
C ARG A 457 5.79 10.59 39.05
N PRO A 458 6.80 10.27 38.26
CA PRO A 458 6.55 10.07 36.84
C PRO A 458 5.94 8.71 36.62
N ASN A 459 5.01 8.63 35.70
CA ASN A 459 4.52 7.33 35.22
C ASN A 459 5.44 6.60 34.25
N GLY A 460 6.41 7.29 33.65
CA GLY A 460 7.29 6.69 32.62
C GLY A 460 8.62 6.15 33.02
N LEU A 461 9.52 6.02 32.06
CA LEU A 461 10.80 5.38 32.27
C LEU A 461 11.89 6.40 32.17
N GLU A 462 13.01 6.12 32.85
CA GLU A 462 14.22 6.93 32.74
C GLU A 462 15.07 6.56 31.56
N ASP A 463 15.92 7.49 31.12
CA ASP A 463 16.88 7.22 30.07
C ASP A 463 17.94 6.20 30.47
N THR A 464 18.50 5.50 29.50
CA THR A 464 19.40 4.43 29.75
C THR A 464 20.48 4.53 28.76
N PRO A 465 21.63 3.87 29.00
CA PRO A 465 22.67 3.91 28.00
C PRO A 465 22.31 3.24 26.68
N GLN A 466 22.73 3.86 25.61
CA GLN A 466 22.53 3.37 24.26
C GLN A 466 23.81 3.48 23.51
N PHE A 467 24.01 2.58 22.56
CA PHE A 467 25.18 2.47 21.74
C PHE A 467 25.01 3.23 20.42
N LYS A 468 25.64 4.40 20.34
CA LYS A 468 25.54 5.22 19.18
C LYS A 468 26.63 4.88 18.21
N ILE A 469 26.24 4.43 17.02
CA ILE A 469 27.16 4.12 15.95
C ILE A 469 27.01 5.06 14.75
N ASP A 470 28.10 5.67 14.31
CA ASP A 470 28.16 6.60 13.19
C ASP A 470 28.79 5.93 12.00
N ILE A 471 28.05 5.83 10.93
CA ILE A 471 28.56 5.33 9.68
C ILE A 471 29.29 6.46 8.98
N ASP A 472 30.57 6.25 8.64
CA ASP A 472 31.35 7.21 7.85
C ASP A 472 31.05 7.09 6.35
N GLN A 473 30.30 8.05 5.84
CA GLN A 473 29.83 8.01 4.45
C GLN A 473 31.04 8.03 3.50
N GLU A 474 32.04 8.84 3.86
CA GLU A 474 33.19 9.00 2.94
C GLU A 474 34.00 7.74 2.79
N LYS A 475 34.24 7.05 3.88
CA LYS A 475 34.93 5.78 3.85
C LYS A 475 34.11 4.67 3.12
N ALA A 476 32.81 4.64 3.42
CA ALA A 476 31.90 3.72 2.76
C ALA A 476 31.97 3.94 1.24
N GLN A 477 31.90 5.19 0.83
CA GLN A 477 31.95 5.46 -0.61
C GLN A 477 33.32 5.08 -1.20
N ALA A 478 34.39 5.40 -0.49
CA ALA A 478 35.74 5.13 -1.01
C ALA A 478 35.95 3.65 -1.13
N LEU A 479 35.47 2.85 -0.17
CA LEU A 479 35.55 1.40 -0.22
C LEU A 479 34.54 0.74 -1.19
N GLY A 480 33.56 1.49 -1.68
CA GLY A 480 32.50 0.95 -2.55
C GLY A 480 31.54 0.03 -1.80
N VAL A 481 31.29 0.34 -0.53
CA VAL A 481 30.31 -0.37 0.31
C VAL A 481 29.06 0.49 0.36
N SER A 482 27.94 -0.10 -0.03
CA SER A 482 26.67 0.58 -0.13
C SER A 482 26.05 0.83 1.24
N ILE A 483 25.38 1.98 1.40
CA ILE A 483 24.71 2.28 2.66
C ILE A 483 23.60 1.31 2.95
N ASN A 484 22.88 0.85 1.94
CA ASN A 484 21.75 -0.11 2.20
C ASN A 484 22.27 -1.46 2.72
N ASP A 485 23.38 -1.93 2.14
CA ASP A 485 24.01 -3.12 2.60
C ASP A 485 24.47 -2.95 4.04
N ILE A 486 25.08 -1.80 4.38
CA ILE A 486 25.48 -1.56 5.76
C ILE A 486 24.31 -1.65 6.69
N ASN A 487 23.27 -0.89 6.37
CA ASN A 487 22.11 -0.83 7.24
C ASN A 487 21.36 -2.13 7.37
N THR A 488 21.21 -2.86 6.28
CA THR A 488 20.59 -4.20 6.38
C THR A 488 21.46 -5.17 7.23
N THR A 489 22.77 -5.18 7.04
CA THR A 489 23.62 -6.08 7.80
C THR A 489 23.51 -5.77 9.27
N LEU A 490 23.54 -4.50 9.65
CA LEU A 490 23.48 -4.12 11.04
C LEU A 490 22.13 -4.50 11.61
N GLY A 491 21.08 -4.01 10.96
CA GLY A 491 19.70 -4.23 11.43
C GLY A 491 19.26 -5.68 11.43
N ALA A 492 19.59 -6.38 10.39
CA ALA A 492 19.18 -7.75 10.38
C ALA A 492 19.91 -8.56 11.44
N ALA A 493 21.23 -8.40 11.55
CA ALA A 493 21.98 -9.15 12.50
C ALA A 493 21.58 -8.86 13.96
N TRP A 494 21.44 -7.56 14.33
CA TRP A 494 21.38 -7.20 15.72
C TRP A 494 19.95 -6.95 16.16
N GLY A 495 19.09 -6.72 15.17
CA GLY A 495 17.66 -6.42 15.38
C GLY A 495 16.71 -7.51 14.92
N GLY A 496 17.09 -8.26 13.90
CA GLY A 496 16.17 -9.25 13.32
C GLY A 496 15.39 -8.61 12.17
N SER A 497 15.19 -9.35 11.11
CA SER A 497 14.42 -8.93 9.94
C SER A 497 13.42 -9.99 9.53
N TYR A 498 12.17 -9.55 9.42
CA TYR A 498 11.08 -10.34 8.85
C TYR A 498 11.25 -10.38 7.34
N VAL A 499 11.60 -11.52 6.79
CA VAL A 499 11.92 -11.62 5.41
C VAL A 499 10.65 -11.83 4.55
N ASN A 500 9.98 -12.95 4.81
CA ASN A 500 8.77 -13.35 4.05
C ASN A 500 8.06 -14.44 4.87
N ASP A 501 6.98 -14.98 4.34
CA ASP A 501 6.25 -16.02 4.99
C ASP A 501 6.56 -17.45 4.55
N PHE A 502 6.22 -18.42 5.40
CA PHE A 502 6.36 -19.84 5.06
C PHE A 502 5.13 -20.53 5.58
N ILE A 503 5.01 -21.83 5.38
CA ILE A 503 3.83 -22.52 5.83
C ILE A 503 4.23 -23.61 6.80
N ASP A 504 3.79 -23.46 8.03
CA ASP A 504 4.11 -24.38 9.10
C ASP A 504 2.90 -25.22 9.43
N ARG A 505 2.91 -26.51 9.07
CA ARG A 505 1.74 -27.38 9.38
C ARG A 505 0.41 -26.77 8.88
N GLY A 506 0.48 -26.22 7.67
CA GLY A 506 -0.71 -25.72 6.99
C GLY A 506 -1.01 -24.26 7.26
N ARG A 507 -0.23 -23.60 8.14
CA ARG A 507 -0.52 -22.23 8.51
C ARG A 507 0.55 -21.26 8.08
N VAL A 508 0.13 -20.14 7.48
CA VAL A 508 1.08 -19.10 7.16
C VAL A 508 1.68 -18.50 8.42
N LYS A 509 3.01 -18.47 8.46
CA LYS A 509 3.81 -17.93 9.57
C LYS A 509 5.01 -17.16 8.98
N LYS A 510 5.69 -16.42 9.82
CA LYS A 510 6.80 -15.56 9.38
C LYS A 510 8.13 -16.24 9.37
N VAL A 511 9.06 -15.67 8.56
CA VAL A 511 10.43 -16.10 8.53
C VAL A 511 11.28 -14.92 8.98
N TYR A 512 12.15 -15.13 9.96
CA TYR A 512 13.12 -14.06 10.46
C TYR A 512 14.57 -14.44 10.34
N VAL A 513 15.43 -13.48 9.93
CA VAL A 513 16.84 -13.68 10.00
C VAL A 513 17.35 -12.82 11.16
N MET A 514 18.39 -13.27 11.83
CA MET A 514 19.03 -12.55 12.96
C MET A 514 20.31 -13.28 13.27
N SER A 515 21.27 -12.56 13.85
CA SER A 515 22.47 -13.20 14.42
C SER A 515 22.10 -14.18 15.49
N GLU A 516 22.77 -15.33 15.48
CA GLU A 516 22.84 -16.18 16.63
C GLU A 516 23.28 -15.34 17.85
N ALA A 517 22.68 -15.59 19.00
CA ALA A 517 22.85 -14.78 20.22
C ALA A 517 24.31 -14.41 20.51
N LYS A 518 25.21 -15.37 20.39
CA LYS A 518 26.56 -15.16 20.90
C LYS A 518 27.33 -14.19 20.04
N TYR A 519 26.84 -13.88 18.81
CA TYR A 519 27.50 -12.88 17.96
C TYR A 519 26.94 -11.44 18.04
N ARG A 520 26.04 -11.22 18.96
CA ARG A 520 25.42 -9.92 19.10
C ARG A 520 25.22 -9.53 20.57
N MET A 521 26.22 -9.88 21.39
CA MET A 521 26.16 -9.70 22.83
C MET A 521 27.04 -8.54 23.29
N LEU A 522 28.15 -8.27 22.62
CA LEU A 522 29.10 -7.25 23.10
C LEU A 522 29.55 -6.25 22.04
N PRO A 523 30.02 -5.05 22.46
CA PRO A 523 30.44 -4.03 21.49
C PRO A 523 31.46 -4.49 20.48
N ASP A 524 32.43 -5.25 20.93
CA ASP A 524 33.43 -5.81 20.02
C ASP A 524 32.84 -6.73 18.93
N ASP A 525 31.70 -7.33 19.16
CA ASP A 525 31.04 -8.15 18.12
C ASP A 525 30.71 -7.34 16.86
N ILE A 526 30.55 -6.02 16.99
CA ILE A 526 30.21 -5.20 15.84
C ILE A 526 31.23 -5.43 14.74
N GLY A 527 32.47 -5.49 15.17
CA GLY A 527 33.54 -5.63 14.21
C GLY A 527 33.71 -7.00 13.58
N ASP A 528 33.02 -8.02 14.03
CA ASP A 528 33.09 -9.32 13.37
C ASP A 528 32.10 -9.47 12.19
N TRP A 529 31.28 -8.45 11.94
CA TRP A 529 30.34 -8.47 10.82
C TRP A 529 30.97 -7.80 9.61
N TYR A 530 30.92 -8.49 8.50
CA TYR A 530 31.51 -8.03 7.24
C TYR A 530 30.43 -7.70 6.18
N VAL A 531 30.67 -6.66 5.39
CA VAL A 531 29.77 -6.27 4.29
C VAL A 531 30.63 -6.48 3.07
N ARG A 532 30.01 -6.86 1.95
CA ARG A 532 30.76 -7.07 0.67
C ARG A 532 30.75 -5.79 -0.16
N ALA A 533 31.91 -5.33 -0.58
CA ALA A 533 32.00 -4.15 -1.44
C ALA A 533 31.68 -4.52 -2.90
N ALA A 534 31.47 -3.49 -3.73
CA ALA A 534 31.16 -3.63 -5.17
C ALA A 534 32.26 -4.36 -5.94
N ASP A 535 33.48 -4.28 -5.47
CA ASP A 535 34.58 -5.01 -6.03
C ASP A 535 34.81 -6.37 -5.44
N GLY A 536 33.94 -6.84 -4.53
CA GLY A 536 33.98 -8.21 -4.06
C GLY A 536 34.72 -8.36 -2.77
N GLN A 537 35.41 -7.32 -2.31
CA GLN A 537 36.15 -7.38 -1.05
C GLN A 537 35.22 -7.35 0.16
N MET A 538 35.55 -8.18 1.15
CA MET A 538 34.83 -8.20 2.42
C MET A 538 35.40 -7.13 3.34
N VAL A 539 34.57 -6.28 3.91
CA VAL A 539 35.00 -5.14 4.72
C VAL A 539 34.33 -5.25 6.08
N PRO A 540 35.11 -5.26 7.19
CA PRO A 540 34.54 -5.31 8.50
C PRO A 540 33.87 -4.02 8.83
N PHE A 541 32.85 -4.11 9.68
CA PHE A 541 32.06 -2.95 10.11
C PHE A 541 32.94 -1.90 10.76
N SER A 542 33.98 -2.36 11.44
CA SER A 542 34.95 -1.46 12.00
C SER A 542 35.69 -0.55 10.99
N ALA A 543 35.81 -0.90 9.73
CA ALA A 543 36.49 -0.01 8.78
C ALA A 543 35.72 1.27 8.47
N PHE A 544 34.38 1.30 8.58
CA PHE A 544 33.61 2.48 8.14
C PHE A 544 32.68 3.02 9.23
N SER A 545 32.91 2.65 10.47
CA SER A 545 32.04 3.09 11.59
C SER A 545 32.85 3.47 12.83
N SER A 546 32.25 4.27 13.68
CA SER A 546 32.78 4.55 15.03
C SER A 546 31.62 4.56 15.98
N SER A 547 31.88 4.35 17.26
CA SER A 547 30.80 4.36 18.22
C SER A 547 31.10 4.94 19.56
N ARG A 548 30.04 5.27 20.29
CA ARG A 548 30.19 5.79 21.62
C ARG A 548 28.96 5.53 22.42
N TRP A 549 29.10 5.53 23.75
CA TRP A 549 27.95 5.42 24.61
C TRP A 549 27.30 6.78 24.75
N GLU A 550 25.97 6.80 24.90
CA GLU A 550 25.20 8.03 25.22
C GLU A 550 24.00 7.63 25.98
N TYR A 551 23.18 8.56 26.42
CA TYR A 551 21.90 8.20 27.00
C TYR A 551 20.76 8.52 26.01
N GLY A 552 19.66 7.80 26.11
CA GLY A 552 18.40 8.13 25.48
C GLY A 552 17.25 7.38 26.08
N SER A 553 16.06 7.65 25.58
CA SER A 553 14.86 7.19 26.21
C SER A 553 14.45 5.82 25.69
N PRO A 554 14.03 4.92 26.56
CA PRO A 554 13.43 3.65 26.09
C PRO A 554 11.91 3.79 25.92
N ARG A 555 11.34 4.91 26.29
CA ARG A 555 9.93 5.13 26.15
C ARG A 555 9.61 6.60 26.07
N LEU A 556 9.28 7.02 24.84
CA LEU A 556 8.95 8.41 24.57
C LEU A 556 7.43 8.62 24.57
N GLU A 557 6.97 9.54 25.38
CA GLU A 557 5.51 9.80 25.52
C GLU A 557 5.07 11.08 24.78
N ARG A 558 3.84 11.10 24.29
CA ARG A 558 3.30 12.27 23.63
C ARG A 558 1.87 12.45 24.09
N TYR A 559 1.44 13.69 24.18
CA TYR A 559 0.13 13.99 24.65
C TYR A 559 -0.45 15.02 23.70
N ASN A 560 -1.58 14.69 23.10
CA ASN A 560 -2.16 15.51 22.04
C ASN A 560 -1.15 15.92 20.97
N GLY A 561 -0.24 15.01 20.63
CA GLY A 561 0.70 15.24 19.57
C GLY A 561 1.94 15.97 19.89
N LEU A 562 2.18 16.31 21.17
CA LEU A 562 3.44 16.91 21.58
C LEU A 562 4.21 16.08 22.61
N PRO A 563 5.55 16.18 22.61
CA PRO A 563 6.28 15.44 23.61
C PRO A 563 5.81 15.79 25.05
N SER A 564 5.75 14.76 25.87
CA SER A 564 5.14 14.83 27.18
C SER A 564 5.70 13.87 28.22
N MET A 565 5.39 14.17 29.49
CA MET A 565 5.75 13.29 30.59
C MET A 565 4.58 13.29 31.57
N GLU A 566 4.04 12.11 31.82
CA GLU A 566 2.88 11.99 32.68
C GLU A 566 3.37 11.95 34.13
N ILE A 567 2.66 12.68 34.99
CA ILE A 567 3.03 12.75 36.42
C ILE A 567 1.77 12.39 37.18
N LEU A 568 1.90 11.37 38.03
CA LEU A 568 0.82 10.95 38.90
C LEU A 568 1.10 11.46 40.36
N GLY A 569 0.06 11.52 41.16
CA GLY A 569 0.14 11.80 42.59
C GLY A 569 -1.24 11.82 43.21
N GLN A 570 -1.28 12.10 44.52
CA GLN A 570 -2.56 12.16 45.32
C GLN A 570 -2.66 13.44 46.13
N ALA A 571 -3.90 13.93 46.27
CA ALA A 571 -4.23 14.91 47.35
C ALA A 571 -3.76 14.35 48.75
N ALA A 572 -2.98 15.13 49.51
CA ALA A 572 -2.70 14.84 50.97
C ALA A 572 -3.99 14.57 51.82
N PRO A 573 -3.82 13.84 52.96
CA PRO A 573 -5.02 13.42 53.72
C PRO A 573 -6.07 14.55 53.98
N GLY A 574 -7.32 14.30 53.55
CA GLY A 574 -8.41 15.30 53.55
C GLY A 574 -8.26 16.65 52.81
N LYS A 575 -7.36 16.75 51.83
CA LYS A 575 -7.33 17.92 50.91
C LYS A 575 -8.08 17.52 49.67
N SER A 576 -8.77 18.45 48.99
CA SER A 576 -9.55 18.03 47.81
C SER A 576 -8.62 17.85 46.61
N THR A 577 -9.08 17.03 45.67
CA THR A 577 -8.30 16.89 44.45
C THR A 577 -8.19 18.28 43.78
N GLY A 578 -9.25 19.09 43.80
CA GLY A 578 -9.20 20.50 43.28
C GLY A 578 -8.12 21.41 43.87
N GLU A 579 -7.85 21.23 45.16
CA GLU A 579 -6.80 21.97 45.87
C GLU A 579 -5.45 21.43 45.48
N ALA A 580 -5.35 20.10 45.38
CA ALA A 580 -4.06 19.50 44.98
C ALA A 580 -3.66 19.94 43.54
N MET A 581 -4.64 19.92 42.64
CA MET A 581 -4.45 20.33 41.25
C MET A 581 -4.08 21.82 41.19
N GLU A 582 -4.77 22.65 41.98
CA GLU A 582 -4.45 24.06 42.03
C GLU A 582 -2.98 24.30 42.41
N LEU A 583 -2.44 23.54 43.38
CA LEU A 583 -1.00 23.64 43.69
C LEU A 583 -0.07 23.27 42.53
N MET A 584 -0.38 22.17 41.87
CA MET A 584 0.47 21.69 40.78
C MET A 584 0.49 22.77 39.67
N GLU A 585 -0.65 23.37 39.36
CA GLU A 585 -0.71 24.50 38.40
C GLU A 585 0.20 25.70 38.79
N GLN A 586 0.30 25.97 40.09
CA GLN A 586 1.20 27.03 40.60
C GLN A 586 2.63 26.65 40.46
N LEU A 587 2.96 25.44 40.87
CA LEU A 587 4.32 24.94 40.71
C LEU A 587 4.70 24.90 39.20
N ALA A 588 3.78 24.45 38.37
CA ALA A 588 4.03 24.37 36.89
C ALA A 588 4.27 25.71 36.24
N SER A 589 3.69 26.80 36.78
CA SER A 589 3.89 28.15 36.23
C SER A 589 5.27 28.70 36.44
N LYS A 590 6.11 28.08 37.25
CA LYS A 590 7.52 28.50 37.44
C LYS A 590 8.53 27.76 36.58
N LEU A 591 8.07 26.87 35.71
CA LEU A 591 9.01 26.01 34.96
C LEU A 591 9.53 26.82 33.77
N PRO A 592 10.61 26.35 33.09
CA PRO A 592 11.12 27.13 31.99
C PRO A 592 10.08 27.41 30.92
N THR A 593 10.30 28.54 30.21
CA THR A 593 9.53 28.94 29.09
C THR A 593 9.46 27.80 28.10
N GLY A 594 8.27 27.64 27.54
CA GLY A 594 8.00 26.60 26.59
C GLY A 594 7.48 25.28 27.12
N VAL A 595 7.45 25.10 28.44
CA VAL A 595 6.90 23.93 29.11
C VAL A 595 5.51 24.31 29.63
N GLY A 596 4.50 23.57 29.18
CA GLY A 596 3.10 23.75 29.59
C GLY A 596 2.63 22.47 30.26
N TYR A 597 1.33 22.39 30.48
CA TYR A 597 0.77 21.25 31.17
C TYR A 597 -0.65 21.09 30.74
N ASP A 598 -1.18 19.91 31.01
CA ASP A 598 -2.61 19.70 30.89
C ASP A 598 -3.03 18.61 31.90
N TRP A 599 -4.33 18.49 32.15
CA TRP A 599 -4.88 17.43 33.00
C TRP A 599 -5.49 16.36 32.12
N THR A 600 -5.26 15.12 32.44
CA THR A 600 -5.89 14.03 31.70
C THR A 600 -6.61 13.05 32.66
N GLY A 601 -7.23 12.01 32.08
CA GLY A 601 -7.76 10.86 32.85
C GLY A 601 -8.79 11.31 33.89
N MET A 602 -8.57 10.86 35.13
CA MET A 602 -9.46 11.18 36.27
C MET A 602 -9.53 12.69 36.49
N SER A 603 -8.43 13.39 36.21
CA SER A 603 -8.40 14.84 36.35
C SER A 603 -9.00 15.69 35.24
N TYR A 604 -9.27 15.11 34.09
CA TYR A 604 -9.74 15.86 32.99
C TYR A 604 -11.09 16.55 33.28
N GLN A 605 -12.03 15.85 33.93
CA GLN A 605 -13.30 16.50 34.39
C GLN A 605 -13.21 16.97 35.84
N ALA B 1 -32.79 -13.00 6.67
CA ALA B 1 -31.64 -13.89 6.31
C ALA B 1 -30.40 -13.34 7.05
N PRO B 2 -29.51 -14.21 7.52
CA PRO B 2 -28.29 -13.60 8.10
C PRO B 2 -27.53 -12.77 7.02
N PRO B 3 -27.18 -11.51 7.29
CA PRO B 3 -26.48 -10.81 6.20
C PRO B 3 -25.07 -11.40 6.02
N ALA B 4 -24.57 -11.32 4.81
CA ALA B 4 -23.27 -11.85 4.47
C ALA B 4 -22.50 -10.78 3.69
N VAL B 5 -21.20 -10.65 3.98
CA VAL B 5 -20.34 -9.75 3.28
C VAL B 5 -19.32 -10.62 2.56
N THR B 6 -19.06 -10.30 1.30
CA THR B 6 -18.12 -11.07 0.47
C THR B 6 -16.88 -10.28 0.11
N ILE B 7 -15.70 -10.85 0.34
CA ILE B 7 -14.43 -10.28 -0.17
C ILE B 7 -14.03 -11.09 -1.39
N SER B 8 -13.66 -10.42 -2.49
CA SER B 8 -13.16 -11.05 -3.68
C SER B 8 -11.87 -10.48 -4.05
N ALA B 9 -10.94 -11.34 -4.46
CA ALA B 9 -9.63 -10.90 -4.92
C ALA B 9 -9.10 -11.84 -6.02
N SER B 10 -8.14 -11.38 -6.79
CA SER B 10 -7.59 -12.23 -7.88
C SER B 10 -6.13 -12.06 -8.01
N TYR B 11 -5.48 -13.11 -8.53
CA TYR B 11 -4.07 -13.19 -8.70
C TYR B 11 -3.90 -13.91 -10.06
N PRO B 12 -3.65 -13.16 -11.14
CA PRO B 12 -3.58 -13.69 -12.47
C PRO B 12 -2.51 -14.75 -12.57
N GLY B 13 -2.92 -15.91 -13.02
CA GLY B 13 -2.02 -17.05 -13.25
C GLY B 13 -1.73 -17.93 -12.03
N ALA B 14 -2.35 -17.65 -10.87
CA ALA B 14 -2.13 -18.39 -9.67
C ALA B 14 -3.03 -19.61 -9.63
N ASP B 15 -2.46 -20.65 -9.08
CA ASP B 15 -3.15 -21.89 -8.78
C ASP B 15 -3.81 -21.72 -7.39
N ALA B 16 -4.65 -22.65 -7.02
CA ALA B 16 -5.44 -22.61 -5.78
C ALA B 16 -4.58 -22.46 -4.47
N LYS B 17 -3.52 -23.26 -4.35
CA LYS B 17 -2.63 -23.21 -3.20
C LYS B 17 -1.92 -21.88 -3.08
N THR B 18 -1.41 -21.38 -4.19
CA THR B 18 -0.78 -20.09 -4.24
C THR B 18 -1.77 -19.04 -3.74
N VAL B 19 -2.99 -19.07 -4.24
CA VAL B 19 -3.97 -18.07 -3.82
C VAL B 19 -4.23 -18.23 -2.33
N GLN B 20 -4.48 -19.46 -1.92
CA GLN B 20 -4.80 -19.72 -0.53
C GLN B 20 -3.69 -19.30 0.42
N ASP B 21 -2.43 -19.59 0.04
CA ASP B 21 -1.34 -19.38 1.00
C ASP B 21 -0.69 -17.95 0.95
N THR B 22 -0.98 -17.14 -0.08
CA THR B 22 -0.52 -15.78 -0.15
C THR B 22 -1.60 -14.80 0.04
N VAL B 23 -2.86 -15.20 -0.11
CA VAL B 23 -3.96 -14.30 -0.01
C VAL B 23 -4.97 -14.71 1.04
N THR B 24 -5.62 -15.86 0.87
CA THR B 24 -6.77 -16.18 1.70
C THR B 24 -6.43 -16.31 3.16
N GLN B 25 -5.38 -17.04 3.50
CA GLN B 25 -5.00 -17.23 4.90
C GLN B 25 -4.63 -15.87 5.55
N VAL B 26 -3.98 -14.99 4.79
CA VAL B 26 -3.56 -13.67 5.25
C VAL B 26 -4.79 -12.83 5.58
N ILE B 27 -5.78 -12.78 4.71
CA ILE B 27 -6.99 -12.02 5.00
C ILE B 27 -7.66 -12.62 6.22
N GLU B 28 -7.89 -13.94 6.20
CA GLU B 28 -8.58 -14.60 7.29
C GLU B 28 -7.96 -14.33 8.67
N GLN B 29 -6.62 -14.39 8.74
CA GLN B 29 -5.93 -14.09 9.98
C GLN B 29 -6.12 -12.67 10.53
N ASN B 30 -6.60 -11.80 9.68
CA ASN B 30 -6.77 -10.41 10.00
C ASN B 30 -8.20 -9.97 10.06
N MET B 31 -9.16 -10.89 10.16
CA MET B 31 -10.58 -10.59 10.22
C MET B 31 -11.07 -10.62 11.67
N ASN B 32 -10.26 -10.07 12.55
CA ASN B 32 -10.49 -10.02 13.99
C ASN B 32 -11.11 -8.75 14.37
N GLY B 33 -11.78 -8.77 15.52
CA GLY B 33 -12.32 -7.54 16.05
C GLY B 33 -13.53 -6.95 15.36
N ILE B 34 -14.23 -7.80 14.60
CA ILE B 34 -15.39 -7.44 13.82
C ILE B 34 -16.59 -8.00 14.63
N ASP B 35 -17.61 -7.15 14.84
CA ASP B 35 -18.77 -7.51 15.66
C ASP B 35 -19.74 -8.44 14.94
N ASN B 36 -20.33 -9.32 15.73
CA ASN B 36 -21.48 -10.12 15.31
C ASN B 36 -21.25 -11.13 14.15
N LEU B 37 -20.01 -11.56 13.98
CA LEU B 37 -19.66 -12.50 12.94
C LEU B 37 -20.00 -13.91 13.43
N MET B 38 -20.94 -14.59 12.77
CA MET B 38 -21.30 -15.96 13.09
C MET B 38 -20.28 -16.97 12.59
N TYR B 39 -19.89 -16.82 11.33
CA TYR B 39 -18.89 -17.71 10.68
C TYR B 39 -18.36 -17.10 9.40
N MET B 40 -17.28 -17.70 8.90
CA MET B 40 -16.56 -17.21 7.74
C MET B 40 -16.20 -18.46 6.93
N SER B 41 -16.27 -18.40 5.60
CA SER B 41 -15.90 -19.49 4.74
C SER B 41 -15.14 -18.92 3.51
N SER B 42 -14.34 -19.72 2.85
CA SER B 42 -13.62 -19.21 1.73
C SER B 42 -13.38 -20.31 0.73
N ASN B 43 -13.29 -19.92 -0.53
CA ASN B 43 -12.78 -20.74 -1.61
C ASN B 43 -11.62 -20.05 -2.24
N SER B 44 -10.59 -20.80 -2.55
CA SER B 44 -9.39 -20.35 -3.26
C SER B 44 -9.28 -21.24 -4.44
N ASP B 45 -9.30 -20.67 -5.63
CA ASP B 45 -9.43 -21.42 -6.89
C ASP B 45 -8.26 -21.32 -7.84
N SER B 46 -8.22 -22.32 -8.71
CA SER B 46 -7.14 -22.37 -9.72
CA SER B 46 -7.38 -22.53 -9.92
C SER B 46 -7.45 -21.43 -10.96
N THR B 47 -8.54 -20.68 -10.89
CA THR B 47 -8.75 -19.52 -11.76
C THR B 47 -7.98 -18.31 -11.25
N GLY B 48 -7.27 -18.42 -10.12
CA GLY B 48 -6.61 -17.27 -9.52
C GLY B 48 -7.53 -16.43 -8.66
N THR B 49 -8.61 -16.98 -8.18
CA THR B 49 -9.61 -16.18 -7.50
C THR B 49 -9.81 -16.67 -6.08
N VAL B 50 -10.08 -15.74 -5.17
CA VAL B 50 -10.55 -16.07 -3.86
C VAL B 50 -11.86 -15.38 -3.59
N GLN B 51 -12.73 -16.10 -2.91
CA GLN B 51 -13.93 -15.48 -2.32
C GLN B 51 -14.04 -15.84 -0.88
N ILE B 52 -14.21 -14.84 -0.02
CA ILE B 52 -14.30 -15.06 1.43
C ILE B 52 -15.69 -14.53 1.83
N THR B 53 -16.53 -15.39 2.44
CA THR B 53 -17.85 -14.99 2.85
C THR B 53 -17.95 -14.91 4.34
N LEU B 54 -18.30 -13.75 4.85
CA LEU B 54 -18.47 -13.54 6.29
C LEU B 54 -19.99 -13.36 6.58
N THR B 55 -20.53 -14.23 7.40
CA THR B 55 -21.93 -14.30 7.65
C THR B 55 -22.14 -13.82 9.11
N PHE B 56 -23.03 -12.84 9.26
CA PHE B 56 -23.30 -12.12 10.48
C PHE B 56 -24.58 -12.61 11.15
N GLU B 57 -24.67 -12.39 12.45
CA GLU B 57 -25.89 -12.77 13.22
C GLU B 57 -27.11 -12.07 12.60
N SER B 58 -28.27 -12.74 12.63
CA SER B 58 -29.49 -12.02 12.15
C SER B 58 -29.72 -10.76 12.95
N GLY B 59 -30.24 -9.73 12.32
CA GLY B 59 -30.42 -8.46 12.96
C GLY B 59 -29.21 -7.53 12.85
N THR B 60 -28.05 -8.04 12.40
CA THR B 60 -26.87 -7.19 12.25
C THR B 60 -27.13 -6.18 11.18
N ASP B 61 -26.70 -4.96 11.39
CA ASP B 61 -26.72 -3.93 10.39
C ASP B 61 -25.61 -4.19 9.29
N ALA B 62 -26.03 -4.47 8.08
CA ALA B 62 -25.17 -4.92 7.00
C ALA B 62 -24.20 -3.81 6.60
N ASP B 63 -24.59 -2.53 6.79
CA ASP B 63 -23.71 -1.39 6.56
C ASP B 63 -22.54 -1.38 7.51
N ILE B 64 -22.80 -1.61 8.80
CA ILE B 64 -21.75 -1.60 9.80
C ILE B 64 -20.83 -2.81 9.53
N ALA B 65 -21.44 -3.96 9.27
CA ALA B 65 -20.68 -5.16 8.95
C ALA B 65 -19.77 -4.93 7.77
N GLN B 66 -20.28 -4.35 6.69
CA GLN B 66 -19.44 -4.09 5.54
C GLN B 66 -18.25 -3.15 5.89
N VAL B 67 -18.54 -2.05 6.60
CA VAL B 67 -17.52 -1.07 6.93
C VAL B 67 -16.44 -1.72 7.83
N GLN B 68 -16.85 -2.55 8.79
CA GLN B 68 -15.90 -3.15 9.71
C GLN B 68 -15.02 -4.12 8.92
N VAL B 69 -15.62 -4.86 7.99
CA VAL B 69 -14.83 -5.81 7.18
C VAL B 69 -13.84 -5.03 6.33
N GLN B 70 -14.32 -3.96 5.69
CA GLN B 70 -13.49 -3.19 4.72
C GLN B 70 -12.31 -2.62 5.43
N ASN B 71 -12.55 -2.15 6.64
CA ASN B 71 -11.47 -1.56 7.45
C ASN B 71 -10.45 -2.58 7.90
N LYS B 72 -10.85 -3.78 8.31
CA LYS B 72 -9.81 -4.80 8.56
C LYS B 72 -9.04 -5.21 7.33
N LEU B 73 -9.74 -5.32 6.21
CA LEU B 73 -9.12 -5.69 4.96
C LEU B 73 -8.07 -4.64 4.55
N GLN B 74 -8.44 -3.36 4.71
CA GLN B 74 -7.54 -2.25 4.48
C GLN B 74 -6.24 -2.38 5.27
N LEU B 75 -6.31 -2.79 6.52
CA LEU B 75 -5.11 -2.92 7.31
C LEU B 75 -4.30 -4.14 6.89
N ALA B 76 -4.95 -5.14 6.28
CA ALA B 76 -4.26 -6.35 5.73
C ALA B 76 -3.71 -6.18 4.33
N MET B 77 -4.11 -5.15 3.62
CA MET B 77 -3.78 -4.99 2.18
C MET B 77 -2.28 -5.00 1.94
N PRO B 78 -1.47 -4.36 2.82
CA PRO B 78 0.01 -4.38 2.58
C PRO B 78 0.67 -5.71 2.74
N LEU B 79 -0.05 -6.66 3.32
CA LEU B 79 0.42 -7.99 3.51
C LEU B 79 0.21 -8.86 2.25
N LEU B 80 -0.54 -8.38 1.25
CA LEU B 80 -0.91 -9.21 0.11
C LEU B 80 0.09 -8.95 -1.00
N PRO B 81 0.26 -9.92 -1.91
CA PRO B 81 1.09 -9.68 -3.09
C PRO B 81 0.67 -8.47 -3.84
N GLN B 82 1.66 -7.71 -4.32
CA GLN B 82 1.44 -6.55 -5.19
C GLN B 82 0.51 -6.88 -6.40
N GLU B 83 0.63 -8.08 -6.96
CA GLU B 83 -0.23 -8.50 -8.08
C GLU B 83 -1.68 -8.62 -7.75
N VAL B 84 -1.96 -8.90 -6.48
CA VAL B 84 -3.30 -8.99 -5.99
C VAL B 84 -3.85 -7.60 -5.65
N GLN B 85 -3.06 -6.82 -4.94
CA GLN B 85 -3.46 -5.48 -4.59
C GLN B 85 -3.84 -4.70 -5.87
N GLN B 86 -3.01 -4.80 -6.91
CA GLN B 86 -3.16 -3.98 -8.11
C GLN B 86 -4.36 -4.42 -8.96
N GLN B 87 -4.93 -5.59 -8.73
CA GLN B 87 -6.20 -5.92 -9.38
C GLN B 87 -7.44 -5.28 -8.77
N GLY B 88 -7.34 -4.75 -7.57
CA GLY B 88 -8.55 -4.25 -6.87
C GLY B 88 -9.18 -5.40 -6.07
N VAL B 89 -9.41 -5.17 -4.82
CA VAL B 89 -10.07 -6.16 -3.97
C VAL B 89 -11.41 -5.54 -3.76
N SER B 90 -12.46 -6.34 -3.88
CA SER B 90 -13.79 -5.87 -3.55
C SER B 90 -14.47 -6.50 -2.34
N VAL B 91 -15.35 -5.71 -1.75
CA VAL B 91 -16.09 -6.03 -0.59
C VAL B 91 -17.56 -5.63 -0.82
N GLU B 92 -18.45 -6.60 -0.79
CA GLU B 92 -19.83 -6.40 -1.19
C GLU B 92 -20.78 -6.95 -0.16
N LYS B 93 -21.95 -6.30 -0.03
CA LYS B 93 -22.98 -6.70 0.95
C LYS B 93 -24.15 -6.92 0.05
N SER B 94 -24.23 -8.12 -0.45
CA SER B 94 -25.17 -8.33 -1.50
C SER B 94 -25.94 -9.60 -1.23
N SER B 95 -27.17 -9.71 -1.73
CA SER B 95 -27.78 -11.05 -1.88
C SER B 95 -26.87 -11.93 -2.79
N SER B 96 -26.86 -13.24 -2.58
CA SER B 96 -26.18 -14.17 -3.51
C SER B 96 -26.95 -14.53 -4.79
N SER B 97 -28.23 -14.19 -4.91
CA SER B 97 -29.00 -14.49 -6.12
C SER B 97 -29.12 -13.25 -7.01
N PHE B 98 -29.38 -13.43 -8.31
CA PHE B 98 -29.62 -12.32 -9.21
C PHE B 98 -31.04 -11.72 -9.10
N LEU B 99 -31.08 -10.41 -9.09
CA LEU B 99 -32.28 -9.59 -9.27
C LEU B 99 -32.71 -9.50 -10.73
N MET B 100 -31.74 -9.34 -11.63
CA MET B 100 -32.03 -9.21 -13.02
C MET B 100 -30.75 -9.36 -13.84
N VAL B 101 -30.95 -9.67 -15.13
CA VAL B 101 -29.90 -9.76 -16.13
C VAL B 101 -30.21 -8.75 -17.22
N VAL B 102 -29.25 -7.89 -17.51
CA VAL B 102 -29.28 -7.07 -18.67
C VAL B 102 -28.48 -7.71 -19.74
N GLY B 103 -29.16 -8.13 -20.80
CA GLY B 103 -28.53 -8.67 -21.99
C GLY B 103 -28.28 -7.61 -23.01
N VAL B 104 -27.24 -7.83 -23.80
CA VAL B 104 -26.88 -6.96 -24.88
C VAL B 104 -26.45 -7.83 -26.01
N ILE B 105 -27.08 -7.58 -27.17
CA ILE B 105 -26.75 -8.26 -28.40
C ILE B 105 -26.52 -7.28 -29.54
N ASN B 106 -25.95 -7.77 -30.63
CA ASN B 106 -25.87 -6.97 -31.84
C ASN B 106 -26.71 -7.58 -32.97
N THR B 107 -27.91 -7.01 -33.18
CA THR B 107 -28.87 -7.41 -34.25
C THR B 107 -28.26 -7.44 -35.66
N ASP B 108 -27.30 -6.58 -35.96
CA ASP B 108 -26.66 -6.58 -37.29
C ASP B 108 -25.40 -7.44 -37.35
N GLY B 109 -25.20 -8.39 -36.42
CA GLY B 109 -23.92 -9.13 -36.36
C GLY B 109 -22.69 -8.32 -36.82
N THR B 110 -22.64 -7.06 -36.40
CA THR B 110 -21.53 -6.13 -36.67
C THR B 110 -20.35 -6.34 -35.68
N MET B 111 -20.66 -6.91 -34.51
CA MET B 111 -19.80 -6.90 -33.30
C MET B 111 -19.74 -8.32 -32.80
N THR B 112 -18.56 -8.84 -32.50
CA THR B 112 -18.48 -10.19 -31.94
C THR B 112 -18.85 -10.18 -30.46
N GLN B 113 -18.93 -11.35 -29.89
CA GLN B 113 -19.17 -11.51 -28.49
C GLN B 113 -18.15 -10.68 -27.68
N GLU B 114 -16.90 -10.66 -28.13
CA GLU B 114 -15.82 -10.01 -27.34
C GLU B 114 -15.96 -8.49 -27.37
N ASP B 115 -16.37 -7.96 -28.55
CA ASP B 115 -16.64 -6.55 -28.82
C ASP B 115 -17.76 -6.07 -27.99
N ILE B 116 -18.83 -6.86 -27.96
CA ILE B 116 -20.01 -6.50 -27.22
C ILE B 116 -19.66 -6.43 -25.73
N SER B 117 -18.90 -7.40 -25.25
CA SER B 117 -18.52 -7.44 -23.84
C SER B 117 -17.71 -6.20 -23.44
N ASP B 118 -16.76 -5.83 -24.29
CA ASP B 118 -16.00 -4.61 -24.07
C ASP B 118 -16.87 -3.41 -24.07
N TYR B 119 -17.83 -3.31 -25.02
CA TYR B 119 -18.68 -2.18 -25.05
C TYR B 119 -19.41 -2.04 -23.69
N VAL B 120 -19.97 -3.14 -23.22
CA VAL B 120 -20.70 -3.13 -21.95
C VAL B 120 -19.78 -2.71 -20.77
N ALA B 121 -18.61 -3.31 -20.72
CA ALA B 121 -17.62 -3.03 -19.65
C ALA B 121 -17.26 -1.53 -19.65
N ALA B 122 -17.03 -0.99 -20.84
CA ALA B 122 -16.42 0.33 -21.00
C ALA B 122 -17.45 1.47 -21.00
N ASN B 123 -18.70 1.14 -21.29
CA ASN B 123 -19.78 2.14 -21.44
C ASN B 123 -21.01 2.02 -20.60
N MET B 124 -21.25 0.85 -20.00
CA MET B 124 -22.47 0.64 -19.24
C MET B 124 -22.28 0.22 -17.81
N LYS B 125 -21.27 -0.62 -17.52
CA LYS B 125 -21.19 -1.26 -16.26
C LYS B 125 -20.96 -0.27 -15.13
N ASP B 126 -20.12 0.73 -15.31
CA ASP B 126 -19.86 1.61 -14.18
C ASP B 126 -21.10 2.36 -13.72
N ALA B 127 -21.85 2.95 -14.64
CA ALA B 127 -23.06 3.70 -14.25
C ALA B 127 -24.11 2.78 -13.57
N ILE B 128 -24.20 1.55 -14.04
CA ILE B 128 -25.09 0.59 -13.34
C ILE B 128 -24.60 0.25 -11.95
N SER B 129 -23.30 0.01 -11.83
CA SER B 129 -22.67 -0.32 -10.57
CA SER B 129 -22.65 -0.29 -10.57
C SER B 129 -22.83 0.80 -9.52
N ARG B 130 -23.07 2.05 -9.98
CA ARG B 130 -23.26 3.18 -9.05
C ARG B 130 -24.70 3.46 -8.75
N THR B 131 -25.61 2.72 -9.36
CA THR B 131 -27.03 2.92 -9.14
C THR B 131 -27.39 2.44 -7.72
N SER B 132 -28.20 3.21 -7.00
CA SER B 132 -28.46 2.87 -5.55
C SER B 132 -29.28 1.53 -5.50
N GLY B 133 -28.87 0.62 -4.62
CA GLY B 133 -29.46 -0.69 -4.51
C GLY B 133 -28.72 -1.78 -5.25
N VAL B 134 -27.72 -1.41 -6.07
CA VAL B 134 -27.05 -2.38 -6.81
C VAL B 134 -25.87 -2.92 -5.95
N GLY B 135 -25.97 -4.19 -5.56
CA GLY B 135 -25.04 -4.79 -4.62
C GLY B 135 -23.78 -5.38 -5.27
N ASP B 136 -23.94 -5.94 -6.46
CA ASP B 136 -22.85 -6.69 -7.13
C ASP B 136 -23.29 -6.72 -8.57
N VAL B 137 -22.33 -6.54 -9.46
CA VAL B 137 -22.65 -6.58 -10.91
C VAL B 137 -21.62 -7.49 -11.46
N GLN B 138 -22.06 -8.54 -12.11
CA GLN B 138 -21.16 -9.44 -12.79
C GLN B 138 -21.25 -9.18 -14.29
N LEU B 139 -20.11 -8.92 -14.92
CA LEU B 139 -20.05 -8.86 -16.38
C LEU B 139 -19.95 -10.29 -16.95
N PHE B 140 -20.79 -10.57 -17.93
CA PHE B 140 -20.79 -11.87 -18.60
C PHE B 140 -19.92 -11.75 -19.84
N GLY B 141 -18.63 -11.69 -19.58
CA GLY B 141 -17.62 -11.42 -20.57
C GLY B 141 -16.50 -10.60 -19.87
N SER B 142 -15.64 -9.93 -20.66
CA SER B 142 -14.51 -9.20 -20.02
C SER B 142 -14.33 -7.88 -20.80
N GLN B 143 -13.83 -6.88 -20.10
CA GLN B 143 -13.38 -5.61 -20.75
C GLN B 143 -12.15 -5.93 -21.57
N TYR B 144 -11.94 -5.22 -22.66
CA TYR B 144 -10.65 -5.36 -23.34
C TYR B 144 -9.49 -4.84 -22.49
N ALA B 145 -8.35 -5.51 -22.65
CA ALA B 145 -7.08 -5.02 -22.34
C ALA B 145 -6.29 -4.89 -23.63
N MET B 146 -5.12 -4.27 -23.55
CA MET B 146 -4.16 -4.33 -24.67
C MET B 146 -3.41 -5.65 -24.47
N ARG B 147 -3.47 -6.54 -25.43
CA ARG B 147 -2.86 -7.88 -25.34
C ARG B 147 -1.62 -7.96 -26.17
N ILE B 148 -0.51 -8.23 -25.50
CA ILE B 148 0.81 -8.43 -26.12
C ILE B 148 1.03 -9.94 -26.09
N TRP B 149 0.85 -10.57 -27.24
CA TRP B 149 0.92 -12.06 -27.39
C TRP B 149 2.32 -12.41 -27.87
N MET B 150 3.13 -12.86 -26.94
CA MET B 150 4.57 -13.03 -27.15
C MET B 150 4.89 -14.32 -27.90
N ASN B 151 5.95 -14.26 -28.69
CA ASN B 151 6.46 -15.39 -29.49
C ASN B 151 7.82 -15.76 -29.00
N PRO B 152 7.98 -16.96 -28.42
CA PRO B 152 9.26 -17.26 -27.83
C PRO B 152 10.39 -17.48 -28.85
N ASN B 153 10.04 -17.85 -30.07
CA ASN B 153 11.03 -18.07 -31.14
C ASN B 153 11.60 -16.72 -31.51
N GLU B 154 10.74 -15.71 -31.69
CA GLU B 154 11.22 -14.39 -32.02
C GLU B 154 11.96 -13.69 -30.87
N LEU B 155 11.49 -13.88 -29.63
CA LEU B 155 12.22 -13.41 -28.47
C LEU B 155 13.62 -14.01 -28.43
N ASN B 156 13.75 -15.32 -28.55
CA ASN B 156 15.07 -15.89 -28.48
C ASN B 156 15.99 -15.44 -29.67
N LYS B 157 15.45 -15.34 -30.88
CA LYS B 157 16.21 -14.83 -32.03
C LYS B 157 16.88 -13.48 -31.76
N PHE B 158 16.19 -12.57 -31.08
CA PHE B 158 16.77 -11.29 -30.68
C PHE B 158 17.34 -11.23 -29.26
N GLN B 159 17.53 -12.38 -28.60
CA GLN B 159 18.12 -12.50 -27.23
C GLN B 159 17.34 -11.68 -26.20
N LEU B 160 16.03 -11.83 -26.26
CA LEU B 160 15.10 -11.15 -25.37
C LEU B 160 14.22 -12.15 -24.66
N THR B 161 13.64 -11.65 -23.58
CA THR B 161 12.70 -12.43 -22.71
C THR B 161 11.46 -11.57 -22.37
N PRO B 162 10.43 -12.22 -21.77
CA PRO B 162 9.29 -11.45 -21.27
C PRO B 162 9.68 -10.35 -20.26
N VAL B 163 10.79 -10.52 -19.53
CA VAL B 163 11.23 -9.47 -18.59
C VAL B 163 11.57 -8.19 -19.40
N ASP B 164 12.27 -8.34 -20.54
CA ASP B 164 12.64 -7.19 -21.37
C ASP B 164 11.41 -6.53 -21.94
N VAL B 165 10.43 -7.34 -22.31
CA VAL B 165 9.17 -6.83 -22.83
C VAL B 165 8.41 -5.97 -21.77
N ILE B 166 8.29 -6.49 -20.55
CA ILE B 166 7.54 -5.82 -19.46
C ILE B 166 8.27 -4.50 -19.17
N THR B 167 9.62 -4.56 -19.13
CA THR B 167 10.44 -3.39 -18.80
C THR B 167 10.20 -2.28 -19.81
N ALA B 168 10.16 -2.67 -21.07
CA ALA B 168 10.01 -1.73 -22.16
C ALA B 168 8.64 -1.12 -22.14
N ILE B 169 7.63 -1.93 -21.83
CA ILE B 169 6.24 -1.44 -21.81
C ILE B 169 6.12 -0.41 -20.65
N LYS B 170 6.69 -0.72 -19.52
CA LYS B 170 6.59 0.23 -18.40
C LYS B 170 7.33 1.50 -18.71
N ALA B 171 8.44 1.41 -19.41
CA ALA B 171 9.20 2.61 -19.82
C ALA B 171 8.55 3.44 -20.93
N GLN B 172 7.85 2.82 -21.88
CA GLN B 172 7.43 3.46 -23.09
C GLN B 172 5.93 3.63 -23.22
N ASN B 173 5.16 3.02 -22.32
CA ASN B 173 3.75 3.34 -22.14
C ASN B 173 3.65 3.94 -20.73
N ALA B 174 4.02 5.22 -20.62
CA ALA B 174 4.22 5.89 -19.31
C ALA B 174 3.45 7.23 -19.36
N GLN B 175 3.07 7.72 -18.20
CA GLN B 175 2.40 9.02 -18.09
C GLN B 175 3.23 9.80 -17.12
N VAL B 176 3.92 10.82 -17.60
CA VAL B 176 5.01 11.43 -16.90
C VAL B 176 4.61 12.81 -16.37
N ALA B 177 4.86 13.05 -15.08
CA ALA B 177 4.61 14.39 -14.49
C ALA B 177 5.92 15.17 -14.74
N ALA B 178 5.83 16.21 -15.55
CA ALA B 178 7.03 16.92 -16.02
C ALA B 178 7.14 18.36 -15.55
N GLY B 179 6.22 18.86 -14.77
CA GLY B 179 6.30 20.25 -14.29
C GLY B 179 5.85 21.29 -15.31
N GLN B 180 6.33 22.52 -15.16
CA GLN B 180 5.89 23.62 -15.95
C GLN B 180 7.07 24.54 -16.28
N LEU B 181 6.95 25.18 -17.42
CA LEU B 181 7.72 26.40 -17.72
C LEU B 181 7.11 27.49 -16.88
N GLY B 182 7.95 28.32 -16.26
CA GLY B 182 7.47 29.42 -15.48
C GLY B 182 6.75 28.98 -14.28
N GLY B 183 7.10 27.79 -13.78
CA GLY B 183 6.45 27.21 -12.61
C GLY B 183 6.78 27.94 -11.32
N THR B 184 5.95 27.73 -10.32
CA THR B 184 6.16 28.37 -9.00
C THR B 184 7.18 27.58 -8.15
N PRO B 185 8.02 28.26 -7.37
CA PRO B 185 8.13 29.70 -7.31
C PRO B 185 8.94 30.20 -8.52
N PRO B 186 8.53 31.31 -9.13
CA PRO B 186 9.14 31.74 -10.39
C PRO B 186 10.22 32.78 -10.21
N VAL B 187 11.01 33.05 -11.24
CA VAL B 187 11.89 34.24 -11.22
C VAL B 187 11.08 35.52 -11.46
N LYS B 188 11.58 36.64 -10.95
CA LYS B 188 10.99 37.96 -11.30
C LYS B 188 11.00 38.23 -12.78
N GLY B 189 9.92 38.81 -13.27
CA GLY B 189 9.80 39.19 -14.65
C GLY B 189 9.43 38.03 -15.60
N GLN B 190 9.14 36.83 -15.08
CA GLN B 190 8.68 35.73 -15.94
C GLN B 190 7.41 36.11 -16.75
N GLN B 191 7.41 35.86 -18.05
CA GLN B 191 6.19 36.13 -18.88
C GLN B 191 5.30 34.91 -19.27
N LEU B 192 5.92 33.74 -19.33
CA LEU B 192 5.30 32.53 -19.82
C LEU B 192 5.09 31.51 -18.69
N ASN B 193 3.87 30.99 -18.55
CA ASN B 193 3.65 29.82 -17.75
C ASN B 193 2.95 28.79 -18.65
N ALA B 194 3.49 27.56 -18.67
CA ALA B 194 2.92 26.51 -19.52
C ALA B 194 3.32 25.16 -18.98
N SER B 195 2.37 24.22 -19.09
CA SER B 195 2.64 22.86 -18.67
C SER B 195 3.66 22.24 -19.63
N ILE B 196 4.62 21.47 -19.13
CA ILE B 196 5.46 20.56 -19.91
C ILE B 196 4.74 19.19 -20.01
N ILE B 197 4.57 18.73 -21.24
CA ILE B 197 3.92 17.46 -21.55
C ILE B 197 4.98 16.57 -22.13
N ALA B 198 5.20 15.45 -21.50
CA ALA B 198 6.24 14.56 -21.96
C ALA B 198 5.47 13.27 -22.35
N GLN B 199 5.97 12.11 -21.96
CA GLN B 199 5.31 10.85 -22.34
C GLN B 199 3.89 10.80 -21.81
N THR B 200 3.04 10.17 -22.60
CA THR B 200 1.69 10.03 -22.28
C THR B 200 1.30 8.56 -22.58
N ARG B 201 0.29 8.02 -21.89
CA ARG B 201 -0.09 6.60 -22.18
C ARG B 201 -0.36 6.40 -23.64
N LEU B 202 -0.03 5.22 -24.12
CA LEU B 202 -0.40 4.82 -25.46
C LEU B 202 -1.84 4.49 -25.55
N THR B 203 -2.36 4.57 -26.77
CA THR B 203 -3.77 4.45 -27.04
C THR B 203 -4.21 3.46 -28.10
N SER B 204 -3.28 2.76 -28.72
CA SER B 204 -3.58 1.92 -29.84
C SER B 204 -2.56 0.82 -30.00
N THR B 205 -2.94 -0.22 -30.74
CA THR B 205 -2.06 -1.35 -31.04
C THR B 205 -0.89 -0.88 -31.88
N GLU B 206 -1.11 0.13 -32.71
CA GLU B 206 -0.07 0.71 -33.55
C GLU B 206 1.04 1.22 -32.66
N GLU B 207 0.64 2.00 -31.63
CA GLU B 207 1.63 2.58 -30.72
C GLU B 207 2.36 1.55 -29.89
N PHE B 208 1.66 0.53 -29.43
CA PHE B 208 2.34 -0.53 -28.70
C PHE B 208 3.26 -1.26 -29.58
N GLY B 209 2.90 -1.43 -30.85
CA GLY B 209 3.71 -2.22 -31.78
C GLY B 209 5.04 -1.62 -32.07
N LYS B 210 5.16 -0.30 -31.95
CA LYS B 210 6.43 0.35 -32.16
C LYS B 210 7.26 0.68 -30.90
N ILE B 211 6.93 0.09 -29.76
CA ILE B 211 7.78 0.15 -28.62
C ILE B 211 9.13 -0.41 -29.08
N LEU B 212 10.19 0.31 -28.73
CA LEU B 212 11.51 -0.09 -29.08
C LEU B 212 12.14 -0.94 -28.01
N LEU B 213 12.31 -2.22 -28.34
CA LEU B 213 12.92 -3.15 -27.40
C LEU B 213 14.41 -3.03 -27.36
N LYS B 214 15.05 -2.97 -28.53
CA LYS B 214 16.48 -2.76 -28.59
C LYS B 214 16.94 -2.37 -29.97
N VAL B 215 18.19 -1.90 -30.02
CA VAL B 215 18.86 -1.61 -31.29
C VAL B 215 20.02 -2.61 -31.38
N ASN B 216 20.06 -3.40 -32.44
CA ASN B 216 21.14 -4.40 -32.61
C ASN B 216 22.46 -3.68 -32.85
N GLN B 217 23.59 -4.32 -32.55
CA GLN B 217 24.95 -3.72 -32.78
C GLN B 217 25.08 -3.17 -34.20
N ASP B 218 24.50 -3.88 -35.16
CA ASP B 218 24.48 -3.46 -36.56
C ASP B 218 23.57 -2.23 -36.84
N GLY B 219 22.76 -1.81 -35.87
CA GLY B 219 21.95 -0.58 -35.99
C GLY B 219 20.49 -0.82 -36.35
N SER B 220 20.09 -2.04 -36.73
CA SER B 220 18.67 -2.32 -36.97
C SER B 220 17.92 -2.33 -35.62
N ARG B 221 16.61 -2.08 -35.72
CA ARG B 221 15.71 -1.91 -34.57
C ARG B 221 14.85 -3.16 -34.33
N VAL B 222 14.65 -3.54 -33.06
CA VAL B 222 13.74 -4.62 -32.76
C VAL B 222 12.54 -3.91 -32.08
N LEU B 223 11.40 -3.94 -32.75
CA LEU B 223 10.17 -3.36 -32.25
C LEU B 223 9.35 -4.43 -31.50
N LEU B 224 8.44 -4.01 -30.64
CA LEU B 224 7.60 -4.98 -29.93
C LEU B 224 6.81 -5.84 -30.90
N ARG B 225 6.34 -5.28 -32.01
CA ARG B 225 5.63 -6.03 -33.01
C ARG B 225 6.48 -7.11 -33.75
N ASP B 226 7.76 -7.06 -33.57
CA ASP B 226 8.66 -8.07 -34.16
C ASP B 226 8.81 -9.31 -33.28
N VAL B 227 8.28 -9.23 -32.07
CA VAL B 227 8.28 -10.41 -31.19
C VAL B 227 6.93 -10.77 -30.60
N ALA B 228 5.89 -10.05 -30.97
CA ALA B 228 4.57 -10.22 -30.43
C ALA B 228 3.52 -9.83 -31.43
N LYS B 229 2.37 -10.47 -31.29
CA LYS B 229 1.16 -10.02 -31.93
C LYS B 229 0.48 -9.06 -30.94
N ILE B 230 -0.02 -7.94 -31.47
CA ILE B 230 -0.61 -6.84 -30.64
C ILE B 230 -2.06 -6.62 -30.97
N GLU B 231 -2.96 -6.86 -30.02
CA GLU B 231 -4.38 -6.69 -30.24
C GLU B 231 -5.13 -6.38 -28.97
N LEU B 232 -6.24 -5.70 -29.13
CA LEU B 232 -7.19 -5.64 -28.04
C LEU B 232 -7.80 -6.99 -27.78
N GLY B 233 -7.92 -7.41 -26.53
CA GLY B 233 -8.64 -8.67 -26.24
C GLY B 233 -8.94 -8.71 -24.76
N GLY B 234 -9.78 -9.64 -24.33
CA GLY B 234 -10.23 -9.65 -22.95
C GLY B 234 -9.06 -9.66 -21.96
N GLU B 235 -9.25 -9.02 -20.82
CA GLU B 235 -8.38 -9.23 -19.64
C GLU B 235 -8.37 -10.68 -19.27
N ASN B 236 -9.54 -11.32 -19.41
CA ASN B 236 -9.57 -12.76 -19.38
C ASN B 236 -10.55 -13.31 -20.45
N TYR B 237 -10.47 -14.63 -20.66
CA TYR B 237 -11.29 -15.28 -21.68
C TYR B 237 -12.21 -16.35 -21.10
N ASP B 238 -12.63 -16.18 -19.86
CA ASP B 238 -13.33 -17.28 -19.22
C ASP B 238 -14.81 -17.27 -19.31
N ILE B 239 -15.42 -16.12 -19.59
CA ILE B 239 -16.87 -16.06 -19.58
C ILE B 239 -17.40 -15.70 -20.97
N ILE B 240 -18.25 -16.56 -21.56
CA ILE B 240 -18.85 -16.31 -22.85
C ILE B 240 -20.35 -16.49 -22.74
N ALA B 241 -21.13 -15.57 -23.31
CA ALA B 241 -22.61 -15.68 -23.23
C ALA B 241 -23.27 -15.75 -24.57
N GLU B 242 -24.52 -16.23 -24.59
CA GLU B 242 -25.37 -16.26 -25.76
C GLU B 242 -26.80 -16.03 -25.36
N PHE B 243 -27.53 -15.35 -26.24
CA PHE B 243 -28.94 -15.06 -26.10
C PHE B 243 -29.66 -15.71 -27.28
N ASN B 244 -30.49 -16.69 -26.98
CA ASN B 244 -31.13 -17.48 -28.02
C ASN B 244 -30.18 -17.96 -29.10
N GLY B 245 -29.00 -18.40 -28.68
CA GLY B 245 -27.97 -18.86 -29.51
C GLY B 245 -27.17 -17.84 -30.25
N GLN B 246 -27.47 -16.55 -30.11
CA GLN B 246 -26.67 -15.56 -30.76
C GLN B 246 -25.63 -14.90 -29.74
N PRO B 247 -24.50 -14.32 -30.22
CA PRO B 247 -23.45 -13.68 -29.42
C PRO B 247 -24.03 -12.63 -28.55
N ALA B 248 -23.65 -12.65 -27.28
CA ALA B 248 -24.16 -11.67 -26.36
C ALA B 248 -23.18 -11.37 -25.24
N SER B 249 -23.42 -10.29 -24.54
CA SER B 249 -22.84 -10.09 -23.23
C SER B 249 -23.97 -9.61 -22.36
N GLY B 250 -23.65 -9.26 -21.14
CA GLY B 250 -24.65 -8.67 -20.25
C GLY B 250 -24.12 -8.44 -18.86
N LEU B 251 -25.01 -8.05 -17.99
CA LEU B 251 -24.68 -7.76 -16.60
C LEU B 251 -25.61 -8.55 -15.75
N GLY B 252 -25.12 -9.33 -14.83
CA GLY B 252 -25.95 -9.91 -13.82
C GLY B 252 -25.93 -9.04 -12.58
N ILE B 253 -27.09 -8.61 -12.11
CA ILE B 253 -27.21 -7.65 -11.06
C ILE B 253 -27.79 -8.31 -9.81
N LYS B 254 -27.10 -8.14 -8.67
CA LYS B 254 -27.55 -8.66 -7.34
C LYS B 254 -27.95 -7.48 -6.46
N LEU B 255 -29.04 -7.68 -5.71
CA LEU B 255 -29.65 -6.64 -4.90
C LEU B 255 -28.81 -6.41 -3.64
N ALA B 256 -28.52 -5.13 -3.37
CA ALA B 256 -27.79 -4.74 -2.14
C ALA B 256 -28.63 -5.16 -0.95
N THR B 257 -27.99 -5.67 0.12
CA THR B 257 -28.71 -6.18 1.30
C THR B 257 -29.58 -5.03 1.79
N GLY B 258 -30.88 -5.27 1.97
CA GLY B 258 -31.80 -4.27 2.47
C GLY B 258 -32.31 -3.25 1.49
N ALA B 259 -31.90 -3.29 0.24
CA ALA B 259 -32.47 -2.40 -0.77
C ALA B 259 -33.82 -2.95 -1.24
N ASN B 260 -34.54 -2.10 -1.94
CA ASN B 260 -35.83 -2.45 -2.47
C ASN B 260 -35.71 -3.02 -3.85
N ALA B 261 -36.15 -4.28 -4.03
CA ALA B 261 -36.21 -4.91 -5.37
C ALA B 261 -36.83 -4.04 -6.46
N LEU B 262 -38.03 -3.51 -6.25
CA LEU B 262 -38.71 -2.85 -7.37
C LEU B 262 -38.11 -1.50 -7.67
N ASP B 263 -37.76 -0.77 -6.64
CA ASP B 263 -37.12 0.55 -6.86
C ASP B 263 -35.77 0.41 -7.63
N THR B 264 -34.95 -0.53 -7.16
CA THR B 264 -33.65 -0.75 -7.79
C THR B 264 -33.79 -1.14 -9.25
N ALA B 265 -34.67 -2.07 -9.56
CA ALA B 265 -34.89 -2.45 -10.97
C ALA B 265 -35.31 -1.32 -11.86
N ALA B 266 -36.19 -0.46 -11.35
CA ALA B 266 -36.64 0.73 -12.11
C ALA B 266 -35.52 1.75 -12.29
N ALA B 267 -34.70 1.96 -11.23
CA ALA B 267 -33.50 2.83 -11.34
C ALA B 267 -32.57 2.29 -12.46
N ILE B 268 -32.42 0.96 -12.49
CA ILE B 268 -31.60 0.31 -13.55
C ILE B 268 -32.11 0.56 -14.96
N ARG B 269 -33.41 0.40 -15.19
CA ARG B 269 -34.01 0.64 -16.52
C ARG B 269 -33.86 2.10 -16.93
N ALA B 270 -34.00 3.00 -15.96
CA ALA B 270 -33.86 4.42 -16.21
C ALA B 270 -32.43 4.75 -16.62
N GLU B 271 -31.46 4.10 -15.97
CA GLU B 271 -30.06 4.34 -16.35
C GLU B 271 -29.77 3.78 -17.78
N LEU B 272 -30.33 2.62 -18.10
CA LEU B 272 -30.20 2.06 -19.44
C LEU B 272 -30.78 2.99 -20.52
N ALA B 273 -31.94 3.57 -20.22
CA ALA B 273 -32.59 4.53 -21.14
C ALA B 273 -31.70 5.73 -21.50
N LYS B 274 -30.81 6.15 -20.59
CA LYS B 274 -29.82 7.22 -20.89
C LYS B 274 -28.75 6.77 -21.83
N MET B 275 -28.41 5.48 -21.81
CA MET B 275 -27.27 4.99 -22.58
C MET B 275 -27.68 4.69 -23.99
N GLU B 276 -28.89 4.13 -24.18
CA GLU B 276 -29.34 3.63 -25.53
C GLU B 276 -29.16 4.50 -26.73
N PRO B 277 -29.50 5.79 -26.61
CA PRO B 277 -29.33 6.68 -27.79
C PRO B 277 -27.96 6.77 -28.33
N PHE B 278 -26.93 6.37 -27.53
CA PHE B 278 -25.54 6.47 -27.98
C PHE B 278 -24.93 5.17 -28.38
N PHE B 279 -25.71 4.07 -28.36
CA PHE B 279 -25.16 2.79 -28.78
C PHE B 279 -24.66 2.83 -30.18
N PRO B 280 -23.63 2.05 -30.50
CA PRO B 280 -23.33 1.87 -31.90
C PRO B 280 -24.42 1.11 -32.62
N SER B 281 -24.42 1.18 -33.94
CA SER B 281 -25.56 0.62 -34.68
C SER B 281 -25.58 -0.92 -34.51
N GLY B 282 -26.76 -1.45 -34.37
CA GLY B 282 -26.89 -2.88 -34.21
C GLY B 282 -27.08 -3.25 -32.75
N LEU B 283 -26.56 -2.44 -31.82
CA LEU B 283 -26.53 -2.86 -30.44
C LEU B 283 -27.88 -2.71 -29.82
N LYS B 284 -28.27 -3.66 -28.98
CA LYS B 284 -29.60 -3.61 -28.45
C LYS B 284 -29.65 -4.30 -27.08
N ILE B 285 -30.43 -3.76 -26.14
CA ILE B 285 -30.66 -4.35 -24.88
C ILE B 285 -31.79 -5.36 -24.95
N VAL B 286 -31.63 -6.50 -24.28
CA VAL B 286 -32.68 -7.46 -24.08
C VAL B 286 -32.78 -7.70 -22.61
N TYR B 287 -33.92 -8.21 -22.16
CA TYR B 287 -34.22 -8.44 -20.75
C TYR B 287 -34.53 -9.92 -20.50
N PRO B 288 -33.51 -10.76 -20.30
CA PRO B 288 -33.78 -12.19 -20.25
C PRO B 288 -34.09 -12.77 -18.91
N TYR B 289 -34.08 -11.98 -17.85
CA TYR B 289 -34.31 -12.48 -16.55
C TYR B 289 -34.62 -11.26 -15.68
N ASP B 290 -35.89 -11.10 -15.39
CA ASP B 290 -36.41 -10.08 -14.47
C ASP B 290 -37.06 -10.90 -13.36
N THR B 291 -36.63 -10.82 -12.14
CA THR B 291 -37.46 -11.38 -11.08
C THR B 291 -38.55 -10.33 -10.75
N GLN B 309 -41.96 -15.63 -11.00
CA GLN B 309 -42.63 -16.81 -11.49
C GLN B 309 -42.70 -16.94 -13.00
N GLY B 310 -42.29 -15.94 -13.80
CA GLY B 310 -42.20 -16.15 -15.27
C GLY B 310 -40.78 -16.42 -15.77
N VAL B 311 -39.88 -16.78 -14.85
CA VAL B 311 -38.46 -17.04 -15.09
C VAL B 311 -38.03 -18.22 -14.28
N PHE B 312 -36.91 -18.82 -14.67
CA PHE B 312 -36.18 -19.74 -13.83
C PHE B 312 -34.74 -19.90 -14.36
N MET B 313 -33.93 -20.67 -13.64
CA MET B 313 -32.52 -20.85 -14.00
C MET B 313 -32.27 -22.29 -14.27
N THR B 314 -31.28 -22.58 -15.07
CA THR B 314 -30.74 -23.92 -15.13
C THR B 314 -29.26 -23.87 -14.80
N MET B 315 -28.84 -24.69 -13.84
CA MET B 315 -27.43 -24.82 -13.44
C MET B 315 -26.79 -25.93 -14.23
N VAL B 316 -25.54 -25.74 -14.62
CA VAL B 316 -24.77 -26.74 -15.30
C VAL B 316 -23.49 -26.83 -14.48
N GLN B 317 -23.20 -28.03 -13.96
CA GLN B 317 -22.00 -28.23 -13.13
C GLN B 317 -21.34 -29.51 -13.62
N LEU B 318 -20.20 -29.38 -14.29
CA LEU B 318 -19.42 -30.49 -14.74
C LEU B 318 -18.25 -30.81 -13.70
N PRO B 319 -17.65 -32.01 -13.75
CA PRO B 319 -16.47 -32.36 -12.88
C PRO B 319 -15.30 -31.45 -13.17
N ALA B 320 -14.49 -31.12 -12.16
CA ALA B 320 -13.24 -30.31 -12.39
C ALA B 320 -12.47 -31.06 -13.45
N GLY B 321 -11.78 -30.34 -14.30
CA GLY B 321 -11.13 -31.00 -15.43
C GLY B 321 -11.94 -30.71 -16.70
N ALA B 322 -13.25 -30.53 -16.62
CA ALA B 322 -13.99 -30.28 -17.85
C ALA B 322 -13.52 -28.95 -18.48
N THR B 323 -13.38 -28.97 -19.77
CA THR B 323 -12.99 -27.76 -20.51
C THR B 323 -14.16 -26.86 -20.97
N GLN B 324 -13.84 -25.64 -21.41
CA GLN B 324 -14.82 -24.74 -22.00
C GLN B 324 -15.69 -25.43 -23.11
N GLU B 325 -15.09 -26.21 -23.99
CA GLU B 325 -15.77 -26.92 -25.07
C GLU B 325 -16.82 -27.88 -24.53
N ARG B 326 -16.47 -28.63 -23.51
CA ARG B 326 -17.40 -29.59 -22.99
C ARG B 326 -18.56 -28.94 -22.17
N THR B 327 -18.27 -27.88 -21.41
CA THR B 327 -19.39 -27.17 -20.73
C THR B 327 -20.39 -26.61 -21.79
N GLN B 328 -19.85 -26.10 -22.89
CA GLN B 328 -20.57 -25.53 -24.01
C GLN B 328 -21.44 -26.54 -24.69
N LYS B 329 -20.96 -27.75 -24.82
CA LYS B 329 -21.78 -28.79 -25.41
C LYS B 329 -22.99 -29.08 -24.55
N VAL B 330 -22.83 -29.08 -23.22
CA VAL B 330 -23.91 -29.30 -22.32
C VAL B 330 -24.90 -28.13 -22.36
N LEU B 331 -24.40 -26.92 -22.32
CA LEU B 331 -25.28 -25.72 -22.42
C LEU B 331 -26.04 -25.65 -23.76
N ASN B 332 -25.40 -26.07 -24.86
CA ASN B 332 -26.07 -26.19 -26.14
C ASN B 332 -27.23 -27.20 -26.10
N GLU B 333 -27.06 -28.32 -25.41
CA GLU B 333 -28.17 -29.25 -25.19
C GLU B 333 -29.34 -28.64 -24.39
N VAL B 334 -29.00 -27.95 -23.31
CA VAL B 334 -29.97 -27.27 -22.46
C VAL B 334 -30.75 -26.22 -23.31
N THR B 335 -30.01 -25.33 -23.95
CA THR B 335 -30.59 -24.29 -24.76
C THR B 335 -31.47 -24.89 -25.85
N HIS B 336 -30.99 -25.92 -26.53
CA HIS B 336 -31.75 -26.56 -27.60
C HIS B 336 -33.09 -27.09 -27.17
N TYR B 337 -33.10 -27.74 -26.01
CA TYR B 337 -34.30 -28.29 -25.38
C TYR B 337 -35.33 -27.15 -25.18
N TYR B 338 -34.88 -26.04 -24.64
CA TYR B 338 -35.84 -24.95 -24.36
C TYR B 338 -36.35 -24.32 -25.68
N LEU B 339 -35.51 -24.26 -26.71
CA LEU B 339 -35.89 -23.61 -27.97
C LEU B 339 -36.59 -24.53 -28.92
N THR B 340 -36.64 -25.82 -28.61
CA THR B 340 -37.38 -26.82 -29.40
C THR B 340 -38.55 -27.43 -28.68
N LYS B 341 -38.29 -28.27 -27.71
CA LYS B 341 -39.37 -28.88 -26.95
C LYS B 341 -40.21 -27.93 -26.18
N GLU B 342 -39.64 -26.86 -25.63
CA GLU B 342 -40.47 -25.89 -24.87
C GLU B 342 -40.75 -24.56 -25.57
N LYS B 343 -40.61 -24.53 -26.88
CA LYS B 343 -40.68 -23.22 -27.58
C LYS B 343 -42.05 -22.54 -27.44
N ASN B 344 -43.10 -23.30 -27.19
CA ASN B 344 -44.39 -22.69 -26.85
C ASN B 344 -44.46 -22.01 -25.48
N ASN B 345 -43.56 -22.30 -24.58
CA ASN B 345 -43.60 -21.68 -23.26
C ASN B 345 -42.45 -20.76 -23.04
N VAL B 346 -41.33 -21.02 -23.69
CA VAL B 346 -40.11 -20.26 -23.47
C VAL B 346 -39.95 -19.13 -24.50
N GLU B 347 -39.74 -17.92 -24.02
CA GLU B 347 -39.48 -16.76 -24.86
C GLU B 347 -37.96 -16.64 -25.15
N SER B 348 -37.15 -16.84 -24.14
CA SER B 348 -35.74 -16.73 -24.34
C SER B 348 -34.89 -17.53 -23.38
N VAL B 349 -33.65 -17.75 -23.82
CA VAL B 349 -32.63 -18.36 -22.99
C VAL B 349 -31.36 -17.51 -23.07
N PHE B 350 -30.83 -17.11 -21.94
CA PHE B 350 -29.55 -16.40 -21.88
C PHE B 350 -28.61 -17.33 -21.19
N ALA B 351 -27.61 -17.81 -21.93
CA ALA B 351 -26.73 -18.84 -21.39
C ALA B 351 -25.31 -18.33 -21.21
N VAL B 352 -24.70 -18.65 -20.07
CA VAL B 352 -23.39 -18.19 -19.75
C VAL B 352 -22.47 -19.37 -19.52
N ASN B 353 -21.40 -19.46 -20.31
CA ASN B 353 -20.41 -20.51 -20.17
C ASN B 353 -19.25 -19.92 -19.35
N GLY B 354 -18.95 -20.55 -18.22
CA GLY B 354 -17.81 -20.17 -17.41
C GLY B 354 -18.14 -19.51 -16.09
N PHE B 355 -19.40 -19.33 -15.82
CA PHE B 355 -19.80 -18.74 -14.58
C PHE B 355 -21.01 -19.53 -14.24
N GLY B 356 -21.17 -19.91 -12.99
CA GLY B 356 -22.44 -20.45 -12.56
C GLY B 356 -22.71 -20.18 -11.10
N PHE B 357 -23.84 -20.70 -10.63
CA PHE B 357 -24.11 -20.90 -9.20
C PHE B 357 -22.79 -21.46 -8.67
N ALA B 358 -22.19 -20.80 -7.67
CA ALA B 358 -20.82 -21.09 -7.19
C ALA B 358 -19.80 -20.06 -7.68
N GLY B 359 -20.08 -19.37 -8.79
CA GLY B 359 -19.12 -18.50 -9.45
C GLY B 359 -18.28 -19.19 -10.53
N ARG B 360 -17.02 -18.81 -10.63
CA ARG B 360 -16.30 -18.87 -11.87
C ARG B 360 -15.54 -20.19 -12.03
N GLY B 361 -15.71 -20.81 -13.18
CA GLY B 361 -14.91 -21.95 -13.54
C GLY B 361 -15.21 -22.39 -14.96
N GLN B 362 -14.23 -23.02 -15.53
CA GLN B 362 -14.31 -23.56 -16.86
C GLN B 362 -15.33 -24.76 -16.96
N ASN B 363 -15.74 -25.30 -15.82
CA ASN B 363 -16.57 -26.53 -15.77
C ASN B 363 -17.97 -26.21 -15.33
N THR B 364 -18.42 -24.94 -15.41
CA THR B 364 -19.70 -24.53 -14.90
C THR B 364 -20.35 -23.56 -15.88
N GLY B 365 -21.68 -23.48 -15.77
CA GLY B 365 -22.48 -22.65 -16.64
C GLY B 365 -23.79 -22.40 -16.01
N ILE B 366 -24.51 -21.44 -16.55
CA ILE B 366 -25.85 -21.18 -16.10
C ILE B 366 -26.68 -20.70 -17.26
N ALA B 367 -27.97 -21.08 -17.27
CA ALA B 367 -28.90 -20.56 -18.27
C ALA B 367 -30.05 -19.88 -17.57
N PHE B 368 -30.27 -18.62 -17.94
CA PHE B 368 -31.41 -17.91 -17.47
C PHE B 368 -32.55 -18.02 -18.49
N VAL B 369 -33.68 -18.53 -18.04
CA VAL B 369 -34.81 -18.84 -18.91
C VAL B 369 -36.00 -17.92 -18.65
N SER B 370 -36.48 -17.27 -19.71
CA SER B 370 -37.63 -16.40 -19.58
C SER B 370 -38.83 -16.97 -20.31
N LEU B 371 -39.97 -17.07 -19.62
CA LEU B 371 -41.18 -17.64 -20.19
C LEU B 371 -42.03 -16.62 -20.88
N LYS B 372 -42.84 -17.11 -21.81
CA LYS B 372 -43.90 -16.31 -22.43
C LYS B 372 -44.92 -15.87 -21.38
N ASP B 373 -45.80 -14.94 -21.75
CA ASP B 373 -46.84 -14.43 -20.84
C ASP B 373 -47.64 -15.62 -20.32
N TRP B 374 -47.78 -15.64 -19.01
CA TRP B 374 -48.68 -16.46 -18.23
C TRP B 374 -50.00 -16.82 -18.93
N ALA B 375 -50.67 -15.80 -19.43
CA ALA B 375 -51.98 -15.90 -20.03
C ALA B 375 -51.90 -16.71 -21.30
N ASP B 376 -50.72 -16.76 -21.93
CA ASP B 376 -50.49 -17.60 -23.10
C ASP B 376 -49.91 -19.01 -22.85
N ARG B 377 -49.82 -19.38 -21.59
CA ARG B 377 -49.37 -20.72 -21.14
C ARG B 377 -50.47 -21.29 -20.23
N PRO B 378 -51.70 -21.43 -20.79
CA PRO B 378 -52.78 -21.96 -19.96
C PRO B 378 -52.50 -23.42 -19.69
N GLY B 379 -52.96 -23.92 -18.55
CA GLY B 379 -52.82 -25.34 -18.22
C GLY B 379 -51.73 -25.47 -17.17
N GLU B 380 -51.96 -26.32 -16.18
CA GLU B 380 -50.93 -26.43 -15.13
C GLU B 380 -49.61 -27.03 -15.63
N GLU B 381 -49.67 -27.79 -16.71
CA GLU B 381 -48.47 -28.36 -17.34
C GLU B 381 -47.52 -27.31 -18.01
N ASN B 382 -48.04 -26.10 -18.23
CA ASN B 382 -47.27 -25.00 -18.80
C ASN B 382 -46.93 -23.90 -17.78
N LYS B 383 -47.00 -24.22 -16.50
CA LYS B 383 -46.59 -23.33 -15.44
C LYS B 383 -45.18 -23.72 -15.01
N VAL B 384 -44.51 -22.76 -14.38
CA VAL B 384 -43.10 -22.86 -14.06
C VAL B 384 -42.79 -24.15 -13.32
N GLU B 385 -43.60 -24.53 -12.33
CA GLU B 385 -43.24 -25.75 -11.60
C GLU B 385 -43.15 -27.01 -12.50
N ALA B 386 -44.19 -27.28 -13.27
CA ALA B 386 -44.15 -28.38 -14.18
C ALA B 386 -43.02 -28.21 -15.25
N ILE B 387 -42.80 -27.02 -15.78
CA ILE B 387 -41.75 -26.87 -16.84
C ILE B 387 -40.36 -27.25 -16.26
N THR B 388 -40.05 -26.74 -15.07
CA THR B 388 -38.75 -27.01 -14.42
C THR B 388 -38.57 -28.47 -14.09
N MET B 389 -39.63 -29.10 -13.60
CA MET B 389 -39.60 -30.54 -13.33
C MET B 389 -39.39 -31.33 -14.60
N ARG B 390 -40.14 -31.04 -15.66
CA ARG B 390 -39.87 -31.73 -16.94
C ARG B 390 -38.45 -31.48 -17.46
N ALA B 391 -37.92 -30.27 -17.32
CA ALA B 391 -36.58 -29.98 -17.82
C ALA B 391 -35.52 -30.81 -17.03
N THR B 392 -35.63 -30.76 -15.73
CA THR B 392 -34.67 -31.52 -14.89
C THR B 392 -34.73 -32.97 -15.30
N ARG B 393 -35.93 -33.47 -15.54
CA ARG B 393 -36.06 -34.88 -15.94
C ARG B 393 -35.38 -35.10 -17.28
N ALA B 394 -35.60 -34.22 -18.28
CA ALA B 394 -34.94 -34.37 -19.57
C ALA B 394 -33.41 -34.27 -19.50
N PHE B 395 -32.89 -33.49 -18.53
CA PHE B 395 -31.42 -33.32 -18.43
C PHE B 395 -30.75 -34.33 -17.49
N SER B 396 -31.53 -35.18 -16.84
CA SER B 396 -31.03 -36.09 -15.79
C SER B 396 -30.16 -37.18 -16.38
N GLN B 397 -30.25 -37.40 -17.70
CA GLN B 397 -29.46 -38.40 -18.36
C GLN B 397 -28.22 -37.84 -18.98
N ILE B 398 -27.95 -36.53 -18.90
CA ILE B 398 -26.71 -36.01 -19.50
C ILE B 398 -25.50 -36.58 -18.73
N LYS B 399 -24.51 -37.06 -19.46
CA LYS B 399 -23.30 -37.73 -18.94
C LYS B 399 -22.34 -36.82 -18.22
N ASP B 400 -21.89 -37.28 -17.07
CA ASP B 400 -20.86 -36.56 -16.27
C ASP B 400 -21.17 -35.03 -16.15
N ALA B 401 -22.43 -34.69 -15.86
CA ALA B 401 -22.85 -33.30 -15.60
C ALA B 401 -23.99 -33.35 -14.59
N MET B 402 -24.01 -32.41 -13.69
CA MET B 402 -25.18 -32.22 -12.87
C MET B 402 -25.91 -31.03 -13.58
N VAL B 403 -27.11 -31.28 -14.08
CA VAL B 403 -27.87 -30.25 -14.82
C VAL B 403 -29.24 -30.16 -14.20
N PHE B 404 -29.62 -29.03 -13.64
CA PHE B 404 -31.00 -28.88 -13.20
C PHE B 404 -31.59 -27.51 -13.19
N ALA B 405 -32.91 -27.49 -13.30
CA ALA B 405 -33.64 -26.28 -13.47
C ALA B 405 -34.33 -25.98 -12.18
N PHE B 406 -34.30 -24.71 -11.75
CA PHE B 406 -34.85 -24.29 -10.44
C PHE B 406 -35.23 -22.84 -10.43
N ASN B 407 -36.14 -22.51 -9.51
CA ASN B 407 -36.47 -21.13 -9.15
C ASN B 407 -35.67 -20.61 -8.00
N LEU B 408 -35.63 -19.28 -7.91
CA LEU B 408 -34.79 -18.59 -6.93
C LEU B 408 -34.82 -17.07 -7.13
N THR B 418 -34.48 -28.53 0.91
CA THR B 418 -33.54 -28.30 1.99
C THR B 418 -33.43 -29.56 2.92
N GLY B 419 -32.23 -30.16 2.93
CA GLY B 419 -31.74 -31.13 3.91
C GLY B 419 -30.61 -30.56 4.81
N PHE B 420 -29.33 -30.93 4.61
CA PHE B 420 -28.25 -30.47 5.55
C PHE B 420 -26.95 -29.94 4.90
N ASP B 421 -26.18 -29.20 5.69
CA ASP B 421 -24.96 -28.53 5.24
C ASP B 421 -23.83 -28.71 6.29
N PHE B 422 -22.89 -29.63 6.03
CA PHE B 422 -21.93 -30.12 6.99
C PHE B 422 -20.55 -29.63 6.53
N GLU B 423 -19.71 -29.22 7.46
CA GLU B 423 -18.27 -28.98 7.16
C GLU B 423 -17.39 -29.95 7.88
N LEU B 424 -16.54 -30.61 7.13
CA LEU B 424 -15.50 -31.38 7.72
C LEU B 424 -14.28 -30.50 7.85
N ILE B 425 -13.58 -30.56 8.98
CA ILE B 425 -12.53 -29.57 9.30
C ILE B 425 -11.24 -30.21 9.70
N ASP B 426 -10.14 -29.74 9.11
CA ASP B 426 -8.81 -30.06 9.57
C ASP B 426 -8.43 -29.28 10.85
N GLN B 427 -8.46 -29.92 12.01
CA GLN B 427 -8.21 -29.27 13.31
C GLN B 427 -6.77 -29.40 13.78
N ALA B 428 -5.90 -30.06 13.02
CA ALA B 428 -4.56 -30.45 13.55
C ALA B 428 -3.48 -30.36 12.51
N GLY B 429 -3.60 -29.47 11.53
CA GLY B 429 -2.58 -29.35 10.46
C GLY B 429 -2.39 -30.60 9.60
N LEU B 430 -3.43 -31.39 9.44
CA LEU B 430 -3.29 -32.63 8.70
C LEU B 430 -2.95 -32.47 7.21
N GLY B 431 -3.53 -31.44 6.57
CA GLY B 431 -3.22 -31.12 5.17
C GLY B 431 -4.30 -31.75 4.28
N HIS B 432 -4.31 -31.26 3.05
CA HIS B 432 -5.38 -31.53 2.06
C HIS B 432 -5.57 -33.04 1.76
N GLU B 433 -4.49 -33.76 1.58
CA GLU B 433 -4.54 -35.17 1.17
C GLU B 433 -5.19 -36.02 2.26
N LYS B 434 -4.80 -35.78 3.51
CA LYS B 434 -5.43 -36.48 4.57
C LYS B 434 -6.83 -36.07 4.81
N LEU B 435 -7.16 -34.79 4.63
CA LEU B 435 -8.53 -34.39 4.82
C LEU B 435 -9.41 -35.03 3.75
N THR B 436 -8.91 -35.13 2.52
CA THR B 436 -9.66 -35.83 1.47
C THR B 436 -9.95 -37.31 1.84
N GLN B 437 -8.94 -37.98 2.35
CA GLN B 437 -9.10 -39.39 2.80
C GLN B 437 -10.14 -39.52 3.92
N ALA B 438 -10.13 -38.61 4.90
CA ALA B 438 -11.18 -38.58 5.93
C ALA B 438 -12.54 -38.28 5.36
N ARG B 439 -12.60 -37.34 4.43
CA ARG B 439 -13.86 -37.02 3.80
C ARG B 439 -14.43 -38.31 3.10
N ASN B 440 -13.56 -39.02 2.41
CA ASN B 440 -13.95 -40.21 1.63
C ASN B 440 -14.44 -41.32 2.58
N GLN B 441 -13.77 -41.44 3.73
CA GLN B 441 -14.17 -42.40 4.76
C GLN B 441 -15.55 -42.09 5.27
N LEU B 442 -15.83 -40.83 5.53
CA LEU B 442 -17.16 -40.43 5.98
C LEU B 442 -18.21 -40.66 4.89
N LEU B 443 -17.89 -40.34 3.64
CA LEU B 443 -18.88 -40.49 2.56
C LEU B 443 -19.16 -42.00 2.36
N ALA B 444 -18.15 -42.85 2.50
CA ALA B 444 -18.34 -44.31 2.34
C ALA B 444 -19.26 -44.85 3.44
N GLU B 445 -19.03 -44.41 4.67
CA GLU B 445 -19.91 -44.79 5.80
C GLU B 445 -21.31 -44.28 5.64
N ALA B 446 -21.48 -43.04 5.17
CA ALA B 446 -22.80 -42.49 4.95
C ALA B 446 -23.53 -43.33 3.90
N ALA B 447 -22.85 -43.79 2.86
CA ALA B 447 -23.50 -44.56 1.79
C ALA B 447 -23.99 -45.96 2.24
N LYS B 448 -23.48 -46.49 3.36
CA LYS B 448 -24.00 -47.73 4.02
C LYS B 448 -25.22 -47.51 4.92
N HIS B 449 -25.77 -46.30 4.96
CA HIS B 449 -26.99 -46.04 5.72
C HIS B 449 -28.08 -45.38 4.85
N PRO B 450 -28.44 -46.02 3.71
CA PRO B 450 -29.44 -45.45 2.76
C PRO B 450 -30.87 -45.32 3.32
N ASP B 451 -31.17 -46.05 4.37
CA ASP B 451 -32.40 -45.85 5.13
C ASP B 451 -32.49 -44.49 5.87
N MET B 452 -31.33 -43.87 6.16
CA MET B 452 -31.25 -42.62 6.96
C MET B 452 -30.72 -41.38 6.19
N LEU B 453 -29.77 -41.56 5.27
CA LEU B 453 -29.13 -40.45 4.55
C LEU B 453 -29.25 -40.70 3.06
N THR B 454 -29.63 -39.67 2.30
CA THR B 454 -29.59 -39.74 0.83
C THR B 454 -28.69 -38.65 0.21
N SER B 455 -27.94 -39.01 -0.84
CA SER B 455 -27.14 -38.08 -1.67
C SER B 455 -26.11 -37.30 -0.86
N VAL B 456 -25.47 -38.02 0.05
CA VAL B 456 -24.37 -37.45 0.80
C VAL B 456 -23.18 -37.29 -0.13
N ARG B 457 -22.80 -36.03 -0.39
CA ARG B 457 -21.82 -35.69 -1.43
C ARG B 457 -21.01 -34.45 -1.06
N PRO B 458 -19.84 -34.30 -1.66
CA PRO B 458 -19.07 -33.07 -1.48
C PRO B 458 -19.74 -31.98 -2.22
N ASN B 459 -19.74 -30.77 -1.71
CA ASN B 459 -20.10 -29.64 -2.54
C ASN B 459 -19.00 -29.13 -3.48
N GLY B 460 -17.76 -29.43 -3.21
CA GLY B 460 -16.64 -28.93 -4.02
C GLY B 460 -16.09 -29.84 -5.11
N LEU B 461 -14.80 -29.67 -5.40
CA LEU B 461 -14.18 -30.25 -6.55
C LEU B 461 -13.12 -31.22 -6.21
N GLU B 462 -12.92 -32.13 -7.15
CA GLU B 462 -11.96 -33.21 -6.96
C GLU B 462 -10.61 -32.74 -7.46
N ASP B 463 -9.56 -33.30 -6.90
CA ASP B 463 -8.22 -33.02 -7.39
C ASP B 463 -8.10 -33.43 -8.85
N THR B 464 -7.27 -32.73 -9.56
CA THR B 464 -7.05 -32.97 -10.97
C THR B 464 -5.53 -32.98 -11.26
N PRO B 465 -5.12 -33.50 -12.43
CA PRO B 465 -3.69 -33.46 -12.70
C PRO B 465 -3.14 -32.04 -12.88
N GLN B 466 -1.94 -31.81 -12.36
CA GLN B 466 -1.22 -30.61 -12.51
C GLN B 466 0.25 -30.92 -12.84
N PHE B 467 0.90 -29.95 -13.47
CA PHE B 467 2.22 -30.06 -14.07
C PHE B 467 3.20 -29.42 -13.11
N LYS B 468 3.92 -30.25 -12.39
CA LYS B 468 4.84 -29.76 -11.39
C LYS B 468 6.19 -29.61 -12.02
N ILE B 469 6.70 -28.39 -12.02
CA ILE B 469 7.97 -28.06 -12.62
C ILE B 469 8.94 -27.58 -11.50
N ASP B 470 10.10 -28.22 -11.42
CA ASP B 470 11.15 -27.93 -10.45
C ASP B 470 12.27 -27.21 -11.11
N ILE B 471 12.54 -26.00 -10.62
CA ILE B 471 13.63 -25.21 -11.06
C ILE B 471 14.84 -25.64 -10.31
N ASP B 472 15.89 -26.01 -11.04
CA ASP B 472 17.16 -26.44 -10.44
C ASP B 472 18.04 -25.24 -10.13
N GLN B 473 18.09 -24.92 -8.83
CA GLN B 473 18.80 -23.70 -8.33
C GLN B 473 20.27 -23.77 -8.58
N GLU B 474 20.82 -24.97 -8.46
CA GLU B 474 22.23 -25.20 -8.78
C GLU B 474 22.59 -24.90 -10.22
N LYS B 475 21.82 -25.49 -11.14
CA LYS B 475 22.06 -25.28 -12.57
C LYS B 475 21.84 -23.82 -13.00
N ALA B 476 20.82 -23.19 -12.43
CA ALA B 476 20.58 -21.79 -12.70
C ALA B 476 21.75 -20.91 -12.27
N GLN B 477 22.23 -21.12 -11.06
CA GLN B 477 23.41 -20.38 -10.58
C GLN B 477 24.64 -20.69 -11.39
N ALA B 478 24.90 -21.96 -11.68
CA ALA B 478 26.02 -22.31 -12.54
C ALA B 478 25.98 -21.61 -13.88
N LEU B 479 24.80 -21.43 -14.44
CA LEU B 479 24.68 -20.77 -15.72
C LEU B 479 24.60 -19.26 -15.66
N GLY B 480 24.39 -18.69 -14.49
CA GLY B 480 24.24 -17.28 -14.35
C GLY B 480 22.85 -16.82 -14.77
N VAL B 481 21.86 -17.69 -14.61
CA VAL B 481 20.49 -17.34 -14.95
C VAL B 481 19.79 -17.01 -13.64
N SER B 482 19.23 -15.81 -13.61
CA SER B 482 18.51 -15.34 -12.45
C SER B 482 17.14 -16.03 -12.23
N ILE B 483 16.88 -16.43 -10.99
CA ILE B 483 15.61 -17.07 -10.60
C ILE B 483 14.40 -16.15 -10.84
N ASN B 484 14.57 -14.85 -10.63
CA ASN B 484 13.49 -13.94 -10.90
C ASN B 484 13.24 -13.85 -12.40
N ASP B 485 14.26 -13.94 -13.24
CA ASP B 485 14.03 -13.91 -14.71
C ASP B 485 13.33 -15.24 -15.12
N ILE B 486 13.74 -16.34 -14.50
CA ILE B 486 13.06 -17.62 -14.76
C ILE B 486 11.56 -17.58 -14.37
N ASN B 487 11.28 -17.20 -13.12
CA ASN B 487 9.93 -17.20 -12.67
C ASN B 487 9.04 -16.18 -13.38
N THR B 488 9.55 -15.01 -13.73
CA THR B 488 8.82 -14.07 -14.56
C THR B 488 8.58 -14.60 -15.93
N THR B 489 9.59 -15.20 -16.55
CA THR B 489 9.40 -15.73 -17.86
C THR B 489 8.30 -16.80 -17.89
N LEU B 490 8.29 -17.67 -16.92
CA LEU B 490 7.37 -18.79 -16.83
C LEU B 490 5.96 -18.26 -16.61
N GLY B 491 5.86 -17.41 -15.62
CA GLY B 491 4.55 -16.86 -15.24
C GLY B 491 3.93 -15.92 -16.27
N ALA B 492 4.73 -15.03 -16.75
CA ALA B 492 4.21 -14.09 -17.74
C ALA B 492 3.77 -14.83 -19.00
N ALA B 493 4.57 -15.78 -19.46
CA ALA B 493 4.22 -16.49 -20.67
C ALA B 493 3.02 -17.42 -20.51
N TRP B 494 2.99 -18.21 -19.42
CA TRP B 494 2.00 -19.24 -19.32
C TRP B 494 0.79 -18.81 -18.54
N GLY B 495 0.92 -17.71 -17.79
CA GLY B 495 -0.15 -17.22 -16.94
C GLY B 495 -0.69 -15.85 -17.30
N GLY B 496 0.12 -15.01 -17.89
CA GLY B 496 -0.28 -13.68 -18.16
C GLY B 496 0.27 -12.78 -17.08
N SER B 497 0.53 -11.53 -17.38
CA SER B 497 0.96 -10.58 -16.36
C SER B 497 0.38 -9.21 -16.75
N TYR B 498 -0.22 -8.56 -15.77
CA TYR B 498 -0.77 -7.20 -15.87
C TYR B 498 0.40 -6.26 -15.67
N VAL B 499 0.78 -5.55 -16.73
CA VAL B 499 1.95 -4.72 -16.70
C VAL B 499 1.62 -3.29 -16.13
N ASN B 500 0.71 -2.59 -16.78
CA ASN B 500 0.32 -1.23 -16.44
C ASN B 500 -0.93 -0.86 -17.26
N ASP B 501 -1.34 0.41 -17.21
CA ASP B 501 -2.56 0.81 -17.83
C ASP B 501 -2.29 1.62 -19.10
N PHE B 502 -3.31 1.65 -19.95
CA PHE B 502 -3.28 2.45 -21.15
C PHE B 502 -4.66 3.06 -21.28
N ILE B 503 -4.87 3.88 -22.31
CA ILE B 503 -6.10 4.60 -22.56
C ILE B 503 -6.70 4.20 -23.85
N ASP B 504 -7.80 3.46 -23.78
CA ASP B 504 -8.54 2.99 -24.94
C ASP B 504 -9.78 3.85 -25.18
N ARG B 505 -9.78 4.64 -26.24
CA ARG B 505 -10.90 5.50 -26.59
C ARG B 505 -11.32 6.32 -25.38
N GLY B 506 -10.34 6.91 -24.74
CA GLY B 506 -10.59 7.76 -23.53
C GLY B 506 -10.71 7.07 -22.18
N ARG B 507 -10.66 5.72 -22.12
CA ARG B 507 -10.90 5.03 -20.84
C ARG B 507 -9.71 4.27 -20.43
N VAL B 508 -9.37 4.41 -19.15
CA VAL B 508 -8.23 3.66 -18.59
C VAL B 508 -8.60 2.19 -18.58
N LYS B 509 -7.73 1.38 -19.15
CA LYS B 509 -7.87 -0.08 -19.18
C LYS B 509 -6.44 -0.71 -19.02
N LYS B 510 -6.38 -2.04 -18.90
CA LYS B 510 -5.13 -2.75 -18.54
C LYS B 510 -4.35 -3.20 -19.80
N VAL B 511 -3.07 -3.42 -19.59
CA VAL B 511 -2.16 -4.03 -20.57
C VAL B 511 -1.65 -5.32 -19.96
N TYR B 512 -1.79 -6.40 -20.74
CA TYR B 512 -1.32 -7.71 -20.37
C TYR B 512 -0.32 -8.30 -21.36
N VAL B 513 0.71 -8.96 -20.83
CA VAL B 513 1.61 -9.70 -21.69
C VAL B 513 1.30 -11.20 -21.39
N MET B 514 1.44 -12.03 -22.41
CA MET B 514 1.27 -13.51 -22.27
C MET B 514 1.76 -14.17 -23.53
N SER B 515 2.09 -15.45 -23.49
CA SER B 515 2.43 -16.15 -24.73
C SER B 515 1.20 -16.24 -25.62
N GLU B 516 1.43 -16.05 -26.90
CA GLU B 516 0.45 -16.44 -27.92
C GLU B 516 0.08 -17.93 -27.65
N ALA B 517 -1.16 -18.26 -27.86
CA ALA B 517 -1.72 -19.55 -27.45
C ALA B 517 -0.91 -20.77 -27.86
N LYS B 518 -0.44 -20.74 -29.10
CA LYS B 518 0.20 -21.93 -29.68
C LYS B 518 1.57 -22.24 -29.04
N TYR B 519 2.19 -21.30 -28.30
CA TYR B 519 3.43 -21.61 -27.57
C TYR B 519 3.26 -21.96 -26.09
N ARG B 520 2.02 -22.12 -25.65
CA ARG B 520 1.72 -22.49 -24.27
C ARG B 520 0.63 -23.56 -24.15
N MET B 521 0.62 -24.52 -25.07
CA MET B 521 -0.42 -25.55 -25.07
C MET B 521 0.02 -26.92 -24.51
N LEU B 522 1.27 -27.29 -24.73
CA LEU B 522 1.77 -28.61 -24.41
C LEU B 522 3.09 -28.60 -23.65
N PRO B 523 3.38 -29.71 -22.91
CA PRO B 523 4.56 -29.79 -22.07
C PRO B 523 5.86 -29.51 -22.80
N ASP B 524 6.01 -30.02 -24.01
CA ASP B 524 7.22 -29.70 -24.81
C ASP B 524 7.40 -28.21 -25.10
N ASP B 525 6.33 -27.42 -25.08
CA ASP B 525 6.45 -25.98 -25.30
C ASP B 525 7.28 -25.29 -24.20
N ILE B 526 7.32 -25.84 -22.99
CA ILE B 526 8.14 -25.28 -21.89
C ILE B 526 9.57 -25.05 -22.35
N GLY B 527 10.09 -26.02 -23.10
CA GLY B 527 11.40 -26.04 -23.63
C GLY B 527 11.74 -25.04 -24.73
N ASP B 528 10.77 -24.37 -25.29
CA ASP B 528 11.02 -23.39 -26.32
C ASP B 528 11.18 -21.96 -25.77
N TRP B 529 10.98 -21.79 -24.46
CA TRP B 529 11.16 -20.50 -23.79
C TRP B 529 12.60 -20.39 -23.29
N TYR B 530 13.24 -19.29 -23.63
CA TYR B 530 14.63 -19.07 -23.29
C TYR B 530 14.76 -17.86 -22.35
N VAL B 531 15.76 -17.92 -21.46
CA VAL B 531 16.05 -16.85 -20.50
C VAL B 531 17.48 -16.41 -20.73
N ARG B 532 17.80 -15.12 -20.58
CA ARG B 532 19.14 -14.60 -20.87
C ARG B 532 19.96 -14.67 -19.56
N ALA B 533 21.08 -15.33 -19.58
CA ALA B 533 22.04 -15.37 -18.49
C ALA B 533 22.79 -14.05 -18.37
N ALA B 534 23.38 -13.83 -17.18
CA ALA B 534 24.25 -12.68 -16.89
C ALA B 534 25.32 -12.46 -17.97
N ASP B 535 25.85 -13.53 -18.54
CA ASP B 535 26.82 -13.39 -19.63
C ASP B 535 26.24 -13.15 -21.04
N GLY B 536 24.93 -12.99 -21.17
CA GLY B 536 24.29 -12.76 -22.46
C GLY B 536 23.85 -14.01 -23.23
N GLN B 537 24.21 -15.19 -22.79
CA GLN B 537 23.73 -16.36 -23.45
C GLN B 537 22.23 -16.60 -23.21
N MET B 538 21.56 -17.17 -24.22
CA MET B 538 20.17 -17.66 -24.10
C MET B 538 20.15 -19.09 -23.66
N VAL B 539 19.41 -19.39 -22.59
CA VAL B 539 19.35 -20.67 -21.97
C VAL B 539 17.92 -21.14 -22.06
N PRO B 540 17.70 -22.31 -22.68
CA PRO B 540 16.36 -22.84 -22.72
C PRO B 540 15.95 -23.37 -21.31
N PHE B 541 14.65 -23.39 -21.09
CA PHE B 541 14.11 -23.78 -19.82
C PHE B 541 14.44 -25.21 -19.47
N SER B 542 14.62 -26.01 -20.52
CA SER B 542 14.93 -27.40 -20.33
C SER B 542 16.29 -27.57 -19.66
N ALA B 543 17.21 -26.62 -19.78
CA ALA B 543 18.53 -26.81 -19.18
C ALA B 543 18.56 -26.77 -17.62
N PHE B 544 17.56 -26.16 -17.01
CA PHE B 544 17.52 -25.93 -15.58
C PHE B 544 16.22 -26.29 -14.94
N SER B 545 15.42 -27.16 -15.57
CA SER B 545 14.15 -27.55 -15.01
C SER B 545 13.86 -29.00 -15.27
N SER B 546 12.97 -29.55 -14.49
CA SER B 546 12.46 -30.90 -14.75
C SER B 546 11.02 -30.91 -14.33
N SER B 547 10.21 -31.83 -14.83
CA SER B 547 8.79 -31.75 -14.56
C SER B 547 8.15 -33.12 -14.46
N ARG B 548 7.03 -33.20 -13.73
CA ARG B 548 6.27 -34.43 -13.57
C ARG B 548 4.83 -34.12 -13.39
N TRP B 549 3.99 -35.10 -13.69
CA TRP B 549 2.55 -35.01 -13.35
C TRP B 549 2.31 -35.37 -11.90
N GLU B 550 1.37 -34.67 -11.27
CA GLU B 550 0.90 -35.02 -9.94
C GLU B 550 -0.57 -34.55 -9.82
N TYR B 551 -1.24 -34.84 -8.72
CA TYR B 551 -2.58 -34.31 -8.48
C TYR B 551 -2.53 -33.16 -7.45
N GLY B 552 -3.46 -32.23 -7.57
CA GLY B 552 -3.69 -31.23 -6.58
C GLY B 552 -5.06 -30.64 -6.78
N SER B 553 -5.43 -29.72 -5.87
CA SER B 553 -6.76 -29.21 -5.78
C SER B 553 -6.98 -27.99 -6.72
N PRO B 554 -8.12 -27.97 -7.44
CA PRO B 554 -8.54 -26.76 -8.17
C PRO B 554 -9.39 -25.81 -7.36
N ARG B 555 -9.71 -26.19 -6.14
CA ARG B 555 -10.51 -25.40 -5.26
C ARG B 555 -10.35 -25.90 -3.81
N LEU B 556 -9.66 -25.10 -3.04
CA LEU B 556 -9.36 -25.30 -1.64
C LEU B 556 -10.35 -24.52 -0.82
N GLU B 557 -10.99 -25.19 0.12
CA GLU B 557 -12.03 -24.56 0.97
C GLU B 557 -11.50 -24.37 2.38
N ARG B 558 -12.02 -23.36 3.06
CA ARG B 558 -11.78 -23.15 4.45
C ARG B 558 -13.06 -22.68 5.15
N TYR B 559 -13.10 -23.00 6.43
CA TYR B 559 -14.22 -22.72 7.30
C TYR B 559 -13.71 -22.27 8.69
N ASN B 560 -14.15 -21.07 9.11
CA ASN B 560 -13.61 -20.40 10.26
C ASN B 560 -12.09 -20.51 10.35
N GLY B 561 -11.44 -20.26 9.22
CA GLY B 561 -9.98 -20.14 9.20
C GLY B 561 -9.15 -21.39 9.07
N LEU B 562 -9.83 -22.55 9.00
CA LEU B 562 -9.21 -23.88 8.93
C LEU B 562 -9.60 -24.58 7.63
N PRO B 563 -8.73 -25.43 7.10
CA PRO B 563 -9.05 -26.20 5.94
C PRO B 563 -10.30 -27.03 6.14
N SER B 564 -11.15 -27.04 5.12
CA SER B 564 -12.48 -27.67 5.24
C SER B 564 -12.96 -28.28 3.97
N MET B 565 -13.96 -29.15 4.08
CA MET B 565 -14.61 -29.75 2.90
C MET B 565 -16.10 -29.79 3.19
N GLU B 566 -16.85 -29.09 2.36
CA GLU B 566 -18.31 -28.97 2.60
C GLU B 566 -18.98 -30.24 2.08
N ILE B 567 -19.87 -30.79 2.89
CA ILE B 567 -20.60 -32.04 2.55
C ILE B 567 -22.09 -31.68 2.59
N LEU B 568 -22.82 -31.99 1.52
CA LEU B 568 -24.26 -31.83 1.54
C LEU B 568 -24.94 -33.21 1.57
N GLY B 569 -26.20 -33.21 1.99
CA GLY B 569 -27.02 -34.44 2.00
C GLY B 569 -28.41 -34.12 2.51
N GLN B 570 -29.24 -35.15 2.65
CA GLN B 570 -30.59 -35.00 3.21
C GLN B 570 -30.99 -36.27 3.93
N ALA B 571 -31.96 -36.11 4.83
CA ALA B 571 -32.63 -37.23 5.45
C ALA B 571 -33.26 -38.16 4.35
N ALA B 572 -33.15 -39.48 4.52
CA ALA B 572 -33.87 -40.44 3.63
C ALA B 572 -35.43 -40.32 3.87
N PRO B 573 -36.27 -40.72 2.86
CA PRO B 573 -37.76 -40.59 2.99
C PRO B 573 -38.29 -41.15 4.32
N GLY B 574 -39.13 -40.37 5.00
CA GLY B 574 -39.68 -40.75 6.32
C GLY B 574 -38.76 -40.56 7.52
N LYS B 575 -37.86 -39.57 7.45
CA LYS B 575 -36.89 -39.33 8.53
C LYS B 575 -36.78 -37.84 8.72
N SER B 576 -36.55 -37.40 9.95
CA SER B 576 -36.46 -35.98 10.23
C SER B 576 -35.03 -35.55 9.87
N THR B 577 -34.88 -34.27 9.54
CA THR B 577 -33.55 -33.74 9.34
C THR B 577 -32.65 -33.99 10.56
N GLY B 578 -33.20 -33.81 11.77
CA GLY B 578 -32.44 -34.01 13.04
C GLY B 578 -31.89 -35.41 13.26
N GLU B 579 -32.61 -36.40 12.76
CA GLU B 579 -32.17 -37.79 12.82
C GLU B 579 -31.00 -38.00 11.84
N ALA B 580 -31.14 -37.45 10.63
CA ALA B 580 -30.08 -37.46 9.63
C ALA B 580 -28.81 -36.78 10.21
N MET B 581 -28.98 -35.61 10.80
CA MET B 581 -27.85 -34.91 11.46
C MET B 581 -27.20 -35.69 12.60
N GLU B 582 -28.02 -36.31 13.47
CA GLU B 582 -27.48 -37.07 14.60
C GLU B 582 -26.62 -38.21 14.08
N LEU B 583 -27.08 -38.84 13.01
CA LEU B 583 -26.29 -39.93 12.42
C LEU B 583 -24.94 -39.41 11.82
N MET B 584 -25.02 -38.34 11.06
CA MET B 584 -23.77 -37.68 10.54
C MET B 584 -22.74 -37.41 11.68
N GLU B 585 -23.22 -36.91 12.82
CA GLU B 585 -22.38 -36.64 14.00
C GLU B 585 -21.74 -37.90 14.55
N GLN B 586 -22.51 -38.99 14.56
CA GLN B 586 -22.02 -40.27 15.03
C GLN B 586 -20.97 -40.80 14.07
N LEU B 587 -21.23 -40.76 12.76
CA LEU B 587 -20.22 -41.21 11.83
C LEU B 587 -18.93 -40.35 11.93
N ALA B 588 -19.13 -39.04 12.04
CA ALA B 588 -18.03 -38.08 12.26
C ALA B 588 -17.15 -38.37 13.48
N SER B 589 -17.74 -38.93 14.56
CA SER B 589 -16.94 -39.23 15.77
C SER B 589 -15.97 -40.40 15.61
N LYS B 590 -16.05 -41.13 14.52
CA LYS B 590 -15.16 -42.25 14.19
C LYS B 590 -14.09 -41.94 13.14
N LEU B 591 -13.81 -40.66 12.86
CA LEU B 591 -12.91 -40.29 11.75
C LEU B 591 -11.51 -40.23 12.30
N PRO B 592 -10.47 -40.13 11.45
CA PRO B 592 -9.11 -40.06 11.98
C PRO B 592 -8.86 -38.89 12.95
N THR B 593 -7.86 -39.03 13.80
CA THR B 593 -7.53 -38.01 14.80
C THR B 593 -7.21 -36.70 14.06
N GLY B 594 -7.71 -35.63 14.64
CA GLY B 594 -7.51 -34.31 14.11
C GLY B 594 -8.56 -33.81 13.15
N VAL B 595 -9.60 -34.61 12.87
CA VAL B 595 -10.63 -34.22 11.93
C VAL B 595 -11.85 -33.89 12.73
N GLY B 596 -12.32 -32.64 12.64
CA GLY B 596 -13.56 -32.26 13.30
C GLY B 596 -14.65 -31.94 12.31
N TYR B 597 -15.70 -31.29 12.80
CA TYR B 597 -16.79 -30.88 11.95
C TYR B 597 -17.63 -29.82 12.56
N ASP B 598 -18.45 -29.19 11.71
CA ASP B 598 -19.39 -28.22 12.19
C ASP B 598 -20.55 -28.15 11.22
N TRP B 599 -21.68 -27.67 11.70
CA TRP B 599 -22.87 -27.44 10.87
C TRP B 599 -22.94 -26.00 10.41
N THR B 600 -23.32 -25.75 9.17
CA THR B 600 -23.40 -24.37 8.70
C THR B 600 -24.67 -24.18 7.89
N GLY B 601 -24.88 -22.95 7.44
CA GLY B 601 -25.95 -22.58 6.49
C GLY B 601 -27.29 -22.95 7.11
N MET B 602 -28.14 -23.61 6.32
CA MET B 602 -29.45 -24.14 6.76
C MET B 602 -29.36 -25.01 8.02
N SER B 603 -28.25 -25.73 8.25
CA SER B 603 -28.12 -26.53 9.45
C SER B 603 -27.62 -25.80 10.66
N TYR B 604 -27.26 -24.53 10.56
CA TYR B 604 -26.88 -23.81 11.75
C TYR B 604 -28.14 -23.35 12.50
N ALA C 1 -29.86 21.84 0.93
CA ALA C 1 -28.85 21.46 -0.12
C ALA C 1 -28.51 19.97 0.00
N PRO C 2 -28.40 19.23 -1.13
CA PRO C 2 -28.10 17.80 -0.94
C PRO C 2 -26.69 17.60 -0.31
N PRO C 3 -26.51 16.59 0.51
CA PRO C 3 -25.18 16.36 1.09
C PRO C 3 -24.16 15.97 0.00
N ALA C 4 -22.95 16.47 0.12
CA ALA C 4 -21.88 16.13 -0.80
C ALA C 4 -20.63 15.73 -0.09
N VAL C 5 -19.85 14.87 -0.73
CA VAL C 5 -18.57 14.42 -0.22
C VAL C 5 -17.52 14.74 -1.36
N THR C 6 -16.38 15.26 -0.98
CA THR C 6 -15.33 15.58 -1.94
C THR C 6 -14.10 14.74 -1.65
N ILE C 7 -13.56 14.12 -2.67
CA ILE C 7 -12.28 13.44 -2.62
C ILE C 7 -11.24 14.40 -3.22
N SER C 8 -10.10 14.63 -2.57
CA SER C 8 -9.11 15.57 -3.06
C SER C 8 -7.80 14.87 -3.12
N ALA C 9 -7.11 14.95 -4.26
CA ALA C 9 -5.81 14.37 -4.37
C ALA C 9 -4.86 15.32 -5.07
N SER C 10 -3.58 15.07 -4.87
CA SER C 10 -2.55 15.97 -5.42
C SER C 10 -1.46 15.12 -6.04
N TYR C 11 -0.91 15.56 -7.19
CA TYR C 11 0.15 14.85 -7.89
C TYR C 11 1.14 15.97 -8.28
N PRO C 12 2.10 16.29 -7.42
CA PRO C 12 2.98 17.47 -7.68
C PRO C 12 3.67 17.42 -9.05
N GLY C 13 3.60 18.50 -9.81
CA GLY C 13 4.26 18.53 -11.13
C GLY C 13 3.46 17.88 -12.27
N ALA C 14 2.26 17.36 -11.98
CA ALA C 14 1.42 16.70 -12.99
C ALA C 14 0.53 17.71 -13.71
N ASP C 15 0.44 17.51 -15.03
CA ASP C 15 -0.54 18.19 -15.91
C ASP C 15 -1.95 17.58 -15.79
N ALA C 16 -2.93 18.29 -16.31
CA ALA C 16 -4.35 17.91 -16.15
C ALA C 16 -4.63 16.47 -16.67
N LYS C 17 -4.08 16.13 -17.83
CA LYS C 17 -4.27 14.84 -18.44
C LYS C 17 -3.63 13.72 -17.65
N THR C 18 -2.43 13.96 -17.16
CA THR C 18 -1.75 13.03 -16.29
C THR C 18 -2.53 12.72 -15.03
N VAL C 19 -3.04 13.76 -14.38
CA VAL C 19 -3.87 13.59 -13.17
C VAL C 19 -5.13 12.80 -13.49
N GLN C 20 -5.86 13.26 -14.51
CA GLN C 20 -7.11 12.61 -14.95
C GLN C 20 -6.91 11.11 -15.25
N ASP C 21 -5.84 10.78 -15.93
CA ASP C 21 -5.69 9.42 -16.48
C ASP C 21 -4.95 8.44 -15.57
N THR C 22 -4.29 8.94 -14.50
CA THR C 22 -3.62 8.06 -13.54
C THR C 22 -4.36 8.11 -12.21
N VAL C 23 -5.17 9.13 -11.99
CA VAL C 23 -5.87 9.26 -10.72
C VAL C 23 -7.37 9.34 -10.84
N THR C 24 -7.88 10.37 -11.46
CA THR C 24 -9.35 10.58 -11.49
C THR C 24 -10.14 9.42 -12.03
N GLN C 25 -9.80 8.94 -13.20
CA GLN C 25 -10.52 7.81 -13.80
C GLN C 25 -10.46 6.58 -12.92
N VAL C 26 -9.31 6.34 -12.27
CA VAL C 26 -9.12 5.14 -11.47
C VAL C 26 -10.01 5.21 -10.23
N ILE C 27 -10.03 6.39 -9.59
CA ILE C 27 -10.95 6.63 -8.48
C ILE C 27 -12.41 6.49 -8.93
N GLU C 28 -12.77 7.12 -10.04
CA GLU C 28 -14.20 7.12 -10.50
C GLU C 28 -14.68 5.69 -10.78
N GLN C 29 -13.80 4.92 -11.41
CA GLN C 29 -14.08 3.50 -11.67
C GLN C 29 -14.28 2.64 -10.42
N ASN C 30 -13.85 3.09 -9.27
CA ASN C 30 -14.03 2.40 -7.99
C ASN C 30 -15.13 2.98 -7.10
N MET C 31 -15.94 3.91 -7.63
CA MET C 31 -16.99 4.56 -6.85
C MET C 31 -18.38 3.84 -6.94
N ASN C 32 -18.32 2.53 -6.97
CA ASN C 32 -19.52 1.68 -6.99
C ASN C 32 -19.87 1.19 -5.61
N GLY C 33 -21.09 0.71 -5.48
CA GLY C 33 -21.54 0.05 -4.27
C GLY C 33 -21.78 1.07 -3.21
N ILE C 34 -21.92 2.35 -3.59
CA ILE C 34 -22.21 3.44 -2.68
C ILE C 34 -23.71 3.84 -2.75
N ASP C 35 -24.41 3.80 -1.61
CA ASP C 35 -25.87 4.07 -1.55
C ASP C 35 -26.19 5.52 -1.79
N ASN C 36 -27.35 5.81 -2.40
CA ASN C 36 -27.96 7.15 -2.46
C ASN C 36 -27.22 8.21 -3.27
N LEU C 37 -26.41 7.77 -4.25
CA LEU C 37 -25.61 8.67 -5.03
C LEU C 37 -26.45 9.24 -6.12
N MET C 38 -26.56 10.55 -6.16
CA MET C 38 -27.33 11.14 -7.29
C MET C 38 -26.45 11.38 -8.51
N TYR C 39 -25.28 11.97 -8.31
CA TYR C 39 -24.34 12.18 -9.39
C TYR C 39 -22.94 12.42 -8.85
N MET C 40 -21.96 12.39 -9.75
CA MET C 40 -20.54 12.47 -9.42
C MET C 40 -19.97 13.46 -10.46
N SER C 41 -19.07 14.36 -10.05
CA SER C 41 -18.48 15.39 -10.89
CA SER C 41 -18.45 15.33 -10.95
C SER C 41 -16.98 15.48 -10.53
N SER C 42 -16.08 15.69 -11.47
CA SER C 42 -14.69 15.82 -11.14
C SER C 42 -14.01 16.89 -12.01
N ASN C 43 -12.90 17.42 -11.52
CA ASN C 43 -11.98 18.34 -12.22
C ASN C 43 -10.61 17.86 -11.97
N SER C 44 -9.81 17.83 -13.03
CA SER C 44 -8.42 17.47 -12.94
C SER C 44 -7.66 18.63 -13.56
N ASP C 45 -6.67 19.19 -12.87
CA ASP C 45 -6.07 20.44 -13.35
C ASP C 45 -4.57 20.45 -13.51
N SER C 46 -4.07 21.54 -14.12
CA SER C 46 -2.66 21.67 -14.39
C SER C 46 -1.84 21.99 -13.18
N THR C 47 -2.45 22.26 -12.04
CA THR C 47 -1.65 22.35 -10.79
C THR C 47 -1.49 20.98 -10.14
N GLY C 48 -1.90 19.91 -10.80
CA GLY C 48 -1.76 18.56 -10.34
C GLY C 48 -2.82 18.19 -9.31
N THR C 49 -3.98 18.83 -9.36
CA THR C 49 -5.02 18.61 -8.37
C THR C 49 -6.25 17.95 -8.97
N VAL C 50 -6.85 17.03 -8.22
CA VAL C 50 -8.16 16.49 -8.58
C VAL C 50 -9.13 16.67 -7.44
N GLN C 51 -10.33 17.10 -7.77
CA GLN C 51 -11.42 17.10 -6.86
C GLN C 51 -12.58 16.32 -7.48
N ILE C 52 -12.98 15.27 -6.78
CA ILE C 52 -14.15 14.46 -7.16
C ILE C 52 -15.25 14.72 -6.11
N THR C 53 -16.40 15.19 -6.58
CA THR C 53 -17.53 15.48 -5.73
C THR C 53 -18.67 14.52 -6.02
N LEU C 54 -19.10 13.85 -4.95
CA LEU C 54 -20.19 12.92 -4.98
C LEU C 54 -21.37 13.63 -4.21
N THR C 55 -22.50 13.76 -4.87
CA THR C 55 -23.72 14.38 -4.32
C THR C 55 -24.78 13.33 -4.16
N PHE C 56 -25.35 13.28 -2.95
CA PHE C 56 -26.24 12.31 -2.44
C PHE C 56 -27.70 12.88 -2.33
N GLU C 57 -28.67 11.99 -2.40
CA GLU C 57 -30.11 12.29 -2.23
C GLU C 57 -30.34 13.08 -0.97
N SER C 58 -31.27 14.03 -0.96
CA SER C 58 -31.57 14.74 0.30
C SER C 58 -32.04 13.76 1.33
N GLY C 59 -31.55 13.93 2.54
CA GLY C 59 -31.82 13.04 3.65
C GLY C 59 -30.87 11.87 3.83
N THR C 60 -29.87 11.70 2.96
CA THR C 60 -28.80 10.74 3.22
C THR C 60 -28.02 11.24 4.40
N ASP C 61 -27.64 10.34 5.26
CA ASP C 61 -26.73 10.68 6.36
C ASP C 61 -25.31 10.94 5.77
N ALA C 62 -24.79 12.17 5.89
CA ALA C 62 -23.50 12.56 5.30
C ALA C 62 -22.30 11.80 5.87
N ASP C 63 -22.38 11.35 7.13
CA ASP C 63 -21.38 10.52 7.71
C ASP C 63 -21.34 9.14 7.09
N ILE C 64 -22.51 8.54 6.86
CA ILE C 64 -22.57 7.24 6.24
C ILE C 64 -22.06 7.33 4.77
N ALA C 65 -22.50 8.35 4.05
CA ALA C 65 -21.98 8.63 2.67
C ALA C 65 -20.43 8.77 2.69
N GLN C 66 -19.92 9.57 3.61
CA GLN C 66 -18.49 9.78 3.73
C GLN C 66 -17.66 8.52 3.99
N VAL C 67 -18.11 7.71 4.93
CA VAL C 67 -17.46 6.46 5.19
C VAL C 67 -17.54 5.49 4.01
N GLN C 68 -18.69 5.37 3.33
CA GLN C 68 -18.74 4.50 2.18
C GLN C 68 -17.83 4.96 1.05
N VAL C 69 -17.75 6.26 0.85
CA VAL C 69 -16.83 6.75 -0.17
C VAL C 69 -15.37 6.46 0.22
N GLN C 70 -15.04 6.78 1.44
CA GLN C 70 -13.67 6.63 1.92
C GLN C 70 -13.24 5.19 1.81
N ASN C 71 -14.11 4.24 2.17
CA ASN C 71 -13.69 2.83 2.07
C ASN C 71 -13.41 2.41 0.64
N LYS C 72 -14.23 2.87 -0.31
CA LYS C 72 -14.03 2.51 -1.71
C LYS C 72 -12.75 3.15 -2.22
N LEU C 73 -12.48 4.37 -1.81
CA LEU C 73 -11.26 5.03 -2.21
C LEU C 73 -10.04 4.26 -1.64
N GLN C 74 -10.13 3.88 -0.37
CA GLN C 74 -9.00 3.25 0.30
C GLN C 74 -8.69 1.95 -0.30
N LEU C 75 -9.68 1.19 -0.75
CA LEU C 75 -9.39 -0.03 -1.46
C LEU C 75 -8.78 0.18 -2.85
N ALA C 76 -8.96 1.36 -3.47
CA ALA C 76 -8.33 1.70 -4.75
C ALA C 76 -6.96 2.35 -4.56
N MET C 77 -6.51 2.56 -3.34
CA MET C 77 -5.23 3.29 -3.11
C MET C 77 -4.04 2.63 -3.80
N PRO C 78 -3.97 1.30 -3.83
CA PRO C 78 -2.79 0.72 -4.46
C PRO C 78 -2.79 0.85 -5.98
N LEU C 79 -3.92 1.26 -6.59
CA LEU C 79 -4.02 1.54 -7.98
C LEU C 79 -3.50 2.92 -8.39
N LEU C 80 -3.24 3.77 -7.40
CA LEU C 80 -2.85 5.13 -7.68
C LEU C 80 -1.32 5.27 -7.70
N PRO C 81 -0.82 6.32 -8.38
CA PRO C 81 0.64 6.46 -8.31
C PRO C 81 1.14 6.71 -6.92
N GLN C 82 2.35 6.24 -6.64
CA GLN C 82 2.98 6.39 -5.33
C GLN C 82 3.00 7.84 -4.88
N GLU C 83 3.31 8.71 -5.83
CA GLU C 83 3.52 10.13 -5.58
C GLU C 83 2.22 10.78 -5.08
N VAL C 84 1.10 10.20 -5.51
CA VAL C 84 -0.22 10.67 -5.13
C VAL C 84 -0.56 10.11 -3.75
N GLN C 85 -0.37 8.79 -3.57
CA GLN C 85 -0.56 8.19 -2.23
C GLN C 85 0.21 8.92 -1.14
N GLN C 86 1.44 9.34 -1.43
CA GLN C 86 2.28 10.02 -0.46
C GLN C 86 1.82 11.43 -0.11
N GLN C 87 0.98 12.02 -0.91
CA GLN C 87 0.44 13.34 -0.56
C GLN C 87 -0.79 13.24 0.32
N GLY C 88 -1.38 12.05 0.40
CA GLY C 88 -2.63 11.88 1.13
C GLY C 88 -3.80 12.18 0.21
N VAL C 89 -4.77 11.29 0.16
CA VAL C 89 -5.97 11.52 -0.61
C VAL C 89 -7.11 11.68 0.42
N SER C 90 -7.61 12.88 0.58
CA SER C 90 -8.59 13.13 1.59
C SER C 90 -10.02 12.94 1.07
N VAL C 91 -10.93 12.58 1.99
CA VAL C 91 -12.36 12.46 1.71
C VAL C 91 -13.10 13.20 2.80
N GLU C 92 -13.76 14.30 2.45
CA GLU C 92 -14.43 15.15 3.42
C GLU C 92 -15.85 15.51 2.94
N LYS C 93 -16.71 15.74 3.92
CA LYS C 93 -18.04 16.38 3.71
C LYS C 93 -17.81 17.75 3.18
N SER C 94 -18.34 18.12 2.02
CA SER C 94 -18.01 19.44 1.41
C SER C 94 -19.21 20.36 1.28
N SER C 95 -20.39 19.86 1.59
CA SER C 95 -21.61 20.71 1.50
C SER C 95 -21.69 21.73 2.69
N SER C 96 -20.90 21.52 3.75
CA SER C 96 -20.72 22.49 4.85
C SER C 96 -19.91 23.73 4.44
N SER C 97 -20.20 24.85 5.09
CA SER C 97 -19.41 26.08 4.91
C SER C 97 -18.91 26.57 6.28
N PHE C 98 -18.24 27.70 6.29
CA PHE C 98 -17.37 28.03 7.39
C PHE C 98 -18.07 28.73 8.49
N LEU C 99 -17.76 28.34 9.72
CA LEU C 99 -18.05 29.15 10.86
C LEU C 99 -17.21 30.41 10.88
N MET C 100 -15.93 30.29 10.57
CA MET C 100 -15.04 31.47 10.66
C MET C 100 -13.75 31.29 9.91
N VAL C 101 -13.19 32.41 9.44
CA VAL C 101 -11.89 32.43 8.78
C VAL C 101 -11.03 33.34 9.63
N VAL C 102 -9.93 32.77 10.12
CA VAL C 102 -8.97 33.50 10.94
C VAL C 102 -7.82 33.77 10.01
N GLY C 103 -7.39 35.04 9.96
CA GLY C 103 -6.15 35.42 9.28
C GLY C 103 -5.04 35.55 10.30
N VAL C 104 -3.83 35.13 9.94
CA VAL C 104 -2.64 35.35 10.77
C VAL C 104 -1.66 36.14 9.90
N ILE C 105 -1.34 37.35 10.31
CA ILE C 105 -0.49 38.24 9.52
C ILE C 105 0.69 38.58 10.30
N ASN C 106 1.66 39.13 9.61
CA ASN C 106 2.77 39.71 10.31
C ASN C 106 2.93 41.16 9.78
N THR C 107 3.01 42.08 10.74
CA THR C 107 2.86 43.54 10.49
C THR C 107 4.21 44.32 10.52
N ASP C 108 5.20 43.74 11.24
CA ASP C 108 6.63 44.12 11.23
C ASP C 108 7.39 43.93 9.93
N GLY C 109 6.84 43.24 8.94
CA GLY C 109 7.58 42.92 7.73
C GLY C 109 8.71 41.90 7.93
N THR C 110 8.67 41.09 9.00
CA THR C 110 9.80 40.20 9.29
C THR C 110 9.51 38.72 8.87
N MET C 111 8.30 38.38 8.42
CA MET C 111 7.99 36.95 8.09
C MET C 111 7.33 36.85 6.77
N THR C 112 7.76 35.85 5.99
CA THR C 112 7.09 35.53 4.77
C THR C 112 5.82 34.73 5.03
N GLN C 113 4.99 34.53 4.01
CA GLN C 113 3.82 33.70 4.24
C GLN C 113 4.18 32.25 4.65
N GLU C 114 5.30 31.72 4.19
CA GLU C 114 5.72 30.37 4.56
C GLU C 114 6.11 30.33 6.04
N ASP C 115 6.83 31.36 6.52
CA ASP C 115 7.14 31.47 7.94
C ASP C 115 5.88 31.51 8.80
N ILE C 116 4.87 32.29 8.41
CA ILE C 116 3.67 32.42 9.18
C ILE C 116 2.90 31.10 9.10
N SER C 117 2.84 30.49 7.92
CA SER C 117 2.12 29.19 7.82
C SER C 117 2.73 28.12 8.68
N ASP C 118 4.07 28.04 8.76
CA ASP C 118 4.70 27.11 9.65
C ASP C 118 4.34 27.37 11.09
N TYR C 119 4.34 28.64 11.49
CA TYR C 119 4.01 29.00 12.86
C TYR C 119 2.61 28.53 13.17
N VAL C 120 1.71 28.77 12.28
CA VAL C 120 0.31 28.39 12.50
C VAL C 120 0.17 26.84 12.59
N ALA C 121 0.81 26.12 11.68
CA ALA C 121 0.75 24.67 11.67
C ALA C 121 1.30 24.10 12.97
N ALA C 122 2.40 24.62 13.45
CA ALA C 122 3.11 24.03 14.59
C ALA C 122 2.62 24.47 15.93
N ASN C 123 1.98 25.64 15.99
CA ASN C 123 1.65 26.20 17.30
C ASN C 123 0.16 26.54 17.47
N MET C 124 -0.64 26.57 16.42
CA MET C 124 -1.99 27.07 16.58
C MET C 124 -3.03 26.10 16.15
N LYS C 125 -2.81 25.39 15.04
CA LYS C 125 -3.90 24.70 14.37
C LYS C 125 -4.42 23.59 15.26
N ASP C 126 -3.54 22.83 15.89
CA ASP C 126 -4.01 21.65 16.68
C ASP C 126 -4.80 22.11 17.92
N ALA C 127 -4.35 23.15 18.62
CA ALA C 127 -5.14 23.69 19.74
C ALA C 127 -6.52 24.18 19.28
N ILE C 128 -6.61 24.82 18.11
CA ILE C 128 -7.90 25.19 17.57
C ILE C 128 -8.74 23.95 17.18
N SER C 129 -8.16 22.94 16.54
CA SER C 129 -8.88 21.69 16.31
C SER C 129 -9.53 21.02 17.54
N ARG C 130 -8.92 21.16 18.70
CA ARG C 130 -9.41 20.53 19.97
C ARG C 130 -10.35 21.46 20.69
N THR C 131 -10.59 22.66 20.17
CA THR C 131 -11.53 23.57 20.78
C THR C 131 -12.95 23.06 20.65
N SER C 132 -13.68 23.22 21.75
CA SER C 132 -15.06 22.81 21.87
C SER C 132 -15.97 23.39 20.75
N GLY C 133 -16.65 22.50 20.06
CA GLY C 133 -17.51 22.81 18.92
C GLY C 133 -16.85 22.84 17.54
N VAL C 134 -15.51 22.77 17.46
CA VAL C 134 -14.79 22.84 16.16
C VAL C 134 -14.82 21.50 15.41
N GLY C 135 -15.19 21.52 14.14
CA GLY C 135 -15.07 20.35 13.29
C GLY C 135 -13.78 20.41 12.46
N ASP C 136 -13.92 20.44 11.15
CA ASP C 136 -12.74 20.44 10.24
C ASP C 136 -12.06 21.80 10.33
N VAL C 137 -10.73 21.79 10.26
CA VAL C 137 -9.96 23.06 10.26
C VAL C 137 -9.03 22.95 9.08
N GLN C 138 -9.03 23.95 8.20
CA GLN C 138 -8.20 23.94 7.04
C GLN C 138 -7.08 24.94 7.26
N LEU C 139 -5.83 24.54 7.00
CA LEU C 139 -4.69 25.43 7.10
C LEU C 139 -4.48 26.12 5.77
N PHE C 140 -4.31 27.44 5.79
CA PHE C 140 -3.99 28.24 4.58
C PHE C 140 -2.49 28.37 4.29
N GLY C 141 -1.93 27.37 3.61
CA GLY C 141 -0.50 27.20 3.47
C GLY C 141 -0.10 25.82 4.05
N SER C 142 1.19 25.62 4.32
CA SER C 142 1.68 24.39 4.90
C SER C 142 2.67 24.67 6.01
N GLN C 143 3.02 23.66 6.77
CA GLN C 143 4.21 23.68 7.56
C GLN C 143 5.38 23.72 6.59
N TYR C 144 6.55 24.06 7.12
CA TYR C 144 7.73 24.13 6.31
C TYR C 144 8.01 22.76 5.68
N ALA C 145 8.64 22.79 4.51
CA ALA C 145 9.42 21.71 3.97
C ALA C 145 10.85 22.16 3.85
N MET C 146 11.75 21.19 3.93
CA MET C 146 13.17 21.40 3.62
C MET C 146 13.23 21.45 2.09
N ARG C 147 13.68 22.59 1.57
CA ARG C 147 13.80 22.81 0.13
C ARG C 147 15.23 22.76 -0.30
N ILE C 148 15.47 21.83 -1.21
CA ILE C 148 16.71 21.65 -1.90
C ILE C 148 16.48 22.19 -3.34
N TRP C 149 17.17 23.29 -3.65
CA TRP C 149 16.99 23.99 -4.93
C TRP C 149 18.23 23.75 -5.77
N MET C 150 18.16 22.85 -6.76
CA MET C 150 19.27 22.35 -7.47
C MET C 150 19.72 23.33 -8.55
N ASN C 151 21.03 23.27 -8.82
CA ASN C 151 21.69 23.99 -9.94
C ASN C 151 22.26 23.04 -10.96
N PRO C 152 21.76 23.04 -12.19
CA PRO C 152 22.20 22.05 -13.18
C PRO C 152 23.65 22.24 -13.63
N ASN C 153 24.14 23.46 -13.56
CA ASN C 153 25.53 23.72 -13.98
C ASN C 153 26.50 23.05 -12.98
N GLU C 154 26.22 23.21 -11.69
CA GLU C 154 27.07 22.57 -10.65
C GLU C 154 26.88 21.06 -10.71
N LEU C 155 25.63 20.56 -10.88
CA LEU C 155 25.49 19.11 -11.08
C LEU C 155 26.35 18.51 -12.21
N ASN C 156 26.24 19.10 -13.40
CA ASN C 156 26.98 18.60 -14.56
C ASN C 156 28.51 18.75 -14.34
N LYS C 157 28.95 19.82 -13.70
CA LYS C 157 30.36 19.94 -13.30
C LYS C 157 30.89 18.69 -12.62
N PHE C 158 30.11 18.10 -11.71
CA PHE C 158 30.56 16.95 -10.95
C PHE C 158 29.97 15.66 -11.44
N GLN C 159 29.43 15.68 -12.66
CA GLN C 159 28.82 14.48 -13.31
C GLN C 159 27.71 13.86 -12.48
N LEU C 160 26.84 14.72 -11.98
CA LEU C 160 25.72 14.29 -11.10
C LEU C 160 24.41 14.73 -11.73
N THR C 161 23.32 14.07 -11.34
CA THR C 161 22.01 14.41 -11.76
C THR C 161 21.10 14.49 -10.52
N PRO C 162 19.87 14.94 -10.70
CA PRO C 162 18.92 14.85 -9.61
C PRO C 162 18.70 13.47 -9.07
N VAL C 163 18.87 12.44 -9.91
CA VAL C 163 18.78 11.10 -9.42
C VAL C 163 19.78 10.87 -8.31
N ASP C 164 21.00 11.33 -8.48
CA ASP C 164 22.05 11.15 -7.46
C ASP C 164 21.70 11.93 -6.21
N VAL C 165 21.11 13.12 -6.38
CA VAL C 165 20.69 13.93 -5.24
C VAL C 165 19.62 13.17 -4.43
N ILE C 166 18.62 12.64 -5.11
CA ILE C 166 17.52 11.98 -4.44
C ILE C 166 18.07 10.72 -3.72
N THR C 167 18.96 9.98 -4.37
CA THR C 167 19.54 8.79 -3.79
C THR C 167 20.33 9.13 -2.53
N ALA C 168 21.11 10.19 -2.58
CA ALA C 168 21.93 10.63 -1.51
C ALA C 168 21.08 11.12 -0.34
N ILE C 169 19.95 11.79 -0.62
CA ILE C 169 19.07 12.22 0.47
C ILE C 169 18.41 11.03 1.18
N LYS C 170 17.96 10.06 0.39
CA LYS C 170 17.36 8.90 1.00
C LYS C 170 18.35 8.14 1.88
N ALA C 171 19.60 8.10 1.46
CA ALA C 171 20.62 7.34 2.17
C ALA C 171 21.16 8.09 3.37
N GLN C 172 21.20 9.43 3.31
CA GLN C 172 21.84 10.21 4.36
C GLN C 172 20.93 11.03 5.25
N ASN C 173 19.66 11.13 4.87
CA ASN C 173 18.61 11.61 5.74
C ASN C 173 17.72 10.41 6.02
N ALA C 174 18.17 9.53 6.90
CA ALA C 174 17.54 8.22 7.11
C ALA C 174 17.48 7.93 8.58
N GLN C 175 16.55 7.07 8.94
CA GLN C 175 16.41 6.70 10.29
C GLN C 175 16.08 5.24 10.28
N VAL C 176 16.99 4.35 10.65
CA VAL C 176 16.59 2.93 10.53
C VAL C 176 16.85 2.13 11.83
N ALA C 177 16.09 1.06 11.92
CA ALA C 177 16.13 0.16 13.03
C ALA C 177 17.48 -0.54 12.99
N ALA C 178 18.24 -0.44 14.07
CA ALA C 178 19.52 -1.11 14.14
C ALA C 178 19.63 -2.16 15.25
N GLY C 179 18.56 -2.43 15.97
CA GLY C 179 18.56 -3.48 16.97
C GLY C 179 19.20 -3.14 18.32
N GLN C 180 19.74 -4.17 18.97
CA GLN C 180 20.26 -4.06 20.34
C GLN C 180 21.47 -4.91 20.55
N LEU C 181 22.33 -4.45 21.44
CA LEU C 181 23.34 -5.32 22.13
C LEU C 181 22.67 -6.02 23.20
N GLY C 182 22.93 -7.32 23.29
CA GLY C 182 22.39 -8.12 24.39
C GLY C 182 20.91 -8.33 24.36
N GLY C 183 20.27 -8.19 23.20
CA GLY C 183 18.83 -8.34 23.12
C GLY C 183 18.35 -9.79 23.13
N THR C 184 17.06 -9.98 23.29
CA THR C 184 16.50 -11.31 23.39
C THR C 184 16.46 -12.04 22.01
N PRO C 185 16.66 -13.35 21.97
CA PRO C 185 17.08 -14.22 23.10
C PRO C 185 18.57 -14.03 23.32
N PRO C 186 19.00 -13.87 24.60
CA PRO C 186 20.43 -13.59 24.81
C PRO C 186 21.23 -14.85 25.11
N VAL C 187 22.55 -14.72 25.16
CA VAL C 187 23.36 -15.71 25.91
C VAL C 187 23.00 -15.58 27.37
N LYS C 188 22.62 -16.70 28.01
CA LYS C 188 22.20 -16.63 29.39
C LYS C 188 23.30 -16.07 30.27
N GLY C 189 22.93 -15.24 31.21
CA GLY C 189 23.91 -14.50 32.07
C GLY C 189 24.29 -13.13 31.54
N GLN C 190 23.72 -12.73 30.41
CA GLN C 190 24.03 -11.41 29.82
C GLN C 190 23.63 -10.30 30.74
N GLN C 191 24.45 -9.28 30.92
CA GLN C 191 24.15 -8.14 31.82
C GLN C 191 23.94 -6.83 30.99
N LEU C 192 24.69 -6.64 29.94
CA LEU C 192 24.51 -5.51 29.06
C LEU C 192 23.36 -5.66 28.09
N ASN C 193 22.43 -4.72 28.12
CA ASN C 193 21.44 -4.56 27.08
C ASN C 193 21.32 -3.09 26.72
N ALA C 194 21.43 -2.75 25.45
CA ALA C 194 21.42 -1.36 25.03
C ALA C 194 20.93 -1.36 23.59
N SER C 195 20.05 -0.44 23.31
CA SER C 195 19.67 -0.12 21.95
C SER C 195 20.84 0.37 21.17
N ILE C 196 20.92 -0.01 19.91
CA ILE C 196 21.86 0.49 18.95
C ILE C 196 21.17 1.63 18.16
N ILE C 197 21.79 2.79 18.12
CA ILE C 197 21.29 4.01 17.50
C ILE C 197 22.24 4.28 16.40
N ALA C 198 21.80 4.16 15.16
CA ALA C 198 22.60 4.47 13.99
C ALA C 198 22.17 5.83 13.38
N GLN C 199 21.90 5.93 12.07
CA GLN C 199 21.54 7.24 11.51
C GLN C 199 20.23 7.76 12.04
N THR C 200 20.11 9.07 12.13
CA THR C 200 18.89 9.72 12.59
C THR C 200 18.55 10.77 11.55
N ARG C 201 17.25 11.05 11.42
CA ARG C 201 16.86 12.04 10.43
C ARG C 201 17.62 13.38 10.70
N LEU C 202 17.88 14.08 9.60
CA LEU C 202 18.49 15.41 9.64
C LEU C 202 17.53 16.43 10.15
N THR C 203 18.06 17.50 10.73
CA THR C 203 17.22 18.47 11.45
C THR C 203 17.39 19.91 11.03
N SER C 204 18.25 20.20 10.05
CA SER C 204 18.62 21.58 9.73
C SER C 204 19.14 21.72 8.31
N THR C 205 19.11 22.95 7.78
CA THR C 205 19.67 23.18 6.45
C THR C 205 21.14 22.84 6.45
N GLU C 206 21.85 23.12 7.57
CA GLU C 206 23.30 22.86 7.68
C GLU C 206 23.57 21.39 7.49
N GLU C 207 22.75 20.59 8.14
CA GLU C 207 22.98 19.14 8.02
C GLU C 207 22.67 18.61 6.61
N PHE C 208 21.63 19.12 6.00
CA PHE C 208 21.36 18.74 4.61
C PHE C 208 22.53 19.17 3.70
N GLY C 209 23.06 20.36 3.94
CA GLY C 209 24.20 20.89 3.19
C GLY C 209 25.47 20.04 3.14
N LYS C 210 25.68 19.24 4.15
CA LYS C 210 26.84 18.36 4.32
C LYS C 210 26.66 16.96 3.80
N ILE C 211 25.48 16.64 3.30
CA ILE C 211 25.29 15.35 2.71
C ILE C 211 26.35 15.20 1.59
N LEU C 212 27.02 14.06 1.57
CA LEU C 212 28.11 13.76 0.67
C LEU C 212 27.61 13.07 -0.58
N LEU C 213 27.65 13.79 -1.69
CA LEU C 213 27.22 13.26 -2.95
C LEU C 213 28.28 12.35 -3.53
N LYS C 214 29.53 12.79 -3.53
CA LYS C 214 30.61 11.95 -3.98
C LYS C 214 31.97 12.49 -3.63
N VAL C 215 32.96 11.61 -3.67
CA VAL C 215 34.35 12.02 -3.48
C VAL C 215 34.97 11.88 -4.87
N ASN C 216 35.57 12.96 -5.38
CA ASN C 216 36.24 13.00 -6.71
C ASN C 216 37.52 12.16 -6.67
N GLN C 217 38.13 11.84 -7.82
CA GLN C 217 39.36 10.98 -7.78
C GLN C 217 40.60 11.62 -7.14
N ASP C 218 40.72 12.96 -7.23
CA ASP C 218 41.71 13.76 -6.44
C ASP C 218 41.38 13.96 -4.95
N GLY C 219 40.35 13.26 -4.42
CA GLY C 219 40.00 13.33 -3.00
C GLY C 219 39.28 14.58 -2.51
N SER C 220 38.78 15.42 -3.42
CA SER C 220 37.88 16.51 -3.01
C SER C 220 36.44 15.93 -2.86
N ARG C 221 35.73 16.49 -1.89
CA ARG C 221 34.37 16.08 -1.58
C ARG C 221 33.37 16.98 -2.31
N VAL C 222 32.35 16.37 -2.89
CA VAL C 222 31.19 17.19 -3.38
C VAL C 222 30.03 17.05 -2.38
N LEU C 223 29.66 18.17 -1.74
CA LEU C 223 28.59 18.20 -0.79
C LEU C 223 27.31 18.73 -1.44
N LEU C 224 26.18 18.37 -0.88
CA LEU C 224 24.91 18.79 -1.44
C LEU C 224 24.87 20.28 -1.56
N ARG C 225 25.47 21.01 -0.59
CA ARG C 225 25.49 22.48 -0.68
C ARG C 225 26.34 23.00 -1.88
N ASP C 226 27.15 22.16 -2.53
CA ASP C 226 27.93 22.57 -3.69
C ASP C 226 27.11 22.47 -4.99
N VAL C 227 25.92 21.90 -4.93
CA VAL C 227 25.05 21.80 -6.08
C VAL C 227 23.65 22.36 -5.88
N ALA C 228 23.36 22.95 -4.73
CA ALA C 228 22.02 23.40 -4.38
C ALA C 228 22.01 24.39 -3.32
N LYS C 229 21.04 25.27 -3.36
CA LYS C 229 20.72 26.16 -2.23
C LYS C 229 19.73 25.44 -1.37
N ILE C 230 19.83 25.63 -0.06
CA ILE C 230 19.06 24.83 0.93
C ILE C 230 18.37 25.73 1.90
N GLU C 231 17.05 25.67 1.96
CA GLU C 231 16.32 26.50 2.91
C GLU C 231 15.02 25.84 3.35
N LEU C 232 14.50 26.27 4.48
CA LEU C 232 13.16 25.92 4.89
C LEU C 232 12.24 26.75 4.02
N GLY C 233 11.17 26.15 3.49
CA GLY C 233 10.22 26.90 2.68
C GLY C 233 8.87 26.20 2.67
N GLY C 234 8.04 26.52 1.72
CA GLY C 234 6.71 25.92 1.66
C GLY C 234 6.72 24.55 0.98
N GLU C 235 5.65 23.81 1.15
CA GLU C 235 5.54 22.54 0.42
C GLU C 235 5.16 22.84 -1.04
N ASN C 236 4.45 23.94 -1.27
CA ASN C 236 4.21 24.40 -2.61
C ASN C 236 4.01 25.89 -2.66
N TYR C 237 4.10 26.43 -3.84
CA TYR C 237 4.22 27.89 -4.02
C TYR C 237 3.16 28.35 -4.96
N ASP C 238 2.06 27.59 -5.05
CA ASP C 238 1.02 27.88 -6.01
C ASP C 238 0.24 29.12 -5.63
N ILE C 239 0.09 29.36 -4.31
CA ILE C 239 -0.79 30.38 -3.79
C ILE C 239 -0.03 31.51 -3.08
N ILE C 240 -0.31 32.78 -3.39
CA ILE C 240 0.27 33.87 -2.63
C ILE C 240 -0.91 34.60 -2.01
N ALA C 241 -0.90 34.74 -0.69
CA ALA C 241 -2.01 35.41 0.05
C ALA C 241 -1.54 36.64 0.77
N GLU C 242 -2.31 37.73 0.64
CA GLU C 242 -2.03 38.91 1.39
C GLU C 242 -3.29 39.42 2.08
N PHE C 243 -3.09 40.03 3.25
CA PHE C 243 -4.19 40.64 3.99
C PHE C 243 -3.84 42.11 4.06
N ASN C 244 -4.65 42.96 3.44
CA ASN C 244 -4.27 44.39 3.29
C ASN C 244 -2.84 44.61 2.89
N GLY C 245 -2.44 43.86 1.86
CA GLY C 245 -1.12 43.91 1.31
C GLY C 245 -0.01 43.27 2.15
N GLN C 246 -0.29 42.61 3.28
CA GLN C 246 0.76 42.06 4.13
C GLN C 246 0.71 40.51 4.01
N PRO C 247 1.86 39.83 4.08
CA PRO C 247 1.86 38.36 3.97
C PRO C 247 0.96 37.72 5.00
N ALA C 248 0.29 36.65 4.61
CA ALA C 248 -0.73 36.06 5.50
C ALA C 248 -0.88 34.55 5.36
N SER C 249 -1.19 33.92 6.48
CA SER C 249 -1.74 32.55 6.53
C SER C 249 -3.04 32.62 7.30
N GLY C 250 -3.54 31.47 7.79
CA GLY C 250 -4.75 31.46 8.58
C GLY C 250 -5.38 30.08 8.65
N LEU C 251 -6.62 30.06 9.11
CA LEU C 251 -7.37 28.83 9.37
C LEU C 251 -8.80 29.04 8.94
N GLY C 252 -9.33 28.10 8.21
CA GLY C 252 -10.75 28.06 7.85
C GLY C 252 -11.38 26.99 8.73
N ILE C 253 -12.35 27.38 9.53
CA ILE C 253 -12.81 26.58 10.65
C ILE C 253 -14.28 26.30 10.45
N LYS C 254 -14.64 25.02 10.49
CA LYS C 254 -16.03 24.56 10.41
C LYS C 254 -16.54 24.13 11.79
N LEU C 255 -17.85 24.29 11.98
CA LEU C 255 -18.62 23.89 13.18
C LEU C 255 -18.91 22.40 13.14
N ALA C 256 -18.57 21.71 14.21
CA ALA C 256 -18.92 20.27 14.34
C ALA C 256 -20.43 20.11 14.32
N THR C 257 -20.92 19.07 13.65
CA THR C 257 -22.39 18.84 13.53
C THR C 257 -23.01 18.77 14.94
N GLY C 258 -24.11 19.47 15.14
CA GLY C 258 -24.72 19.56 16.46
C GLY C 258 -24.16 20.59 17.43
N ALA C 259 -23.03 21.24 17.14
CA ALA C 259 -22.49 22.21 18.11
C ALA C 259 -23.16 23.58 17.96
N ASN C 260 -22.97 24.45 18.94
CA ASN C 260 -23.46 25.82 18.89
C ASN C 260 -22.50 26.86 18.22
N ALA C 261 -22.97 27.55 17.18
CA ALA C 261 -22.18 28.58 16.47
C ALA C 261 -21.58 29.62 17.40
N LEU C 262 -22.42 30.23 18.25
CA LEU C 262 -21.96 31.38 19.06
C LEU C 262 -20.99 31.00 20.15
N ASP C 263 -21.23 29.89 20.85
CA ASP C 263 -20.29 29.41 21.87
C ASP C 263 -18.99 28.94 21.21
N THR C 264 -19.11 28.30 20.04
CA THR C 264 -17.91 27.80 19.38
C THR C 264 -16.97 28.97 18.94
N ALA C 265 -17.55 29.97 18.26
CA ALA C 265 -16.84 31.23 17.93
C ALA C 265 -16.18 31.88 19.12
N ALA C 266 -16.92 31.99 20.21
CA ALA C 266 -16.39 32.54 21.43
C ALA C 266 -15.25 31.67 21.97
N ALA C 267 -15.39 30.34 21.93
CA ALA C 267 -14.35 29.45 22.41
C ALA C 267 -13.06 29.55 21.56
N ILE C 268 -13.23 29.70 20.25
CA ILE C 268 -12.11 29.93 19.33
C ILE C 268 -11.38 31.24 19.65
N ARG C 269 -12.14 32.31 19.75
CA ARG C 269 -11.54 33.62 20.09
C ARG C 269 -10.79 33.61 21.41
N ALA C 270 -11.34 32.92 22.40
CA ALA C 270 -10.66 32.82 23.69
C ALA C 270 -9.41 31.96 23.60
N GLU C 271 -9.44 30.88 22.80
CA GLU C 271 -8.26 30.06 22.65
C GLU C 271 -7.13 30.86 21.97
N LEU C 272 -7.49 31.64 20.94
CA LEU C 272 -6.51 32.53 20.25
C LEU C 272 -5.97 33.61 21.17
N ALA C 273 -6.81 34.13 22.07
CA ALA C 273 -6.30 35.05 23.10
C ALA C 273 -5.20 34.45 23.97
N LYS C 274 -5.33 33.18 24.36
CA LYS C 274 -4.28 32.50 25.13
C LYS C 274 -2.94 32.42 24.41
N MET C 275 -2.98 32.18 23.09
CA MET C 275 -1.77 32.05 22.28
C MET C 275 -1.00 33.35 22.07
N GLU C 276 -1.74 34.47 22.06
CA GLU C 276 -1.18 35.84 21.83
C GLU C 276 0.10 36.19 22.60
N PRO C 277 0.13 36.04 23.93
CA PRO C 277 1.37 36.16 24.72
C PRO C 277 2.65 35.49 24.19
N PHE C 278 2.52 34.36 23.49
CA PHE C 278 3.65 33.59 22.99
C PHE C 278 4.03 33.94 21.55
N PHE C 279 3.19 34.71 20.84
CA PHE C 279 3.50 35.06 19.44
C PHE C 279 4.88 35.75 19.28
N PRO C 280 5.56 35.50 18.17
CA PRO C 280 6.72 36.39 17.94
C PRO C 280 6.24 37.76 17.48
N SER C 281 7.17 38.68 17.33
CA SER C 281 6.83 40.08 17.14
C SER C 281 6.22 40.28 15.79
N GLY C 282 5.26 41.17 15.78
CA GLY C 282 4.52 41.49 14.60
C GLY C 282 3.37 40.57 14.26
N LEU C 283 3.19 39.45 14.94
CA LEU C 283 2.16 38.50 14.50
C LEU C 283 0.81 38.96 15.01
N LYS C 284 -0.23 38.87 14.21
CA LYS C 284 -1.50 39.39 14.63
C LYS C 284 -2.57 38.54 14.03
N ILE C 285 -3.61 38.32 14.79
CA ILE C 285 -4.76 37.58 14.31
C ILE C 285 -5.78 38.56 13.81
N VAL C 286 -6.47 38.22 12.72
CA VAL C 286 -7.53 39.05 12.20
C VAL C 286 -8.65 38.13 11.89
N TYR C 287 -9.85 38.70 11.76
CA TYR C 287 -11.07 37.95 11.70
C TYR C 287 -11.92 38.44 10.52
N PRO C 288 -11.54 38.08 9.30
CA PRO C 288 -12.27 38.59 8.14
C PRO C 288 -13.70 38.08 7.90
N TYR C 289 -14.03 36.93 8.54
CA TYR C 289 -15.35 36.34 8.44
C TYR C 289 -15.61 35.53 9.68
N ASP C 290 -16.71 35.90 10.36
CA ASP C 290 -17.15 35.27 11.62
C ASP C 290 -18.70 35.35 11.71
N THR C 291 -19.35 34.18 11.72
CA THR C 291 -20.79 34.04 12.03
C THR C 291 -21.10 34.28 13.52
N GLY C 310 -20.66 40.71 6.38
CA GLY C 310 -20.78 41.39 5.09
C GLY C 310 -19.48 41.33 4.26
N VAL C 311 -19.17 40.12 3.78
CA VAL C 311 -17.96 39.85 2.98
C VAL C 311 -18.40 39.64 1.55
N PHE C 312 -17.74 40.32 0.62
CA PHE C 312 -18.03 40.12 -0.76
C PHE C 312 -16.72 39.79 -1.41
N MET C 313 -16.79 39.47 -2.70
CA MET C 313 -15.69 38.97 -3.44
C MET C 313 -15.38 39.79 -4.67
N THR C 314 -14.13 39.73 -5.09
CA THR C 314 -13.74 40.27 -6.40
C THR C 314 -12.90 39.25 -7.07
N MET C 315 -13.34 38.82 -8.23
CA MET C 315 -12.58 37.84 -8.99
C MET C 315 -11.65 38.49 -10.02
N VAL C 316 -10.54 37.80 -10.28
CA VAL C 316 -9.50 38.25 -11.16
C VAL C 316 -9.11 37.10 -12.10
N GLN C 317 -9.17 37.34 -13.40
CA GLN C 317 -8.84 36.33 -14.38
C GLN C 317 -8.01 36.93 -15.51
N LEU C 318 -6.76 36.51 -15.57
CA LEU C 318 -5.86 36.95 -16.60
C LEU C 318 -5.97 36.00 -17.76
N PRO C 319 -5.39 36.37 -18.92
CA PRO C 319 -5.35 35.51 -20.07
C PRO C 319 -4.46 34.21 -19.95
N ALA C 320 -4.69 33.29 -20.90
CA ALA C 320 -3.87 32.10 -21.15
C ALA C 320 -2.44 32.35 -20.91
N GLY C 321 -1.87 31.60 -19.97
CA GLY C 321 -0.42 31.59 -19.83
C GLY C 321 0.10 32.74 -19.02
N ALA C 322 -0.79 33.60 -18.51
CA ALA C 322 -0.32 34.68 -17.65
C ALA C 322 0.23 34.14 -16.30
N THR C 323 1.20 34.87 -15.76
CA THR C 323 2.01 34.36 -14.70
C THR C 323 1.55 34.93 -13.40
N GLN C 324 2.02 34.32 -12.33
CA GLN C 324 1.65 34.73 -10.97
C GLN C 324 1.97 36.18 -10.69
N GLU C 325 3.08 36.63 -11.21
CA GLU C 325 3.47 38.02 -10.98
C GLU C 325 2.51 38.99 -11.64
N ARG C 326 2.03 38.69 -12.82
CA ARG C 326 1.04 39.58 -13.46
C ARG C 326 -0.26 39.58 -12.75
N THR C 327 -0.65 38.43 -12.23
CA THR C 327 -1.87 38.42 -11.46
C THR C 327 -1.76 39.23 -10.20
N GLN C 328 -0.60 39.14 -9.55
CA GLN C 328 -0.36 39.82 -8.30
C GLN C 328 -0.52 41.34 -8.44
N LYS C 329 0.02 41.85 -9.52
CA LYS C 329 -0.10 43.31 -9.89
C LYS C 329 -1.56 43.71 -9.96
N VAL C 330 -2.40 42.85 -10.55
CA VAL C 330 -3.84 43.18 -10.62
C VAL C 330 -4.49 43.15 -9.23
N LEU C 331 -4.25 42.07 -8.49
CA LEU C 331 -4.78 41.97 -7.11
C LEU C 331 -4.34 43.14 -6.26
N ASN C 332 -3.09 43.57 -6.45
CA ASN C 332 -2.56 44.72 -5.72
C ASN C 332 -3.34 46.02 -6.10
N GLU C 333 -3.67 46.23 -7.38
CA GLU C 333 -4.58 47.36 -7.78
C GLU C 333 -5.96 47.25 -7.17
N VAL C 334 -6.46 46.01 -7.10
CA VAL C 334 -7.73 45.75 -6.43
C VAL C 334 -7.70 46.06 -4.94
N THR C 335 -6.68 45.62 -4.22
CA THR C 335 -6.55 45.94 -2.82
C THR C 335 -6.46 47.48 -2.59
N HIS C 336 -5.59 48.09 -3.40
CA HIS C 336 -5.31 49.54 -3.27
C HIS C 336 -6.59 50.32 -3.47
N TYR C 337 -7.35 50.01 -4.52
CA TYR C 337 -8.62 50.64 -4.74
C TYR C 337 -9.53 50.62 -3.51
N TYR C 338 -9.74 49.42 -2.96
CA TYR C 338 -10.65 49.29 -1.81
C TYR C 338 -10.15 50.04 -0.60
N LEU C 339 -8.84 50.05 -0.43
CA LEU C 339 -8.26 50.60 0.75
C LEU C 339 -8.11 52.14 0.64
N THR C 340 -8.30 52.73 -0.53
CA THR C 340 -8.26 54.19 -0.71
C THR C 340 -9.65 54.66 -1.06
N LYS C 341 -10.16 54.27 -2.22
CA LYS C 341 -11.48 54.67 -2.67
C LYS C 341 -12.67 54.13 -1.88
N GLU C 342 -12.50 53.03 -1.15
CA GLU C 342 -13.58 52.57 -0.25
C GLU C 342 -13.12 52.52 1.19
N LYS C 343 -12.17 53.37 1.55
CA LYS C 343 -11.63 53.38 2.90
C LYS C 343 -12.64 53.66 3.99
N ASN C 344 -13.73 54.37 3.68
CA ASN C 344 -14.80 54.54 4.62
C ASN C 344 -15.62 53.27 4.76
N ASN C 345 -15.62 52.37 3.77
CA ASN C 345 -16.50 51.19 3.82
C ASN C 345 -15.82 49.82 4.06
N VAL C 346 -14.54 49.72 3.75
CA VAL C 346 -13.84 48.43 3.69
C VAL C 346 -12.87 48.33 4.85
N GLU C 347 -13.00 47.24 5.62
CA GLU C 347 -12.09 46.95 6.74
C GLU C 347 -10.84 46.22 6.23
N SER C 348 -11.05 45.21 5.39
CA SER C 348 -9.95 44.43 4.85
C SER C 348 -10.20 43.84 3.47
N VAL C 349 -9.06 43.52 2.81
CA VAL C 349 -9.03 42.80 1.57
C VAL C 349 -8.01 41.64 1.78
N PHE C 350 -8.50 40.42 1.63
CA PHE C 350 -7.71 39.18 1.73
C PHE C 350 -7.59 38.70 0.27
N ALA C 351 -6.41 38.93 -0.32
CA ALA C 351 -6.19 38.75 -1.73
C ALA C 351 -5.49 37.41 -1.86
N VAL C 352 -6.08 36.51 -2.64
CA VAL C 352 -5.51 35.19 -2.88
C VAL C 352 -5.17 35.03 -4.36
N ASN C 353 -3.91 34.76 -4.66
CA ASN C 353 -3.44 34.66 -6.02
C ASN C 353 -3.16 33.17 -6.25
N GLY C 354 -3.86 32.58 -7.20
CA GLY C 354 -3.59 31.21 -7.58
C GLY C 354 -4.82 30.36 -7.49
N PHE C 355 -5.86 30.84 -6.82
CA PHE C 355 -7.19 30.30 -7.11
C PHE C 355 -8.28 31.35 -7.25
N GLY C 356 -9.32 30.95 -7.97
CA GLY C 356 -10.54 31.73 -8.19
C GLY C 356 -11.67 30.73 -8.03
N PHE C 357 -12.87 31.05 -8.47
CA PHE C 357 -13.82 29.94 -8.59
C PHE C 357 -13.86 29.69 -10.11
N ALA C 358 -14.02 28.42 -10.51
CA ALA C 358 -13.85 27.94 -11.90
C ALA C 358 -12.42 27.50 -12.26
N GLY C 359 -11.47 27.65 -11.32
CA GLY C 359 -10.11 27.18 -11.52
C GLY C 359 -9.05 27.58 -10.48
N ARG C 360 -8.01 26.77 -10.41
CA ARG C 360 -6.71 27.10 -9.85
C ARG C 360 -5.83 27.51 -11.03
N GLY C 361 -4.71 28.18 -10.74
CA GLY C 361 -3.73 28.47 -11.76
C GLY C 361 -3.10 29.84 -11.56
N GLN C 362 -1.94 30.03 -12.16
CA GLN C 362 -1.18 31.30 -12.01
C GLN C 362 -1.89 32.56 -12.54
N ASN C 363 -2.92 32.38 -13.38
CA ASN C 363 -3.63 33.50 -14.02
C ASN C 363 -4.96 33.78 -13.40
N THR C 364 -5.20 33.24 -12.22
CA THR C 364 -6.41 33.48 -11.49
C THR C 364 -6.17 33.94 -10.02
N GLY C 365 -7.19 34.64 -9.49
CA GLY C 365 -7.17 35.18 -8.17
C GLY C 365 -8.52 35.60 -7.70
N ILE C 366 -8.62 35.80 -6.40
CA ILE C 366 -9.84 36.24 -5.81
C ILE C 366 -9.51 37.04 -4.59
N ALA C 367 -10.30 38.08 -4.35
CA ALA C 367 -10.14 38.90 -3.18
C ALA C 367 -11.39 38.79 -2.35
N PHE C 368 -11.21 38.51 -1.06
CA PHE C 368 -12.29 38.53 -0.10
C PHE C 368 -12.26 39.86 0.62
N VAL C 369 -13.34 40.63 0.46
CA VAL C 369 -13.44 41.99 0.99
C VAL C 369 -14.42 42.06 2.16
N SER C 370 -13.92 42.37 3.33
CA SER C 370 -14.73 42.44 4.52
C SER C 370 -15.16 43.90 4.76
N LEU C 371 -16.45 44.11 4.79
CA LEU C 371 -17.02 45.45 5.03
C LEU C 371 -16.99 45.82 6.47
N LYS C 372 -16.94 47.11 6.74
CA LYS C 372 -17.13 47.63 8.11
C LYS C 372 -18.57 47.40 8.53
N ASP C 373 -18.87 47.57 9.81
CA ASP C 373 -20.27 47.36 10.33
C ASP C 373 -21.35 48.16 9.57
N TRP C 374 -22.51 47.56 9.28
CA TRP C 374 -23.70 48.30 8.74
C TRP C 374 -23.84 49.71 9.35
N ALA C 375 -23.82 49.77 10.67
CA ALA C 375 -23.99 51.02 11.42
C ALA C 375 -23.00 52.12 11.01
N ASP C 376 -21.81 51.73 10.57
CA ASP C 376 -20.80 52.67 10.10
C ASP C 376 -20.82 52.90 8.60
N ARG C 377 -21.81 52.38 7.90
CA ARG C 377 -21.97 52.67 6.49
C ARG C 377 -23.39 53.23 6.15
N PRO C 378 -23.75 54.39 6.74
CA PRO C 378 -24.95 55.16 6.37
C PRO C 378 -25.26 55.33 4.89
N GLY C 379 -26.53 55.15 4.54
CA GLY C 379 -27.03 55.56 3.24
C GLY C 379 -26.81 54.47 2.25
N GLU C 380 -27.61 54.47 1.20
CA GLU C 380 -27.53 53.43 0.18
C GLU C 380 -26.24 53.40 -0.63
N GLU C 381 -25.58 54.57 -0.75
CA GLU C 381 -24.30 54.65 -1.47
C GLU C 381 -23.17 53.82 -0.82
N ASN C 382 -23.33 53.47 0.46
CA ASN C 382 -22.38 52.71 1.24
C ASN C 382 -22.81 51.29 1.58
N LYS C 383 -23.78 50.74 0.85
CA LYS C 383 -24.19 49.34 1.02
C LYS C 383 -23.55 48.51 -0.05
N VAL C 384 -23.58 47.20 0.13
CA VAL C 384 -22.84 46.27 -0.72
C VAL C 384 -23.11 46.44 -2.21
N GLU C 385 -24.37 46.66 -2.56
CA GLU C 385 -24.74 46.71 -3.95
C GLU C 385 -24.11 47.95 -4.68
N ALA C 386 -24.21 49.12 -4.08
CA ALA C 386 -23.56 50.34 -4.61
C ALA C 386 -22.01 50.18 -4.65
N ILE C 387 -21.46 49.61 -3.59
CA ILE C 387 -20.03 49.36 -3.53
C ILE C 387 -19.55 48.49 -4.67
N THR C 388 -20.18 47.36 -4.87
CA THR C 388 -19.72 46.44 -5.89
C THR C 388 -19.91 46.99 -7.31
N MET C 389 -20.98 47.73 -7.55
CA MET C 389 -21.14 48.34 -8.88
C MET C 389 -20.03 49.38 -9.19
N ARG C 390 -19.75 50.27 -8.23
CA ARG C 390 -18.61 51.19 -8.40
C ARG C 390 -17.32 50.44 -8.63
N ALA C 391 -17.09 49.43 -7.81
CA ALA C 391 -15.89 48.61 -7.91
C ALA C 391 -15.76 48.03 -9.31
N THR C 392 -16.81 47.38 -9.78
CA THR C 392 -16.76 46.79 -11.14
C THR C 392 -16.54 47.84 -12.22
N ARG C 393 -17.26 48.96 -12.10
CA ARG C 393 -17.10 50.10 -12.99
C ARG C 393 -15.64 50.52 -13.08
N ALA C 394 -14.98 50.73 -11.93
CA ALA C 394 -13.57 51.12 -11.89
C ALA C 394 -12.54 50.13 -12.40
N PHE C 395 -12.76 48.86 -12.11
CA PHE C 395 -11.91 47.80 -12.62
C PHE C 395 -12.15 47.48 -14.11
N SER C 396 -13.26 47.92 -14.71
CA SER C 396 -13.51 47.63 -16.16
C SER C 396 -12.51 48.38 -17.07
N GLN C 397 -11.81 49.35 -16.50
CA GLN C 397 -10.63 49.95 -17.10
C GLN C 397 -9.48 48.97 -17.23
N ILE C 398 -9.13 48.27 -16.15
CA ILE C 398 -7.92 47.41 -16.08
C ILE C 398 -7.80 46.57 -17.35
N LYS C 399 -6.64 46.67 -17.99
CA LYS C 399 -6.43 45.99 -19.27
C LYS C 399 -5.72 44.65 -19.09
N ASP C 400 -6.05 43.75 -19.99
CA ASP C 400 -5.55 42.36 -19.94
C ASP C 400 -5.84 41.67 -18.57
N ALA C 401 -7.00 41.98 -18.01
CA ALA C 401 -7.60 41.15 -17.01
C ALA C 401 -9.08 41.38 -16.98
N MET C 402 -9.85 40.35 -16.68
CA MET C 402 -11.28 40.48 -16.30
C MET C 402 -11.39 40.52 -14.79
N VAL C 403 -11.94 41.59 -14.27
CA VAL C 403 -11.98 41.82 -12.86
C VAL C 403 -13.38 42.19 -12.45
N PHE C 404 -14.05 41.41 -11.60
CA PHE C 404 -15.51 41.57 -11.38
C PHE C 404 -15.78 41.47 -9.89
N ALA C 405 -16.53 42.43 -9.32
CA ALA C 405 -16.92 42.44 -7.92
C ALA C 405 -18.37 41.98 -7.80
N PHE C 406 -18.65 41.09 -6.86
CA PHE C 406 -20.02 40.61 -6.68
C PHE C 406 -20.27 40.23 -5.21
N ASN C 407 -21.53 40.26 -4.80
CA ASN C 407 -21.95 39.70 -3.51
C ASN C 407 -22.67 38.36 -3.75
N LEU C 408 -22.18 37.27 -3.16
CA LEU C 408 -22.75 35.93 -3.38
C LEU C 408 -24.24 35.77 -2.95
N ALA C 417 -34.41 30.73 -8.90
CA ALA C 417 -35.06 30.36 -10.15
C ALA C 417 -34.73 31.39 -11.25
N THR C 418 -33.43 31.56 -11.49
CA THR C 418 -32.87 32.44 -12.53
C THR C 418 -32.22 31.60 -13.70
N GLY C 419 -31.14 30.89 -13.34
CA GLY C 419 -30.26 30.24 -14.31
C GLY C 419 -30.38 28.73 -14.39
N PHE C 420 -29.50 28.14 -15.19
CA PHE C 420 -29.47 26.69 -15.39
C PHE C 420 -28.02 26.16 -15.43
N ASP C 421 -27.86 24.85 -15.19
CA ASP C 421 -26.53 24.20 -15.02
C ASP C 421 -26.58 22.90 -15.80
N PHE C 422 -25.97 22.94 -16.98
CA PHE C 422 -26.04 21.92 -17.99
C PHE C 422 -24.66 21.23 -18.14
N GLU C 423 -24.65 19.92 -18.36
CA GLU C 423 -23.42 19.19 -18.68
C GLU C 423 -23.48 18.65 -20.05
N LEU C 424 -22.53 18.98 -20.88
CA LEU C 424 -22.34 18.35 -22.14
C LEU C 424 -21.44 17.14 -21.95
N ILE C 425 -21.83 15.98 -22.47
CA ILE C 425 -21.16 14.70 -22.15
C ILE C 425 -20.65 13.98 -23.36
N ASP C 426 -19.41 13.48 -23.30
CA ASP C 426 -18.87 12.65 -24.33
C ASP C 426 -19.35 11.20 -24.04
N GLN C 427 -20.34 10.72 -24.81
CA GLN C 427 -20.91 9.39 -24.64
C GLN C 427 -20.26 8.27 -25.44
N ALA C 428 -19.28 8.57 -26.25
CA ALA C 428 -18.77 7.54 -27.18
C ALA C 428 -17.33 7.63 -27.44
N GLY C 429 -16.51 7.95 -26.45
CA GLY C 429 -15.06 7.96 -26.67
C GLY C 429 -14.56 9.02 -27.65
N LEU C 430 -15.32 10.08 -27.81
CA LEU C 430 -14.96 11.10 -28.84
C LEU C 430 -13.65 11.83 -28.56
N GLY C 431 -13.34 12.06 -27.29
CA GLY C 431 -12.09 12.77 -26.95
C GLY C 431 -12.32 14.27 -26.76
N HIS C 432 -11.35 14.90 -26.13
CA HIS C 432 -11.46 16.30 -25.73
C HIS C 432 -11.67 17.31 -26.86
N GLU C 433 -10.90 17.17 -27.91
CA GLU C 433 -10.94 18.09 -29.06
C GLU C 433 -12.31 18.06 -29.71
N LYS C 434 -12.87 16.86 -29.90
CA LYS C 434 -14.23 16.75 -30.41
C LYS C 434 -15.28 17.24 -29.48
N LEU C 435 -15.17 16.98 -28.18
CA LEU C 435 -16.18 17.53 -27.24
C LEU C 435 -16.12 19.05 -27.24
N THR C 436 -14.91 19.61 -27.34
CA THR C 436 -14.82 21.08 -27.37
C THR C 436 -15.56 21.64 -28.63
N GLN C 437 -15.36 21.03 -29.79
CA GLN C 437 -16.06 21.43 -31.04
C GLN C 437 -17.56 21.33 -30.89
N ALA C 438 -18.06 20.24 -30.27
CA ALA C 438 -19.48 20.14 -29.97
C ALA C 438 -19.98 21.24 -29.04
N ARG C 439 -19.21 21.56 -28.01
CA ARG C 439 -19.54 22.58 -27.10
C ARG C 439 -19.67 23.90 -27.85
N ASN C 440 -18.71 24.18 -28.70
CA ASN C 440 -18.70 25.47 -29.46
C ASN C 440 -19.92 25.58 -30.41
N GLN C 441 -20.29 24.47 -31.05
CA GLN C 441 -21.54 24.40 -31.80
C GLN C 441 -22.76 24.75 -30.95
N LEU C 442 -22.90 24.14 -29.77
CA LEU C 442 -24.01 24.45 -28.95
C LEU C 442 -23.99 25.93 -28.52
N LEU C 443 -22.83 26.43 -28.16
CA LEU C 443 -22.72 27.83 -27.73
C LEU C 443 -23.04 28.85 -28.89
N ALA C 444 -22.67 28.52 -30.12
CA ALA C 444 -22.97 29.39 -31.30
C ALA C 444 -24.47 29.38 -31.60
N GLU C 445 -25.10 28.22 -31.50
CA GLU C 445 -26.57 28.14 -31.57
C GLU C 445 -27.29 28.85 -30.43
N ALA C 446 -26.83 28.73 -29.20
CA ALA C 446 -27.53 29.39 -28.11
C ALA C 446 -27.46 30.91 -28.25
N ALA C 447 -26.34 31.41 -28.79
CA ALA C 447 -26.14 32.83 -29.12
C ALA C 447 -27.19 33.37 -30.12
N LYS C 448 -27.62 32.52 -31.05
CA LYS C 448 -28.66 32.87 -32.01
C LYS C 448 -30.08 32.95 -31.46
N HIS C 449 -30.27 32.71 -30.16
CA HIS C 449 -31.60 32.80 -29.56
C HIS C 449 -31.54 33.69 -28.33
N PRO C 450 -31.08 34.95 -28.49
CA PRO C 450 -31.09 35.91 -27.38
C PRO C 450 -32.50 36.28 -26.85
N ASP C 451 -33.53 36.08 -27.68
CA ASP C 451 -34.95 36.15 -27.25
C ASP C 451 -35.25 35.25 -26.02
N MET C 452 -34.62 34.07 -25.97
CA MET C 452 -34.85 32.99 -24.97
C MET C 452 -33.68 32.76 -23.96
N LEU C 453 -32.43 32.77 -24.46
CA LEU C 453 -31.23 32.47 -23.68
C LEU C 453 -30.28 33.65 -23.53
N THR C 454 -29.76 33.85 -22.33
CA THR C 454 -28.81 34.91 -22.05
C THR C 454 -27.58 34.35 -21.31
N SER C 455 -26.39 34.75 -21.77
CA SER C 455 -25.11 34.50 -21.09
C SER C 455 -24.79 32.98 -21.05
N VAL C 456 -25.05 32.26 -22.14
CA VAL C 456 -24.76 30.84 -22.16
C VAL C 456 -23.28 30.73 -22.39
N ARG C 457 -22.59 30.16 -21.39
CA ARG C 457 -21.13 30.14 -21.41
C ARG C 457 -20.55 28.85 -20.73
N PRO C 458 -19.27 28.53 -21.01
CA PRO C 458 -18.60 27.42 -20.28
C PRO C 458 -18.34 27.83 -18.89
N ASN C 459 -18.47 26.93 -17.94
CA ASN C 459 -18.04 27.19 -16.57
C ASN C 459 -16.52 27.04 -16.42
N GLY C 460 -15.92 26.30 -17.36
CA GLY C 460 -14.51 25.90 -17.25
C GLY C 460 -13.55 26.75 -18.05
N LEU C 461 -12.37 26.17 -18.33
CA LEU C 461 -11.27 26.84 -18.94
C LEU C 461 -11.01 26.37 -20.35
N GLU C 462 -10.53 27.30 -21.16
CA GLU C 462 -10.13 26.99 -22.51
C GLU C 462 -8.74 26.37 -22.57
N ASP C 463 -8.47 25.63 -23.63
CA ASP C 463 -7.14 25.09 -23.89
C ASP C 463 -6.13 26.17 -24.04
N THR C 464 -4.89 25.89 -23.70
CA THR C 464 -3.83 26.91 -23.60
C THR C 464 -2.62 26.29 -24.21
N PRO C 465 -1.61 27.08 -24.56
CA PRO C 465 -0.38 26.47 -25.05
C PRO C 465 0.32 25.62 -24.03
N GLN C 466 0.89 24.51 -24.49
CA GLN C 466 1.76 23.68 -23.67
C GLN C 466 2.95 23.23 -24.46
N PHE C 467 3.99 22.97 -23.71
CA PHE C 467 5.30 22.55 -24.24
C PHE C 467 5.43 21.06 -24.29
N LYS C 468 5.35 20.48 -25.52
CA LYS C 468 5.43 19.06 -25.73
C LYS C 468 6.84 18.65 -25.97
N ILE C 469 7.36 17.81 -25.11
CA ILE C 469 8.71 17.29 -25.28
C ILE C 469 8.62 15.82 -25.55
N ASP C 470 9.23 15.40 -26.65
CA ASP C 470 9.26 13.99 -27.02
C ASP C 470 10.64 13.46 -26.75
N ILE C 471 10.76 12.40 -25.96
CA ILE C 471 11.98 11.73 -25.77
C ILE C 471 12.20 10.80 -26.94
N ASP C 472 13.41 10.79 -27.50
CA ASP C 472 13.74 9.85 -28.59
C ASP C 472 14.35 8.52 -28.03
N GLN C 473 13.62 7.44 -28.10
CA GLN C 473 14.00 6.20 -27.42
C GLN C 473 15.20 5.59 -28.07
N GLU C 474 15.26 5.70 -29.40
CA GLU C 474 16.43 5.14 -30.08
C GLU C 474 17.73 5.88 -29.70
N LYS C 475 17.69 7.20 -29.70
CA LYS C 475 18.86 7.96 -29.29
C LYS C 475 19.24 7.70 -27.83
N ALA C 476 18.24 7.61 -26.94
CA ALA C 476 18.51 7.31 -25.55
C ALA C 476 19.17 5.95 -25.47
N GLN C 477 18.65 4.96 -26.19
CA GLN C 477 19.27 3.63 -26.14
C GLN C 477 20.66 3.63 -26.78
N ALA C 478 20.84 4.34 -27.90
CA ALA C 478 22.19 4.39 -28.54
C ALA C 478 23.20 5.01 -27.57
N LEU C 479 22.81 6.04 -26.82
CA LEU C 479 23.71 6.69 -25.89
C LEU C 479 23.81 6.02 -24.53
N GLY C 480 22.97 5.03 -24.23
CA GLY C 480 23.03 4.32 -22.96
C GLY C 480 22.42 5.11 -21.80
N VAL C 481 21.51 6.04 -22.12
CA VAL C 481 20.89 6.89 -21.15
C VAL C 481 19.55 6.22 -20.81
N SER C 482 19.29 5.92 -19.54
CA SER C 482 18.00 5.29 -19.16
C SER C 482 16.80 6.24 -19.15
N ILE C 483 15.67 5.73 -19.63
CA ILE C 483 14.41 6.47 -19.59
C ILE C 483 14.01 6.98 -18.21
N ASN C 484 14.21 6.14 -17.21
CA ASN C 484 13.92 6.50 -15.80
C ASN C 484 14.79 7.64 -15.31
N ASP C 485 16.08 7.62 -15.67
CA ASP C 485 16.94 8.77 -15.36
C ASP C 485 16.48 10.06 -16.05
N ILE C 486 16.08 9.92 -17.32
CA ILE C 486 15.59 11.04 -18.12
C ILE C 486 14.37 11.65 -17.45
N ASN C 487 13.40 10.82 -17.19
CA ASN C 487 12.10 11.27 -16.66
C ASN C 487 12.13 11.76 -15.22
N THR C 488 12.95 11.17 -14.41
CA THR C 488 13.22 11.69 -13.05
C THR C 488 13.93 13.00 -13.10
N THR C 489 14.96 13.09 -13.95
CA THR C 489 15.69 14.36 -14.08
C THR C 489 14.73 15.48 -14.53
N LEU C 490 13.95 15.24 -15.55
CA LEU C 490 12.97 16.24 -16.00
C LEU C 490 11.95 16.60 -14.90
N GLY C 491 11.27 15.57 -14.40
CA GLY C 491 10.24 15.74 -13.36
C GLY C 491 10.77 16.38 -12.06
N ALA C 492 11.84 15.82 -11.52
CA ALA C 492 12.34 16.33 -10.26
C ALA C 492 12.79 17.85 -10.39
N ALA C 493 13.52 18.19 -11.43
CA ALA C 493 13.98 19.56 -11.67
C ALA C 493 12.85 20.52 -11.94
N TRP C 494 11.93 20.16 -12.82
CA TRP C 494 10.94 21.07 -13.30
C TRP C 494 9.64 21.05 -12.56
N GLY C 495 9.31 19.90 -11.97
CA GLY C 495 8.02 19.73 -11.21
C GLY C 495 8.23 19.66 -9.70
N GLY C 496 9.41 19.23 -9.28
CA GLY C 496 9.72 18.96 -7.88
C GLY C 496 9.38 17.56 -7.46
N SER C 497 10.02 17.09 -6.42
CA SER C 497 9.73 15.74 -5.92
C SER C 497 9.84 15.71 -4.39
N TYR C 498 8.84 15.12 -3.76
CA TYR C 498 8.83 14.85 -2.33
C TYR C 498 9.70 13.63 -2.09
N VAL C 499 10.86 13.79 -1.48
CA VAL C 499 11.81 12.72 -1.34
C VAL C 499 11.53 11.85 -0.11
N ASN C 500 11.57 12.45 1.07
CA ASN C 500 11.32 11.72 2.34
C ASN C 500 11.17 12.81 3.43
N ASP C 501 11.14 12.38 4.70
CA ASP C 501 10.83 13.28 5.81
C ASP C 501 12.06 13.60 6.64
N PHE C 502 12.03 14.75 7.32
CA PHE C 502 13.07 15.19 8.21
C PHE C 502 12.39 15.70 9.48
N ILE C 503 13.18 16.09 10.47
CA ILE C 503 12.58 16.52 11.74
C ILE C 503 13.00 17.94 12.01
N ASP C 504 12.03 18.87 12.04
CA ASP C 504 12.31 20.32 12.25
C ASP C 504 11.84 20.69 13.62
N ARG C 505 12.77 20.99 14.53
CA ARG C 505 12.47 21.40 15.89
C ARG C 505 11.56 20.35 16.52
N GLY C 506 11.89 19.08 16.30
CA GLY C 506 11.07 18.02 16.92
C GLY C 506 9.84 17.56 16.15
N ARG C 507 9.53 18.18 14.99
CA ARG C 507 8.29 17.88 14.24
C ARG C 507 8.59 17.33 12.87
N VAL C 508 8.06 16.16 12.55
CA VAL C 508 8.25 15.60 11.19
C VAL C 508 7.64 16.44 10.09
N LYS C 509 8.43 16.67 9.03
CA LYS C 509 8.11 17.49 7.90
C LYS C 509 8.74 16.94 6.64
N LYS C 510 8.27 17.43 5.48
CA LYS C 510 8.70 16.95 4.15
C LYS C 510 9.99 17.59 3.65
N VAL C 511 10.71 16.81 2.83
CA VAL C 511 11.87 17.24 2.07
C VAL C 511 11.53 17.21 0.60
N TYR C 512 11.74 18.35 -0.11
CA TYR C 512 11.51 18.47 -1.54
C TYR C 512 12.80 18.82 -2.24
N VAL C 513 13.07 18.18 -3.38
CA VAL C 513 14.02 18.65 -4.42
C VAL C 513 13.30 19.23 -5.63
N MET C 514 13.92 20.26 -6.19
CA MET C 514 13.43 20.94 -7.36
C MET C 514 14.53 21.88 -7.88
N SER C 515 14.50 22.21 -9.15
CA SER C 515 15.51 23.17 -9.66
C SER C 515 15.32 24.50 -9.02
N GLU C 516 16.42 25.19 -8.73
CA GLU C 516 16.29 26.64 -8.50
C GLU C 516 15.54 27.30 -9.65
N ALA C 517 14.67 28.26 -9.33
CA ALA C 517 13.74 28.82 -10.29
C ALA C 517 14.41 29.24 -11.65
N LYS C 518 15.60 29.86 -11.57
CA LYS C 518 16.25 30.43 -12.78
C LYS C 518 16.70 29.38 -13.76
N TYR C 519 16.75 28.10 -13.37
CA TYR C 519 17.10 27.07 -14.31
C TYR C 519 15.90 26.24 -14.80
N ARG C 520 14.70 26.68 -14.53
CA ARG C 520 13.45 25.98 -14.95
C ARG C 520 12.38 26.94 -15.46
N MET C 521 12.80 28.00 -16.18
CA MET C 521 11.85 29.03 -16.57
C MET C 521 11.38 28.95 -18.02
N LEU C 522 12.30 28.69 -18.96
CA LEU C 522 12.02 28.81 -20.41
C LEU C 522 12.54 27.61 -21.14
N PRO C 523 12.10 27.42 -22.38
CA PRO C 523 12.54 26.25 -23.17
C PRO C 523 14.03 26.07 -23.31
N ASP C 524 14.74 27.17 -23.44
CA ASP C 524 16.23 27.05 -23.49
C ASP C 524 16.87 26.43 -22.25
N ASP C 525 16.24 26.57 -21.10
CA ASP C 525 16.80 26.01 -19.88
C ASP C 525 16.79 24.44 -19.93
N ILE C 526 15.97 23.85 -20.78
CA ILE C 526 15.85 22.38 -20.92
C ILE C 526 17.22 21.81 -21.25
N GLY C 527 17.89 22.45 -22.17
CA GLY C 527 19.22 22.06 -22.61
C GLY C 527 20.38 22.22 -21.60
N ASP C 528 20.18 22.89 -20.46
CA ASP C 528 21.16 22.95 -19.39
C ASP C 528 21.16 21.73 -18.44
N TRP C 529 20.19 20.83 -18.62
CA TRP C 529 20.04 19.63 -17.80
C TRP C 529 20.70 18.47 -18.49
N TYR C 530 21.64 17.86 -17.78
CA TYR C 530 22.34 16.68 -18.24
C TYR C 530 21.93 15.45 -17.48
N VAL C 531 21.97 14.32 -18.17
CA VAL C 531 21.70 13.02 -17.59
C VAL C 531 22.92 12.15 -17.84
N ARG C 532 23.29 11.30 -16.87
CA ARG C 532 24.49 10.50 -16.96
C ARG C 532 24.17 9.15 -17.59
N ALA C 533 24.93 8.80 -18.62
CA ALA C 533 24.78 7.56 -19.34
C ALA C 533 25.48 6.45 -18.56
N ALA C 534 25.15 5.22 -18.94
CA ALA C 534 25.75 4.02 -18.34
C ALA C 534 27.28 4.03 -18.43
N ASP C 535 27.83 4.60 -19.49
CA ASP C 535 29.28 4.70 -19.61
C ASP C 535 29.89 5.87 -18.86
N GLY C 536 29.11 6.63 -18.11
CA GLY C 536 29.63 7.77 -17.35
C GLY C 536 29.65 9.11 -18.07
N GLN C 537 29.31 9.21 -19.34
CA GLN C 537 29.33 10.52 -19.97
C GLN C 537 28.06 11.26 -19.62
N MET C 538 28.17 12.57 -19.54
CA MET C 538 26.98 13.42 -19.29
C MET C 538 26.39 13.76 -20.65
N VAL C 539 25.09 13.60 -20.80
CA VAL C 539 24.40 13.84 -22.06
C VAL C 539 23.35 14.93 -21.86
N PRO C 540 23.42 16.05 -22.64
CA PRO C 540 22.41 17.10 -22.46
C PRO C 540 21.04 16.63 -22.97
N PHE C 541 19.95 17.18 -22.43
CA PHE C 541 18.58 16.83 -22.88
C PHE C 541 18.37 16.99 -24.35
N SER C 542 18.97 18.00 -24.90
CA SER C 542 18.85 18.29 -26.32
C SER C 542 19.37 17.16 -27.25
N ALA C 543 20.28 16.32 -26.76
CA ALA C 543 20.71 15.21 -27.58
C ALA C 543 19.62 14.16 -27.86
N PHE C 544 18.66 14.00 -26.95
CA PHE C 544 17.72 12.86 -27.11
C PHE C 544 16.26 13.35 -27.05
N SER C 545 16.00 14.63 -27.23
CA SER C 545 14.64 15.11 -27.19
C SER C 545 14.40 16.19 -28.23
N SER C 546 13.13 16.42 -28.56
CA SER C 546 12.69 17.54 -29.36
C SER C 546 11.42 18.03 -28.81
N SER C 547 11.06 19.27 -29.10
CA SER C 547 9.90 19.86 -28.56
C SER C 547 9.16 20.73 -29.52
N ARG C 548 7.91 20.98 -29.20
CA ARG C 548 7.10 21.89 -29.96
C ARG C 548 5.99 22.43 -29.09
N TRP C 549 5.38 23.54 -29.55
CA TRP C 549 4.19 24.07 -28.89
C TRP C 549 2.93 23.34 -29.40
N GLU C 550 1.97 23.11 -28.51
CA GLU C 550 0.65 22.58 -28.91
C GLU C 550 -0.33 23.10 -27.92
N TYR C 551 -1.61 22.90 -28.15
CA TYR C 551 -2.63 23.30 -27.20
C TYR C 551 -3.11 22.07 -26.43
N GLY C 552 -3.56 22.28 -25.21
CA GLY C 552 -4.21 21.21 -24.44
C GLY C 552 -4.90 21.79 -23.24
N SER C 553 -5.56 20.95 -22.45
CA SER C 553 -6.41 21.48 -21.42
C SER C 553 -5.70 21.71 -20.10
N PRO C 554 -5.95 22.86 -19.47
CA PRO C 554 -5.47 23.03 -18.08
C PRO C 554 -6.46 22.59 -17.04
N ARG C 555 -7.68 22.21 -17.45
CA ARG C 555 -8.70 21.74 -16.56
C ARG C 555 -9.73 20.86 -17.26
N LEU C 556 -9.58 19.55 -17.07
CA LEU C 556 -10.49 18.50 -17.59
C LEU C 556 -11.62 18.19 -16.61
N GLU C 557 -12.84 18.08 -17.13
CA GLU C 557 -14.01 17.87 -16.33
C GLU C 557 -14.62 16.55 -16.75
N ARG C 558 -15.26 15.92 -15.76
CA ARG C 558 -16.01 14.64 -15.95
C ARG C 558 -17.31 14.70 -15.19
N TYR C 559 -18.34 14.03 -15.74
CA TYR C 559 -19.64 14.01 -15.12
C TYR C 559 -20.13 12.56 -15.18
N ASN C 560 -20.51 12.00 -14.03
CA ASN C 560 -20.92 10.58 -13.90
C ASN C 560 -19.97 9.66 -14.63
N GLY C 561 -18.72 9.98 -14.45
CA GLY C 561 -17.66 9.19 -14.98
C GLY C 561 -17.23 9.31 -16.41
N LEU C 562 -17.80 10.28 -17.13
CA LEU C 562 -17.52 10.44 -18.51
C LEU C 562 -16.96 11.89 -18.74
N PRO C 563 -16.10 12.09 -19.73
CA PRO C 563 -15.72 13.43 -20.06
C PRO C 563 -16.90 14.36 -20.30
N SER C 564 -16.75 15.58 -19.78
CA SER C 564 -17.84 16.51 -19.73
C SER C 564 -17.34 17.95 -19.84
N MET C 565 -18.27 18.83 -20.17
CA MET C 565 -18.07 20.32 -20.09
C MET C 565 -19.33 20.95 -19.57
N GLU C 566 -19.22 21.59 -18.41
CA GLU C 566 -20.33 22.30 -17.77
C GLU C 566 -20.62 23.63 -18.51
N ILE C 567 -21.90 23.87 -18.77
CA ILE C 567 -22.41 25.10 -19.40
C ILE C 567 -23.43 25.73 -18.46
N LEU C 568 -23.20 27.01 -18.15
CA LEU C 568 -24.11 27.86 -17.40
C LEU C 568 -24.85 28.81 -18.36
N GLY C 569 -25.98 29.30 -17.90
CA GLY C 569 -26.79 30.20 -18.69
C GLY C 569 -28.02 30.57 -17.90
N GLN C 570 -28.81 31.47 -18.50
CA GLN C 570 -30.09 31.84 -17.95
C GLN C 570 -31.16 32.18 -18.99
N ALA C 571 -32.39 32.14 -18.48
CA ALA C 571 -33.61 32.57 -19.16
C ALA C 571 -33.46 34.02 -19.53
N ALA C 572 -33.80 34.35 -20.77
CA ALA C 572 -33.89 35.77 -21.19
C ALA C 572 -35.04 36.50 -20.44
N PRO C 573 -35.02 37.86 -20.43
CA PRO C 573 -36.17 38.67 -19.95
C PRO C 573 -37.57 38.02 -20.07
N GLY C 574 -38.24 37.85 -18.93
CA GLY C 574 -39.55 37.20 -18.84
C GLY C 574 -39.75 35.93 -19.70
N LYS C 575 -38.84 34.97 -19.58
CA LYS C 575 -39.06 33.59 -20.03
C LYS C 575 -38.85 32.78 -18.79
N SER C 576 -39.46 31.60 -18.69
CA SER C 576 -39.26 30.75 -17.50
C SER C 576 -37.96 30.00 -17.69
N THR C 577 -37.39 29.45 -16.61
CA THR C 577 -36.22 28.58 -16.77
C THR C 577 -36.64 27.31 -17.56
N GLY C 578 -37.85 26.81 -17.28
CA GLY C 578 -38.40 25.65 -17.97
C GLY C 578 -38.35 25.76 -19.48
N GLU C 579 -38.60 26.97 -19.99
CA GLU C 579 -38.61 27.20 -21.44
C GLU C 579 -37.18 27.20 -22.01
N ALA C 580 -36.32 27.95 -21.33
CA ALA C 580 -34.85 28.03 -21.57
C ALA C 580 -34.20 26.62 -21.60
N MET C 581 -34.55 25.80 -20.60
CA MET C 581 -34.03 24.43 -20.53
C MET C 581 -34.50 23.66 -21.75
N GLU C 582 -35.79 23.76 -22.07
CA GLU C 582 -36.35 23.05 -23.26
C GLU C 582 -35.66 23.44 -24.55
N LEU C 583 -35.35 24.72 -24.70
CA LEU C 583 -34.55 25.14 -25.85
C LEU C 583 -33.15 24.49 -25.84
N MET C 584 -32.45 24.60 -24.71
CA MET C 584 -31.11 23.95 -24.60
C MET C 584 -31.23 22.48 -25.01
N GLU C 585 -32.23 21.77 -24.47
CA GLU C 585 -32.44 20.34 -24.83
C GLU C 585 -32.61 20.12 -26.30
N GLN C 586 -33.34 21.02 -26.93
CA GLN C 586 -33.57 20.96 -28.37
C GLN C 586 -32.33 21.31 -29.18
N LEU C 587 -31.61 22.33 -28.74
CA LEU C 587 -30.31 22.59 -29.40
C LEU C 587 -29.36 21.39 -29.22
N ALA C 588 -29.31 20.87 -28.00
CA ALA C 588 -28.43 19.72 -27.69
C ALA C 588 -28.71 18.49 -28.57
N SER C 589 -29.97 18.31 -28.99
CA SER C 589 -30.32 17.21 -29.89
C SER C 589 -29.78 17.29 -31.31
N LYS C 590 -29.19 18.42 -31.69
CA LYS C 590 -28.61 18.55 -33.03
C LYS C 590 -27.08 18.38 -33.07
N LEU C 591 -26.47 17.97 -31.94
CA LEU C 591 -25.02 17.95 -31.84
C LEU C 591 -24.45 16.73 -32.51
N PRO C 592 -23.15 16.67 -32.73
CA PRO C 592 -22.62 15.47 -33.40
C PRO C 592 -22.89 14.14 -32.67
N THR C 593 -22.82 13.06 -33.44
CA THR C 593 -23.15 11.74 -32.93
C THR C 593 -22.23 11.41 -31.74
N GLY C 594 -22.82 11.01 -30.63
CA GLY C 594 -22.09 10.53 -29.48
C GLY C 594 -21.94 11.58 -28.37
N VAL C 595 -22.52 12.78 -28.58
CA VAL C 595 -22.55 13.83 -27.56
C VAL C 595 -23.89 13.86 -26.88
N GLY C 596 -23.92 13.71 -25.57
CA GLY C 596 -25.13 13.75 -24.77
C GLY C 596 -25.10 14.90 -23.84
N TYR C 597 -26.11 14.99 -22.99
CA TYR C 597 -26.12 15.98 -21.97
C TYR C 597 -26.87 15.52 -20.77
N ASP C 598 -26.74 16.29 -19.72
CA ASP C 598 -27.50 16.07 -18.51
C ASP C 598 -27.65 17.38 -17.79
N TRP C 599 -28.63 17.47 -16.88
CA TRP C 599 -28.81 18.64 -16.05
C TRP C 599 -28.31 18.29 -14.67
N THR C 600 -27.74 19.29 -13.98
CA THR C 600 -27.14 19.11 -12.68
C THR C 600 -27.38 20.30 -11.73
N GLY C 601 -26.96 20.17 -10.46
CA GLY C 601 -26.99 21.24 -9.47
C GLY C 601 -28.44 21.76 -9.39
N MET C 602 -28.58 23.09 -9.43
CA MET C 602 -29.91 23.72 -9.39
C MET C 602 -30.89 23.17 -10.45
N SER C 603 -30.40 22.75 -11.62
CA SER C 603 -31.30 22.24 -12.66
C SER C 603 -31.66 20.77 -12.50
N TYR C 604 -31.06 20.06 -11.57
CA TYR C 604 -31.45 18.68 -11.35
C TYR C 604 -32.82 18.69 -10.66
N HIS D 6 4.98 -48.52 -24.72
CA HIS D 6 4.56 -48.22 -23.33
C HIS D 6 3.75 -46.88 -23.16
N HIS D 7 3.74 -45.99 -24.17
CA HIS D 7 2.81 -44.80 -24.22
C HIS D 7 1.46 -45.23 -24.77
N HIS D 8 0.50 -45.47 -23.89
CA HIS D 8 -0.79 -45.97 -24.33
C HIS D 8 -1.68 -44.81 -24.77
N HIS D 9 -2.41 -45.00 -25.87
CA HIS D 9 -3.24 -43.92 -26.45
C HIS D 9 -4.58 -43.73 -25.66
N HIS D 10 -5.08 -42.50 -25.70
CA HIS D 10 -6.20 -42.02 -24.86
C HIS D 10 -7.59 -42.04 -25.58
N GLY D 11 -8.56 -42.85 -25.11
CA GLY D 11 -10.04 -42.59 -25.29
C GLY D 11 -10.98 -43.80 -25.41
N SER D 12 -11.98 -43.93 -24.50
CA SER D 12 -13.19 -44.90 -24.55
C SER D 12 -14.13 -44.85 -23.28
N ASP D 13 -15.34 -45.42 -23.33
CA ASP D 13 -16.36 -45.34 -22.23
C ASP D 13 -16.10 -46.31 -21.04
N LEU D 14 -15.83 -47.61 -21.29
CA LEU D 14 -15.43 -48.52 -20.18
C LEU D 14 -14.01 -48.18 -19.62
N GLY D 15 -13.06 -47.90 -20.52
CA GLY D 15 -11.72 -47.33 -20.24
C GLY D 15 -11.79 -46.17 -19.25
N LYS D 16 -12.69 -45.23 -19.55
CA LYS D 16 -12.88 -44.08 -18.69
C LYS D 16 -13.43 -44.47 -17.32
N LYS D 17 -14.42 -45.33 -17.28
CA LYS D 17 -14.88 -45.87 -15.98
C LYS D 17 -13.77 -46.59 -15.23
N LEU D 18 -12.91 -47.29 -15.95
CA LEU D 18 -11.86 -48.07 -15.26
C LEU D 18 -10.84 -47.11 -14.66
N LEU D 19 -10.50 -46.09 -15.45
CA LEU D 19 -9.56 -45.04 -14.97
C LEU D 19 -10.10 -44.42 -13.71
N GLU D 20 -11.38 -44.08 -13.73
CA GLU D 20 -12.03 -43.49 -12.53
C GLU D 20 -12.16 -44.44 -11.35
N ALA D 21 -12.45 -45.70 -11.63
CA ALA D 21 -12.57 -46.66 -10.53
C ALA D 21 -11.23 -46.96 -9.90
N ALA D 22 -10.19 -47.06 -10.74
CA ALA D 22 -8.87 -47.37 -10.21
C ALA D 22 -8.38 -46.22 -9.33
N ARG D 23 -8.66 -45.01 -9.79
CA ARG D 23 -8.32 -43.82 -9.02
C ARG D 23 -9.05 -43.79 -7.66
N ALA D 24 -10.36 -44.02 -7.63
CA ALA D 24 -11.11 -44.00 -6.35
C ALA D 24 -10.99 -45.24 -5.47
N GLY D 25 -10.22 -46.23 -5.86
CA GLY D 25 -10.12 -47.43 -5.05
C GLY D 25 -11.37 -48.33 -5.03
N ARG D 26 -12.20 -48.32 -6.08
CA ARG D 26 -13.45 -49.14 -6.12
C ARG D 26 -13.16 -50.55 -6.66
N ASP D 27 -12.70 -51.41 -5.75
CA ASP D 27 -12.22 -52.78 -6.03
C ASP D 27 -13.22 -53.61 -6.80
N ASP D 28 -14.47 -53.62 -6.32
CA ASP D 28 -15.57 -54.41 -6.95
C ASP D 28 -15.76 -53.96 -8.40
N GLU D 29 -15.97 -52.65 -8.55
CA GLU D 29 -16.21 -52.09 -9.85
C GLU D 29 -15.04 -52.35 -10.81
N VAL D 30 -13.80 -52.24 -10.34
CA VAL D 30 -12.65 -52.62 -11.14
C VAL D 30 -12.80 -54.06 -11.67
N ARG D 31 -13.20 -54.95 -10.77
CA ARG D 31 -13.35 -56.38 -11.06
C ARG D 31 -14.45 -56.57 -12.18
N ILE D 32 -15.61 -55.95 -11.99
CA ILE D 32 -16.72 -56.00 -12.94
C ILE D 32 -16.26 -55.50 -14.31
N LEU D 33 -15.62 -54.33 -14.33
CA LEU D 33 -15.20 -53.74 -15.59
C LEU D 33 -14.26 -54.59 -16.39
N MET D 34 -13.31 -55.24 -15.71
CA MET D 34 -12.29 -56.11 -16.34
C MET D 34 -12.96 -57.32 -16.98
N ALA D 35 -13.86 -57.91 -16.25
CA ALA D 35 -14.68 -59.02 -16.73
C ALA D 35 -15.58 -58.62 -17.91
N ASN D 36 -16.01 -57.35 -17.96
CA ASN D 36 -16.73 -56.82 -19.13
C ASN D 36 -15.89 -56.24 -20.23
N GLY D 37 -14.59 -56.58 -20.26
CA GLY D 37 -13.70 -56.28 -21.38
C GLY D 37 -13.00 -54.92 -21.40
N ALA D 38 -13.11 -54.14 -20.32
CA ALA D 38 -12.49 -52.79 -20.26
C ALA D 38 -11.01 -52.91 -20.61
N ASP D 39 -10.53 -51.98 -21.41
CA ASP D 39 -9.12 -51.94 -21.76
C ASP D 39 -8.29 -51.66 -20.48
N VAL D 40 -7.52 -52.65 -20.07
CA VAL D 40 -6.70 -52.54 -18.88
C VAL D 40 -5.60 -51.43 -18.96
N ASN D 41 -5.16 -51.11 -20.17
CA ASN D 41 -4.25 -50.03 -20.45
C ASN D 41 -4.89 -48.80 -21.09
N ALA D 42 -6.15 -48.51 -20.78
CA ALA D 42 -6.73 -47.23 -21.25
C ALA D 42 -5.86 -46.15 -20.61
N ALA D 43 -5.70 -45.02 -21.27
CA ALA D 43 -4.89 -43.92 -20.73
C ALA D 43 -5.70 -42.65 -20.70
N ASP D 44 -5.43 -41.77 -19.72
CA ASP D 44 -6.06 -40.42 -19.71
C ASP D 44 -5.23 -39.43 -20.51
N VAL D 45 -5.63 -38.16 -20.48
CA VAL D 45 -4.91 -37.19 -21.29
C VAL D 45 -3.48 -36.94 -20.88
N VAL D 46 -3.08 -37.27 -19.64
CA VAL D 46 -1.66 -37.18 -19.30
C VAL D 46 -0.84 -38.50 -19.43
N GLY D 47 -1.42 -39.51 -20.12
CA GLY D 47 -0.79 -40.82 -20.26
C GLY D 47 -0.92 -41.79 -19.11
N TRP D 48 -1.70 -41.48 -18.10
CA TRP D 48 -1.78 -42.33 -16.93
C TRP D 48 -2.76 -43.48 -17.26
N THR D 49 -2.40 -44.71 -16.89
CA THR D 49 -3.24 -45.86 -17.08
C THR D 49 -3.82 -46.14 -15.74
N PRO D 50 -4.73 -47.12 -15.66
CA PRO D 50 -5.27 -47.43 -14.33
C PRO D 50 -4.20 -47.88 -13.33
N LEU D 51 -3.14 -48.51 -13.81
CA LEU D 51 -2.03 -48.97 -12.93
C LEU D 51 -1.28 -47.74 -12.34
N HIS D 52 -1.02 -46.75 -13.17
CA HIS D 52 -0.52 -45.42 -12.67
C HIS D 52 -1.37 -44.85 -11.57
N LEU D 53 -2.67 -44.86 -11.78
CA LEU D 53 -3.58 -44.29 -10.82
C LEU D 53 -3.65 -45.01 -9.52
N ALA D 54 -3.78 -46.33 -9.59
CA ALA D 54 -3.77 -47.16 -8.41
C ALA D 54 -2.46 -47.05 -7.57
N ALA D 55 -1.34 -46.99 -8.26
CA ALA D 55 -0.05 -46.85 -7.66
C ALA D 55 0.06 -45.49 -6.97
N TYR D 56 -0.29 -44.42 -7.67
CA TYR D 56 -0.25 -43.05 -7.06
C TYR D 56 -1.10 -42.95 -5.81
N TRP D 57 -2.33 -43.43 -5.89
CA TRP D 57 -3.29 -43.34 -4.80
C TRP D 57 -3.24 -44.52 -3.80
N GLY D 58 -2.31 -45.45 -3.94
CA GLY D 58 -2.09 -46.44 -2.89
C GLY D 58 -3.07 -47.61 -2.81
N HIS D 59 -3.72 -47.97 -3.92
CA HIS D 59 -4.75 -49.01 -3.92
C HIS D 59 -4.12 -50.35 -4.29
N LEU D 60 -3.58 -51.03 -3.28
CA LEU D 60 -2.82 -52.31 -3.48
C LEU D 60 -3.57 -53.43 -4.27
N GLU D 61 -4.79 -53.67 -3.84
CA GLU D 61 -5.63 -54.78 -4.40
C GLU D 61 -6.01 -54.51 -5.86
N ILE D 62 -6.31 -53.24 -6.18
CA ILE D 62 -6.46 -52.87 -7.57
C ILE D 62 -5.19 -53.02 -8.36
N VAL D 63 -4.03 -52.66 -7.79
CA VAL D 63 -2.77 -52.88 -8.50
C VAL D 63 -2.62 -54.38 -8.85
N GLU D 64 -2.92 -55.23 -7.88
CA GLU D 64 -2.84 -56.70 -8.07
C GLU D 64 -3.81 -57.19 -9.13
N VAL D 65 -5.07 -56.73 -9.03
CA VAL D 65 -6.12 -57.06 -10.06
C VAL D 65 -5.72 -56.66 -11.47
N LEU D 66 -5.23 -55.43 -11.62
CA LEU D 66 -4.85 -54.96 -12.93
C LEU D 66 -3.72 -55.81 -13.52
N LEU D 67 -2.70 -56.13 -12.71
CA LEU D 67 -1.53 -56.86 -13.25
C LEU D 67 -1.99 -58.27 -13.65
N LYS D 68 -2.82 -58.87 -12.80
CA LYS D 68 -3.38 -60.22 -13.08
C LYS D 68 -4.18 -60.23 -14.41
N ASN D 69 -4.80 -59.11 -14.77
CA ASN D 69 -5.43 -58.93 -16.06
C ASN D 69 -4.60 -58.30 -17.16
N GLY D 70 -3.28 -58.29 -17.07
CA GLY D 70 -2.49 -57.94 -18.23
C GLY D 70 -2.04 -56.49 -18.35
N ALA D 71 -2.27 -55.66 -17.34
CA ALA D 71 -1.69 -54.27 -17.28
C ALA D 71 -0.22 -54.23 -17.63
N ASP D 72 0.12 -53.22 -18.42
CA ASP D 72 1.48 -52.91 -18.75
C ASP D 72 2.13 -52.38 -17.49
N VAL D 73 3.00 -53.20 -16.90
CA VAL D 73 3.66 -52.87 -15.64
C VAL D 73 4.59 -51.67 -15.80
N ASN D 74 5.13 -51.49 -17.02
CA ASN D 74 6.02 -50.39 -17.38
C ASN D 74 5.41 -49.29 -18.28
N ALA D 75 4.10 -49.10 -18.18
CA ALA D 75 3.38 -47.97 -18.82
C ALA D 75 4.10 -46.66 -18.52
N TYR D 76 4.30 -45.85 -19.55
CA TYR D 76 4.90 -44.52 -19.44
C TYR D 76 3.83 -43.46 -19.58
N ASP D 77 3.83 -42.45 -18.71
CA ASP D 77 3.02 -41.26 -18.94
C ASP D 77 3.64 -40.35 -19.97
N THR D 78 3.04 -39.19 -20.25
CA THR D 78 3.59 -38.39 -21.35
C THR D 78 4.94 -37.72 -21.04
N LEU D 79 5.44 -37.81 -19.81
CA LEU D 79 6.78 -37.35 -19.40
C LEU D 79 7.69 -38.48 -18.99
N GLY D 80 7.32 -39.69 -19.40
CA GLY D 80 8.19 -40.85 -19.22
C GLY D 80 8.12 -41.58 -17.88
N SER D 81 7.17 -41.25 -17.02
CA SER D 81 7.11 -41.83 -15.71
C SER D 81 6.19 -43.07 -15.68
N THR D 82 6.59 -44.03 -14.85
CA THR D 82 6.00 -45.36 -14.76
C THR D 82 5.25 -45.50 -13.49
N PRO D 83 4.41 -46.54 -13.36
CA PRO D 83 3.78 -46.77 -12.03
C PRO D 83 4.79 -46.97 -10.90
N LEU D 84 5.98 -47.52 -11.20
CA LEU D 84 6.94 -47.75 -10.13
C LEU D 84 7.46 -46.38 -9.63
N HIS D 85 7.67 -45.43 -10.53
CA HIS D 85 8.05 -44.08 -10.10
C HIS D 85 7.08 -43.54 -9.06
N LEU D 86 5.79 -43.64 -9.33
CA LEU D 86 4.80 -43.10 -8.49
C LEU D 86 4.72 -43.77 -7.12
N ALA D 87 4.66 -45.09 -7.14
CA ALA D 87 4.66 -45.81 -5.91
C ALA D 87 5.92 -45.56 -5.06
N ALA D 88 7.10 -45.46 -5.66
CA ALA D 88 8.30 -45.20 -4.90
C ALA D 88 8.28 -43.80 -4.34
N HIS D 89 7.77 -42.84 -5.13
CA HIS D 89 7.83 -41.42 -4.75
C HIS D 89 6.88 -41.23 -3.57
N PHE D 90 5.73 -41.87 -3.59
CA PHE D 90 4.72 -41.70 -2.60
C PHE D 90 4.67 -42.71 -1.43
N GLY D 91 5.68 -43.53 -1.25
CA GLY D 91 5.84 -44.21 -0.02
C GLY D 91 5.03 -45.49 0.03
N HIS D 92 4.59 -46.01 -1.14
CA HIS D 92 3.69 -47.24 -1.15
C HIS D 92 4.50 -48.52 -1.27
N LEU D 93 5.00 -48.99 -0.13
CA LEU D 93 6.00 -50.07 -0.08
C LEU D 93 5.46 -51.36 -0.73
N GLU D 94 4.25 -51.71 -0.35
CA GLU D 94 3.69 -53.00 -0.75
C GLU D 94 3.46 -52.98 -2.24
N ILE D 95 3.06 -51.79 -2.74
CA ILE D 95 2.86 -51.64 -4.15
C ILE D 95 4.17 -51.73 -4.87
N VAL D 96 5.23 -51.12 -4.34
CA VAL D 96 6.53 -51.20 -4.99
C VAL D 96 6.93 -52.69 -5.16
N GLU D 97 6.70 -53.46 -4.12
CA GLU D 97 7.10 -54.88 -4.15
C GLU D 97 6.34 -55.65 -5.20
N VAL D 98 5.04 -55.42 -5.25
CA VAL D 98 4.16 -56.10 -6.21
C VAL D 98 4.57 -55.72 -7.63
N LEU D 99 4.91 -54.45 -7.86
CA LEU D 99 5.24 -54.07 -9.20
C LEU D 99 6.56 -54.73 -9.66
N LEU D 100 7.55 -54.64 -8.79
CA LEU D 100 8.89 -55.21 -9.09
C LEU D 100 8.78 -56.73 -9.23
N LYS D 101 8.02 -57.35 -8.34
CA LYS D 101 7.69 -58.78 -8.49
C LYS D 101 7.11 -59.12 -9.85
N ASN D 102 6.35 -58.18 -10.46
CA ASN D 102 5.71 -58.39 -11.79
C ASN D 102 6.44 -57.83 -12.97
N GLY D 103 7.73 -57.51 -12.85
CA GLY D 103 8.56 -57.16 -14.00
C GLY D 103 8.78 -55.65 -14.24
N ALA D 104 8.43 -54.86 -13.25
CA ALA D 104 8.69 -53.42 -13.34
C ALA D 104 10.18 -53.16 -13.51
N ASP D 105 10.48 -52.28 -14.47
CA ASP D 105 11.82 -51.80 -14.79
C ASP D 105 12.31 -50.92 -13.62
N VAL D 106 13.10 -51.54 -12.74
CA VAL D 106 13.69 -50.88 -11.57
C VAL D 106 14.58 -49.68 -11.90
N ASN D 107 15.12 -49.60 -13.11
CA ASN D 107 15.98 -48.47 -13.55
C ASN D 107 15.36 -47.60 -14.64
N ALA D 108 14.04 -47.64 -14.78
CA ALA D 108 13.35 -46.81 -15.75
C ALA D 108 13.67 -45.33 -15.39
N LYS D 109 14.00 -44.57 -16.39
CA LYS D 109 14.27 -43.14 -16.24
C LYS D 109 13.12 -42.41 -16.90
N ASP D 110 12.59 -41.36 -16.27
CA ASP D 110 11.61 -40.53 -16.94
C ASP D 110 12.34 -39.59 -17.86
N ASP D 111 11.63 -38.61 -18.44
CA ASP D 111 12.25 -37.67 -19.38
C ASP D 111 13.35 -36.82 -18.78
N ASN D 112 13.34 -36.70 -17.47
CA ASN D 112 14.36 -35.90 -16.74
C ASN D 112 15.56 -36.74 -16.27
N GLY D 113 15.55 -38.03 -16.64
CA GLY D 113 16.58 -38.94 -16.20
C GLY D 113 16.36 -39.44 -14.79
N ILE D 114 15.20 -39.15 -14.22
CA ILE D 114 14.91 -39.48 -12.84
C ILE D 114 14.41 -40.92 -12.77
N THR D 115 14.85 -41.67 -11.79
CA THR D 115 14.58 -43.11 -11.64
C THR D 115 13.77 -43.24 -10.36
N PRO D 116 13.15 -44.41 -10.15
CA PRO D 116 12.44 -44.59 -8.92
C PRO D 116 13.32 -44.48 -7.69
N LEU D 117 14.58 -44.93 -7.74
CA LEU D 117 15.44 -44.76 -6.55
C LEU D 117 15.64 -43.27 -6.19
N HIS D 118 15.81 -42.43 -7.21
CA HIS D 118 15.93 -40.98 -6.98
C HIS D 118 14.74 -40.42 -6.21
N LEU D 119 13.51 -40.81 -6.62
CA LEU D 119 12.32 -40.30 -5.99
C LEU D 119 12.22 -40.79 -4.53
N ALA D 120 12.41 -42.08 -4.32
CA ALA D 120 12.32 -42.66 -2.99
C ALA D 120 13.40 -42.04 -2.10
N ALA D 121 14.59 -41.85 -2.64
CA ALA D 121 15.66 -41.23 -1.89
C ALA D 121 15.27 -39.83 -1.47
N ASN D 122 14.83 -39.04 -2.44
CA ASN D 122 14.49 -37.66 -2.14
C ASN D 122 13.45 -37.47 -1.04
N ARG D 123 12.46 -38.35 -0.94
CA ARG D 123 11.43 -38.27 0.09
C ARG D 123 11.79 -39.06 1.32
N GLY D 124 12.97 -39.69 1.36
CA GLY D 124 13.45 -40.42 2.52
C GLY D 124 12.73 -41.71 2.80
N HIS D 125 12.26 -42.42 1.76
CA HIS D 125 11.46 -43.63 1.99
C HIS D 125 12.44 -44.80 1.98
N LEU D 126 13.01 -45.08 3.15
CA LEU D 126 14.21 -45.93 3.24
C LEU D 126 13.94 -47.44 2.90
N GLU D 127 12.76 -47.94 3.26
CA GLU D 127 12.45 -49.35 3.01
C GLU D 127 12.26 -49.53 1.52
N ILE D 128 11.64 -48.55 0.84
CA ILE D 128 11.59 -48.58 -0.62
C ILE D 128 12.97 -48.54 -1.25
N VAL D 129 13.84 -47.69 -0.76
CA VAL D 129 15.18 -47.64 -1.28
C VAL D 129 15.84 -49.06 -1.23
N GLU D 130 15.69 -49.71 -0.08
CA GLU D 130 16.28 -51.04 0.10
C GLU D 130 15.75 -52.07 -0.85
N VAL D 131 14.40 -52.10 -1.04
CA VAL D 131 13.76 -53.01 -1.96
C VAL D 131 14.22 -52.75 -3.41
N LEU D 132 14.34 -51.48 -3.79
CA LEU D 132 14.70 -51.16 -5.16
C LEU D 132 16.13 -51.68 -5.44
N LEU D 133 17.01 -51.46 -4.46
CA LEU D 133 18.44 -51.86 -4.56
C LEU D 133 18.48 -53.39 -4.60
N LYS D 134 17.74 -54.03 -3.69
CA LYS D 134 17.51 -55.49 -3.74
C LYS D 134 17.15 -55.96 -5.14
N TYR D 135 16.25 -55.27 -5.86
CA TYR D 135 15.90 -55.65 -7.26
C TYR D 135 16.82 -55.15 -8.34
N GLY D 136 18.04 -54.70 -8.02
CA GLY D 136 19.01 -54.35 -9.06
C GLY D 136 19.12 -52.87 -9.42
N ALA D 137 18.55 -52.00 -8.61
CA ALA D 137 18.57 -50.59 -8.94
C ALA D 137 20.00 -50.14 -9.03
N ASP D 138 20.33 -49.43 -10.09
CA ASP D 138 21.68 -48.87 -10.29
C ASP D 138 21.89 -47.68 -9.29
N VAL D 139 22.62 -47.98 -8.22
CA VAL D 139 22.92 -47.02 -7.17
C VAL D 139 23.64 -45.76 -7.69
N ASN D 140 24.34 -45.85 -8.81
CA ASN D 140 25.05 -44.73 -9.40
C ASN D 140 24.39 -44.03 -10.57
N ALA D 141 23.15 -44.36 -10.87
CA ALA D 141 22.41 -43.74 -11.94
C ALA D 141 22.26 -42.21 -11.67
N GLN D 142 22.45 -41.43 -12.69
CA GLN D 142 22.49 -39.97 -12.63
C GLN D 142 21.32 -39.43 -13.42
N ASP D 143 20.59 -38.47 -12.83
CA ASP D 143 19.58 -37.71 -13.57
C ASP D 143 20.20 -36.72 -14.53
N LYS D 144 19.38 -35.92 -15.20
CA LYS D 144 19.87 -34.95 -16.17
C LYS D 144 20.82 -33.94 -15.57
N PHE D 145 20.77 -33.74 -14.24
CA PHE D 145 21.71 -32.81 -13.59
C PHE D 145 22.95 -33.49 -13.04
N GLY D 146 23.16 -34.77 -13.32
CA GLY D 146 24.33 -35.46 -12.82
C GLY D 146 24.20 -36.03 -11.44
N LYS D 147 23.01 -35.96 -10.82
CA LYS D 147 22.79 -36.34 -9.44
C LYS D 147 22.40 -37.81 -9.23
N THR D 148 23.03 -38.40 -8.22
CA THR D 148 22.80 -39.79 -7.82
C THR D 148 21.94 -39.69 -6.58
N ALA D 149 21.34 -40.79 -6.18
CA ALA D 149 20.73 -40.96 -4.85
C ALA D 149 21.61 -40.53 -3.70
N PHE D 150 22.88 -40.83 -3.77
CA PHE D 150 23.79 -40.44 -2.71
C PHE D 150 23.89 -38.89 -2.66
N ASP D 151 23.99 -38.22 -3.81
CA ASP D 151 24.05 -36.74 -3.85
C ASP D 151 22.79 -36.19 -3.21
N ILE D 152 21.67 -36.85 -3.47
CA ILE D 152 20.42 -36.44 -2.87
C ILE D 152 20.46 -36.57 -1.34
N SER D 153 20.95 -37.69 -0.83
CA SER D 153 21.08 -37.85 0.61
C SER D 153 22.00 -36.78 1.24
N ILE D 154 23.08 -36.40 0.59
CA ILE D 154 23.90 -35.34 1.13
C ILE D 154 23.18 -33.99 1.06
N ASN D 155 22.59 -33.64 -0.06
CA ASN D 155 21.88 -32.37 -0.11
C ASN D 155 20.77 -32.29 0.94
N ASN D 156 20.09 -33.40 1.20
CA ASN D 156 18.93 -33.35 2.12
C ASN D 156 19.42 -33.49 3.57
N GLY D 157 20.65 -33.91 3.77
CA GLY D 157 21.17 -34.13 5.10
C GLY D 157 20.62 -35.35 5.75
N ASN D 158 20.20 -36.34 4.97
CA ASN D 158 19.60 -37.54 5.50
C ASN D 158 20.72 -38.55 5.73
N GLU D 159 21.24 -38.60 6.95
CA GLU D 159 22.38 -39.52 7.28
C GLU D 159 22.03 -41.01 7.13
N ASP D 160 20.81 -41.38 7.56
CA ASP D 160 20.31 -42.76 7.44
C ASP D 160 20.33 -43.28 6.01
N LEU D 161 19.92 -42.41 5.08
CA LEU D 161 19.94 -42.77 3.67
C LEU D 161 21.37 -42.96 3.17
N ALA D 162 22.21 -41.98 3.47
CA ALA D 162 23.64 -42.06 3.10
C ALA D 162 24.27 -43.37 3.60
N GLU D 163 23.92 -43.75 4.84
CA GLU D 163 24.31 -45.03 5.45
C GLU D 163 23.93 -46.23 4.59
N ILE D 164 22.64 -46.31 4.25
CA ILE D 164 22.14 -47.39 3.38
C ILE D 164 22.92 -47.46 2.07
N LEU D 165 23.23 -46.30 1.46
CA LEU D 165 23.92 -46.28 0.17
C LEU D 165 25.42 -46.62 0.30
N GLN D 166 26.05 -46.34 1.47
CA GLN D 166 27.47 -46.73 1.83
C GLN D 166 28.55 -45.78 1.27
N GLY E 11 3.19 46.47 -30.73
CA GLY E 11 2.11 47.03 -31.58
C GLY E 11 0.87 47.53 -30.85
N SER E 12 -0.03 46.60 -30.50
CA SER E 12 -1.44 46.94 -30.18
C SER E 12 -2.19 46.05 -29.12
N ASP E 13 -3.23 46.65 -28.54
CA ASP E 13 -4.29 45.92 -27.82
C ASP E 13 -5.29 45.26 -28.82
N LEU E 14 -5.46 45.87 -30.00
CA LEU E 14 -6.16 45.23 -31.15
C LEU E 14 -5.46 43.92 -31.58
N GLY E 15 -4.13 43.91 -31.48
CA GLY E 15 -3.27 42.76 -31.69
C GLY E 15 -3.72 41.56 -30.88
N LYS E 16 -3.77 41.74 -29.58
CA LYS E 16 -4.18 40.68 -28.67
C LYS E 16 -5.56 40.25 -29.05
N LYS E 17 -6.41 41.20 -29.39
CA LYS E 17 -7.79 40.86 -29.79
C LYS E 17 -7.81 40.08 -31.07
N LEU E 18 -6.94 40.40 -32.03
CA LEU E 18 -6.91 39.61 -33.26
C LEU E 18 -6.41 38.16 -32.99
N LEU E 19 -5.46 37.98 -32.08
CA LEU E 19 -4.94 36.66 -31.77
C LEU E 19 -6.07 35.82 -31.18
N GLU E 20 -6.78 36.39 -30.22
CA GLU E 20 -7.97 35.72 -29.60
C GLU E 20 -9.04 35.39 -30.63
N ALA E 21 -9.32 36.31 -31.56
CA ALA E 21 -10.38 36.07 -32.54
C ALA E 21 -10.01 35.00 -33.53
N ALA E 22 -8.75 34.97 -33.96
CA ALA E 22 -8.28 33.94 -34.89
C ALA E 22 -8.28 32.52 -34.27
N ARG E 23 -7.77 32.43 -33.05
CA ARG E 23 -7.87 31.27 -32.13
C ARG E 23 -9.31 30.68 -32.12
N ALA E 24 -10.26 31.45 -31.62
CA ALA E 24 -11.65 31.03 -31.52
C ALA E 24 -12.47 31.08 -32.85
N GLY E 25 -11.84 31.20 -34.00
CA GLY E 25 -12.57 31.09 -35.27
C GLY E 25 -13.57 32.18 -35.62
N ARG E 26 -13.48 33.36 -34.98
CA ARG E 26 -14.52 34.41 -35.14
C ARG E 26 -14.26 35.21 -36.40
N ASP E 27 -14.76 34.69 -37.53
CA ASP E 27 -14.50 35.22 -38.89
C ASP E 27 -14.79 36.71 -39.05
N ASP E 28 -15.94 37.12 -38.52
CA ASP E 28 -16.39 38.52 -38.62
C ASP E 28 -15.49 39.44 -37.81
N GLU E 29 -15.25 39.09 -36.54
CA GLU E 29 -14.48 39.96 -35.68
C GLU E 29 -13.06 40.14 -36.20
N VAL E 30 -12.52 39.09 -36.83
CA VAL E 30 -11.25 39.19 -37.59
C VAL E 30 -11.31 40.24 -38.72
N ARG E 31 -12.41 40.30 -39.47
CA ARG E 31 -12.54 41.29 -40.59
C ARG E 31 -12.58 42.73 -40.05
N ILE E 32 -13.32 42.92 -38.96
CA ILE E 32 -13.47 44.20 -38.29
C ILE E 32 -12.09 44.64 -37.79
N LEU E 33 -11.42 43.81 -36.98
CA LEU E 33 -10.16 44.22 -36.36
C LEU E 33 -9.12 44.55 -37.42
N MET E 34 -9.18 43.79 -38.51
CA MET E 34 -8.38 44.07 -39.69
C MET E 34 -8.60 45.50 -40.20
N ALA E 35 -9.87 45.80 -40.54
CA ALA E 35 -10.30 47.14 -40.99
C ALA E 35 -9.86 48.27 -40.04
N ASN E 36 -9.78 47.99 -38.74
CA ASN E 36 -9.28 48.94 -37.73
C ASN E 36 -7.76 48.94 -37.54
N GLY E 37 -6.99 48.29 -38.40
CA GLY E 37 -5.52 48.33 -38.31
C GLY E 37 -4.82 47.44 -37.29
N ALA E 38 -5.47 46.38 -36.82
CA ALA E 38 -4.80 45.38 -35.98
C ALA E 38 -3.58 44.87 -36.73
N ASP E 39 -2.46 44.75 -36.04
CA ASP E 39 -1.25 44.18 -36.57
C ASP E 39 -1.56 42.71 -36.96
N VAL E 40 -1.50 42.42 -38.26
CA VAL E 40 -1.75 41.10 -38.77
C VAL E 40 -0.73 40.09 -38.36
N ASN E 41 0.47 40.55 -38.03
CA ASN E 41 1.56 39.71 -37.57
C ASN E 41 1.85 39.83 -36.08
N ALA E 42 0.89 40.32 -35.30
CA ALA E 42 0.96 40.28 -33.81
C ALA E 42 1.23 38.87 -33.36
N ALA E 43 1.98 38.72 -32.27
CA ALA E 43 2.45 37.41 -31.85
C ALA E 43 2.19 37.27 -30.38
N ASP E 44 1.74 36.09 -29.97
CA ASP E 44 1.58 35.82 -28.54
C ASP E 44 2.90 35.43 -27.93
N VAL E 45 2.85 35.05 -26.66
CA VAL E 45 4.06 34.68 -25.93
C VAL E 45 4.79 33.46 -26.44
N VAL E 46 4.15 32.53 -27.14
CA VAL E 46 4.92 31.46 -27.71
C VAL E 46 5.28 31.77 -29.18
N GLY E 47 4.99 32.99 -29.65
CA GLY E 47 5.44 33.40 -31.00
C GLY E 47 4.46 33.00 -32.08
N TRP E 48 3.23 32.67 -31.70
CA TRP E 48 2.22 32.33 -32.62
C TRP E 48 1.48 33.61 -33.02
N THR E 49 1.36 33.77 -34.31
CA THR E 49 0.64 34.80 -34.98
C THR E 49 -0.79 34.36 -35.22
N PRO E 50 -1.65 35.29 -35.70
CA PRO E 50 -2.98 34.86 -36.05
C PRO E 50 -3.01 33.76 -37.11
N LEU E 51 -2.05 33.75 -38.02
CA LEU E 51 -2.00 32.79 -39.06
C LEU E 51 -1.65 31.42 -38.48
N HIS E 52 -0.76 31.38 -37.49
CA HIS E 52 -0.51 30.09 -36.78
C HIS E 52 -1.78 29.56 -36.20
N LEU E 53 -2.52 30.43 -35.53
CA LEU E 53 -3.65 30.04 -34.72
C LEU E 53 -4.78 29.54 -35.64
N ALA E 54 -5.03 30.28 -36.72
CA ALA E 54 -6.01 29.81 -37.69
C ALA E 54 -5.60 28.50 -38.41
N ALA E 55 -4.33 28.32 -38.67
CA ALA E 55 -3.83 27.08 -39.29
C ALA E 55 -4.01 25.89 -38.34
N TYR E 56 -3.65 26.07 -37.07
CA TYR E 56 -3.68 24.96 -36.08
C TYR E 56 -5.12 24.53 -35.88
N TRP E 57 -6.01 25.50 -35.71
CA TRP E 57 -7.40 25.23 -35.42
C TRP E 57 -8.28 25.07 -36.67
N GLY E 58 -7.69 25.08 -37.84
CA GLY E 58 -8.41 24.74 -39.07
C GLY E 58 -9.41 25.77 -39.58
N HIS E 59 -9.22 27.06 -39.31
CA HIS E 59 -10.14 28.07 -39.76
C HIS E 59 -9.65 28.60 -41.11
N LEU E 60 -10.08 27.92 -42.17
CA LEU E 60 -9.67 28.21 -43.54
C LEU E 60 -9.91 29.67 -43.96
N GLU E 61 -11.09 30.20 -43.68
CA GLU E 61 -11.48 31.52 -44.18
C GLU E 61 -10.66 32.62 -43.48
N ILE E 62 -10.36 32.41 -42.20
CA ILE E 62 -9.49 33.31 -41.45
C ILE E 62 -8.11 33.26 -42.01
N VAL E 63 -7.65 32.06 -42.40
CA VAL E 63 -6.33 31.95 -43.02
C VAL E 63 -6.24 32.89 -44.26
N GLU E 64 -7.20 32.72 -45.18
CA GLU E 64 -7.33 33.49 -46.44
C GLU E 64 -7.36 35.01 -46.22
N VAL E 65 -8.25 35.43 -45.31
CA VAL E 65 -8.41 36.85 -44.91
C VAL E 65 -7.08 37.45 -44.39
N LEU E 66 -6.39 36.73 -43.49
CA LEU E 66 -5.10 37.19 -42.97
C LEU E 66 -4.05 37.27 -44.08
N LEU E 67 -4.05 36.31 -45.00
CA LEU E 67 -3.03 36.33 -46.06
C LEU E 67 -3.26 37.51 -47.04
N LYS E 68 -4.52 37.76 -47.39
CA LYS E 68 -4.86 38.95 -48.21
C LYS E 68 -4.40 40.25 -47.55
N ASN E 69 -4.42 40.29 -46.22
CA ASN E 69 -3.94 41.43 -45.43
C ASN E 69 -2.47 41.40 -45.03
N GLY E 70 -1.65 40.69 -45.79
CA GLY E 70 -0.21 40.77 -45.65
C GLY E 70 0.44 39.96 -44.55
N ALA E 71 -0.32 39.07 -43.90
CA ALA E 71 0.24 38.12 -42.93
C ALA E 71 1.45 37.41 -43.52
N ASP E 72 2.47 37.30 -42.70
CA ASP E 72 3.70 36.70 -43.05
C ASP E 72 3.48 35.21 -43.04
N VAL E 73 3.67 34.62 -44.21
CA VAL E 73 3.31 33.23 -44.44
C VAL E 73 4.29 32.28 -43.80
N ASN E 74 5.53 32.74 -43.61
CA ASN E 74 6.57 32.03 -42.96
C ASN E 74 6.95 32.53 -41.59
N ALA E 75 6.05 33.21 -40.89
CA ALA E 75 6.33 33.52 -39.49
C ALA E 75 6.73 32.25 -38.73
N TYR E 76 7.68 32.36 -37.83
CA TYR E 76 8.14 31.20 -37.09
C TYR E 76 7.93 31.42 -35.56
N ASP E 77 7.52 30.37 -34.84
CA ASP E 77 7.22 30.58 -33.41
C ASP E 77 8.55 30.51 -32.68
N THR E 78 8.56 30.55 -31.36
CA THR E 78 9.84 30.51 -30.62
C THR E 78 10.58 29.17 -30.70
N LEU E 79 9.96 28.13 -31.23
CA LEU E 79 10.63 26.87 -31.49
C LEU E 79 10.81 26.59 -33.01
N GLY E 80 10.65 27.61 -33.85
CA GLY E 80 10.99 27.49 -35.29
C GLY E 80 9.86 26.94 -36.16
N SER E 81 8.64 26.87 -35.65
CA SER E 81 7.58 26.21 -36.37
C SER E 81 6.73 27.27 -37.06
N THR E 82 6.33 26.97 -38.28
CA THR E 82 5.61 27.87 -39.19
C THR E 82 4.15 27.44 -39.29
N PRO E 83 3.28 28.33 -39.77
CA PRO E 83 1.92 27.91 -39.93
C PRO E 83 1.71 26.64 -40.80
N LEU E 84 2.54 26.44 -41.81
CA LEU E 84 2.44 25.23 -42.61
C LEU E 84 2.73 23.98 -41.76
N HIS E 85 3.70 24.06 -40.86
CA HIS E 85 3.99 22.90 -39.96
C HIS E 85 2.72 22.47 -39.25
N LEU E 86 1.98 23.44 -38.72
CA LEU E 86 0.78 23.21 -37.93
C LEU E 86 -0.37 22.66 -38.77
N ALA E 87 -0.63 23.28 -39.91
CA ALA E 87 -1.65 22.77 -40.84
C ALA E 87 -1.34 21.38 -41.32
N ALA E 88 -0.09 21.13 -41.66
CA ALA E 88 0.32 19.83 -42.12
C ALA E 88 0.19 18.80 -41.01
N HIS E 89 0.55 19.16 -39.78
CA HIS E 89 0.49 18.21 -38.68
C HIS E 89 -0.93 17.87 -38.31
N PHE E 90 -1.82 18.83 -38.38
CA PHE E 90 -3.19 18.63 -37.94
C PHE E 90 -4.17 18.31 -39.08
N GLY E 91 -3.64 17.99 -40.25
CA GLY E 91 -4.44 17.41 -41.30
C GLY E 91 -5.41 18.36 -41.96
N HIS E 92 -5.05 19.65 -42.02
CA HIS E 92 -5.93 20.65 -42.61
C HIS E 92 -5.46 20.88 -44.03
N LEU E 93 -5.96 20.06 -44.92
CA LEU E 93 -5.51 19.97 -46.31
C LEU E 93 -5.62 21.29 -47.15
N GLU E 94 -6.79 21.88 -47.05
CA GLU E 94 -7.12 23.09 -47.79
C GLU E 94 -6.26 24.24 -47.29
N ILE E 95 -5.99 24.27 -45.97
CA ILE E 95 -5.04 25.28 -45.42
C ILE E 95 -3.64 25.05 -45.95
N VAL E 96 -3.23 23.79 -46.01
CA VAL E 96 -1.91 23.48 -46.55
C VAL E 96 -1.82 24.06 -48.00
N GLU E 97 -2.87 23.84 -48.81
CA GLU E 97 -2.85 24.30 -50.24
C GLU E 97 -2.71 25.79 -50.35
N VAL E 98 -3.55 26.46 -49.59
CA VAL E 98 -3.54 27.94 -49.53
C VAL E 98 -2.20 28.53 -49.06
N LEU E 99 -1.57 27.89 -48.08
CA LEU E 99 -0.32 28.40 -47.60
C LEU E 99 0.76 28.22 -48.66
N LEU E 100 0.73 27.07 -49.32
CA LEU E 100 1.77 26.81 -50.32
C LEU E 100 1.64 27.77 -51.52
N LYS E 101 0.39 28.07 -51.94
CA LYS E 101 0.06 29.06 -52.99
C LYS E 101 0.48 30.45 -52.63
N ASN E 102 0.39 30.81 -51.34
CA ASN E 102 0.89 32.11 -50.87
C ASN E 102 2.35 32.18 -50.53
N GLY E 103 3.14 31.18 -50.92
CA GLY E 103 4.54 31.21 -50.74
C GLY E 103 5.10 30.57 -49.48
N ALA E 104 4.33 29.72 -48.80
CA ALA E 104 4.88 29.01 -47.62
C ALA E 104 6.09 28.19 -48.02
N ASP E 105 7.12 28.23 -47.17
CA ASP E 105 8.32 27.48 -47.38
C ASP E 105 8.07 26.02 -47.10
N VAL E 106 8.04 25.23 -48.17
CA VAL E 106 7.66 23.83 -48.07
C VAL E 106 8.72 22.98 -47.35
N ASN E 107 9.95 23.46 -47.33
CA ASN E 107 11.02 22.78 -46.66
C ASN E 107 11.47 23.47 -45.36
N ALA E 108 10.61 24.28 -44.77
CA ALA E 108 11.01 24.97 -43.56
C ALA E 108 11.33 23.92 -42.47
N LYS E 109 12.40 24.12 -41.71
CA LYS E 109 12.75 23.24 -40.62
C LYS E 109 12.53 23.95 -39.31
N ASP E 110 11.96 23.26 -38.32
CA ASP E 110 11.87 23.83 -37.00
C ASP E 110 13.18 23.71 -36.29
N ASP E 111 13.25 24.12 -35.03
CA ASP E 111 14.48 23.96 -34.23
C ASP E 111 14.97 22.56 -34.11
N ASN E 112 14.14 21.54 -34.32
CA ASN E 112 14.55 20.13 -34.23
C ASN E 112 14.87 19.57 -35.58
N GLY E 113 14.86 20.42 -36.62
CA GLY E 113 15.05 19.89 -37.98
C GLY E 113 13.82 19.21 -38.54
N ILE E 114 12.65 19.45 -37.95
CA ILE E 114 11.45 18.79 -38.39
C ILE E 114 10.82 19.67 -39.47
N THR E 115 10.31 19.03 -40.53
CA THR E 115 9.69 19.70 -41.69
C THR E 115 8.20 19.39 -41.75
N PRO E 116 7.42 20.18 -42.51
CA PRO E 116 6.02 19.83 -42.63
C PRO E 116 5.76 18.42 -43.18
N LEU E 117 6.65 17.88 -44.01
CA LEU E 117 6.50 16.52 -44.54
C LEU E 117 6.68 15.48 -43.43
N HIS E 118 7.69 15.67 -42.57
CA HIS E 118 7.87 14.79 -41.40
C HIS E 118 6.57 14.74 -40.60
N LEU E 119 5.94 15.91 -40.33
CA LEU E 119 4.77 15.96 -39.46
C LEU E 119 3.57 15.31 -40.13
N ALA E 120 3.35 15.52 -41.42
CA ALA E 120 2.19 14.92 -42.09
C ALA E 120 2.40 13.43 -42.19
N ALA E 121 3.63 13.03 -42.43
CA ALA E 121 3.98 11.64 -42.50
C ALA E 121 3.75 10.92 -41.19
N ASN E 122 4.15 11.52 -40.09
CA ASN E 122 3.97 10.88 -38.81
C ASN E 122 2.49 10.72 -38.42
N ARG E 123 1.63 11.62 -38.83
CA ARG E 123 0.20 11.43 -38.64
C ARG E 123 -0.50 10.69 -39.75
N GLY E 124 0.19 10.27 -40.80
CA GLY E 124 -0.47 9.51 -41.85
C GLY E 124 -1.47 10.33 -42.64
N HIS E 125 -1.16 11.60 -42.84
CA HIS E 125 -2.02 12.49 -43.63
C HIS E 125 -1.58 12.46 -45.08
N LEU E 126 -2.01 11.43 -45.82
CA LEU E 126 -1.48 11.16 -47.17
C LEU E 126 -1.75 12.20 -48.26
N GLU E 127 -2.95 12.81 -48.27
CA GLU E 127 -3.31 13.83 -49.28
C GLU E 127 -2.35 15.03 -49.12
N ILE E 128 -2.07 15.37 -47.85
CA ILE E 128 -1.11 16.40 -47.49
C ILE E 128 0.30 16.04 -47.90
N VAL E 129 0.73 14.82 -47.63
CA VAL E 129 2.01 14.40 -48.12
C VAL E 129 2.16 14.65 -49.64
N GLU E 130 1.09 14.42 -50.39
CA GLU E 130 1.13 14.51 -51.85
C GLU E 130 1.30 15.95 -52.31
N VAL E 131 0.53 16.82 -51.71
CA VAL E 131 0.63 18.25 -52.02
C VAL E 131 1.99 18.78 -51.64
N LEU E 132 2.51 18.40 -50.46
CA LEU E 132 3.88 18.80 -50.10
C LEU E 132 4.91 18.38 -51.16
N LEU E 133 4.85 17.10 -51.55
CA LEU E 133 5.77 16.63 -52.57
C LEU E 133 5.56 17.40 -53.93
N LYS E 134 4.31 17.62 -54.34
CA LYS E 134 4.02 18.50 -55.49
C LYS E 134 4.70 19.86 -55.43
N TYR E 135 4.74 20.51 -54.26
CA TYR E 135 5.38 21.79 -54.13
C TYR E 135 6.87 21.75 -53.88
N GLY E 136 7.51 20.59 -54.04
CA GLY E 136 8.97 20.51 -53.94
C GLY E 136 9.54 20.11 -52.59
N ALA E 137 8.70 19.56 -51.71
CA ALA E 137 9.20 19.01 -50.42
C ALA E 137 10.39 18.03 -50.66
N ASP E 138 11.50 18.23 -49.94
CA ASP E 138 12.67 17.35 -50.04
C ASP E 138 12.33 16.06 -49.29
N VAL E 139 12.14 15.00 -50.05
CA VAL E 139 11.83 13.70 -49.49
C VAL E 139 12.97 13.12 -48.65
N ASN E 140 14.20 13.57 -48.85
CA ASN E 140 15.30 13.04 -48.08
C ASN E 140 15.72 13.92 -46.91
N ALA E 141 15.01 15.02 -46.65
CA ALA E 141 15.33 15.90 -45.51
C ALA E 141 15.30 15.06 -44.19
N GLN E 142 16.34 15.22 -43.40
CA GLN E 142 16.56 14.55 -42.16
C GLN E 142 16.30 15.53 -41.03
N ASP E 143 15.76 15.00 -39.93
CA ASP E 143 15.59 15.82 -38.74
C ASP E 143 16.88 15.64 -37.97
N LYS E 144 16.93 16.17 -36.75
CA LYS E 144 18.12 16.08 -35.93
C LYS E 144 18.57 14.68 -35.59
N PHE E 145 17.69 13.69 -35.70
CA PHE E 145 18.07 12.31 -35.40
C PHE E 145 18.38 11.51 -36.65
N GLY E 146 18.46 12.18 -37.79
CA GLY E 146 18.79 11.53 -39.03
C GLY E 146 17.60 10.97 -39.75
N LYS E 147 16.37 11.25 -39.31
CA LYS E 147 15.22 10.49 -39.84
C LYS E 147 14.50 11.24 -40.95
N THR E 148 14.08 10.46 -41.93
CA THR E 148 13.37 10.97 -43.08
C THR E 148 11.92 10.57 -42.92
N ALA E 149 11.04 11.17 -43.73
CA ALA E 149 9.65 10.72 -43.88
C ALA E 149 9.51 9.21 -44.20
N PHE E 150 10.42 8.68 -44.99
CA PHE E 150 10.44 7.27 -45.26
C PHE E 150 10.69 6.42 -43.95
N ASP E 151 11.66 6.80 -43.15
CA ASP E 151 11.89 6.16 -41.86
C ASP E 151 10.66 6.20 -40.99
N ILE E 152 9.99 7.35 -40.99
CA ILE E 152 8.77 7.52 -40.24
C ILE E 152 7.70 6.55 -40.73
N SER E 153 7.55 6.38 -42.04
CA SER E 153 6.59 5.39 -42.52
C SER E 153 6.91 3.93 -42.10
N ILE E 154 8.18 3.56 -42.13
CA ILE E 154 8.63 2.21 -41.77
C ILE E 154 8.36 2.05 -40.27
N ASN E 155 8.76 3.04 -39.50
CA ASN E 155 8.55 2.92 -38.04
C ASN E 155 7.07 2.74 -37.61
N ASN E 156 6.19 3.46 -38.27
CA ASN E 156 4.77 3.43 -37.93
C ASN E 156 4.02 2.33 -38.62
N GLY E 157 4.64 1.61 -39.55
CA GLY E 157 3.99 0.51 -40.25
C GLY E 157 2.88 0.99 -41.15
N ASN E 158 3.12 2.13 -41.82
CA ASN E 158 2.15 2.66 -42.75
C ASN E 158 2.60 2.33 -44.16
N GLU E 159 2.16 1.20 -44.68
CA GLU E 159 2.61 0.74 -46.02
C GLU E 159 2.09 1.67 -47.12
N ASP E 160 0.91 2.25 -46.93
CA ASP E 160 0.39 3.20 -47.93
C ASP E 160 1.29 4.42 -48.11
N LEU E 161 1.89 4.91 -47.00
CA LEU E 161 2.74 6.08 -47.07
C LEU E 161 4.10 5.68 -47.59
N ALA E 162 4.58 4.52 -47.14
CA ALA E 162 5.82 3.95 -47.70
C ALA E 162 5.75 3.76 -49.23
N GLU E 163 4.57 3.36 -49.77
CA GLU E 163 4.28 3.32 -51.22
C GLU E 163 4.66 4.61 -51.88
N ILE E 164 3.98 5.67 -51.46
CA ILE E 164 4.03 6.99 -52.09
C ILE E 164 5.44 7.56 -52.10
N LEU E 165 6.09 7.55 -50.93
CA LEU E 165 7.48 8.01 -50.80
C LEU E 165 8.52 7.04 -51.38
N GLN E 166 8.09 5.99 -52.11
CA GLN E 166 8.96 4.88 -52.59
C GLN E 166 9.83 4.22 -51.51
N HIS F 5 42.71 2.19 34.38
CA HIS F 5 41.76 3.25 33.83
C HIS F 5 40.39 2.68 33.39
N HIS F 6 40.34 1.42 32.95
CA HIS F 6 39.08 0.72 32.76
C HIS F 6 38.69 0.18 34.16
N HIS F 7 37.76 0.86 34.85
CA HIS F 7 37.41 0.50 36.23
C HIS F 7 36.37 -0.63 36.28
N HIS F 8 36.53 -1.53 37.26
CA HIS F 8 35.78 -2.80 37.31
C HIS F 8 34.30 -2.63 37.77
N HIS F 9 33.37 -3.05 36.90
CA HIS F 9 31.95 -3.16 37.24
C HIS F 9 31.78 -4.32 38.23
N HIS F 10 31.50 -4.00 39.51
CA HIS F 10 30.95 -4.97 40.49
C HIS F 10 29.89 -4.28 41.37
N GLY F 11 29.12 -3.38 40.74
CA GLY F 11 28.16 -2.48 41.39
C GLY F 11 27.87 -2.74 42.85
N SER F 12 28.72 -2.17 43.72
CA SER F 12 28.51 -2.17 45.19
C SER F 12 27.21 -1.47 45.52
N ASP F 13 26.65 -1.75 46.69
CA ASP F 13 25.48 -1.02 47.17
C ASP F 13 25.88 0.51 47.12
N LEU F 14 26.97 0.88 47.79
CA LEU F 14 27.33 2.29 47.87
C LEU F 14 27.79 2.80 46.51
N GLY F 15 28.69 2.06 45.87
CA GLY F 15 29.06 2.22 44.44
C GLY F 15 27.88 2.56 43.51
N LYS F 16 26.86 1.71 43.48
CA LYS F 16 25.59 1.95 42.76
C LYS F 16 24.88 3.23 43.22
N LYS F 17 24.72 3.43 44.54
CA LYS F 17 24.09 4.67 44.98
C LYS F 17 24.91 5.87 44.51
N LEU F 18 26.24 5.75 44.47
CA LEU F 18 27.08 6.91 44.13
C LEU F 18 26.92 7.22 42.59
N LEU F 19 26.88 6.17 41.79
CA LEU F 19 26.62 6.28 40.34
C LEU F 19 25.29 6.98 40.12
N GLU F 20 24.25 6.57 40.81
CA GLU F 20 22.92 7.18 40.63
C GLU F 20 22.96 8.59 41.16
N ALA F 21 23.66 8.83 42.27
CA ALA F 21 23.65 10.18 42.88
C ALA F 21 24.42 11.18 41.98
N ALA F 22 25.54 10.75 41.43
CA ALA F 22 26.30 11.54 40.46
C ALA F 22 25.51 11.89 39.18
N ARG F 23 24.75 10.94 38.66
CA ARG F 23 23.94 11.17 37.51
C ARG F 23 22.83 12.18 37.78
N ALA F 24 22.11 12.00 38.87
CA ALA F 24 20.98 12.85 39.18
C ALA F 24 21.33 14.22 39.76
N GLY F 25 22.61 14.49 40.00
CA GLY F 25 23.01 15.73 40.58
C GLY F 25 22.74 15.93 42.07
N ARG F 26 22.73 14.87 42.88
CA ARG F 26 22.43 14.98 44.34
C ARG F 26 23.72 15.20 45.10
N ASP F 27 24.17 16.45 45.13
CA ASP F 27 25.50 16.84 45.69
C ASP F 27 25.65 16.37 47.15
N ASP F 28 24.60 16.57 47.92
CA ASP F 28 24.66 16.24 49.34
C ASP F 28 24.93 14.72 49.51
N GLU F 29 24.14 13.92 48.77
CA GLU F 29 24.25 12.49 48.86
C GLU F 29 25.62 12.04 48.38
N VAL F 30 26.17 12.70 47.36
CA VAL F 30 27.48 12.29 46.92
C VAL F 30 28.52 12.43 48.08
N ARG F 31 28.41 13.56 48.79
CA ARG F 31 29.31 13.90 49.91
C ARG F 31 29.07 12.86 51.01
N ILE F 32 27.80 12.61 51.37
CA ILE F 32 27.51 11.61 52.41
C ILE F 32 28.09 10.23 52.08
N LEU F 33 27.91 9.78 50.84
CA LEU F 33 28.42 8.50 50.37
C LEU F 33 29.92 8.44 50.36
N MET F 34 30.55 9.52 49.92
CA MET F 34 32.03 9.58 49.93
C MET F 34 32.57 9.51 51.39
N ALA F 35 31.93 10.24 52.29
CA ALA F 35 32.31 10.21 53.71
C ALA F 35 32.07 8.80 54.34
N ASN F 36 31.17 8.01 53.75
CA ASN F 36 30.97 6.59 54.12
C ASN F 36 31.77 5.56 53.36
N GLY F 37 32.80 5.98 52.63
CA GLY F 37 33.72 5.04 51.98
C GLY F 37 33.34 4.51 50.58
N ALA F 38 32.30 5.07 49.95
CA ALA F 38 31.95 4.64 48.54
C ALA F 38 33.13 4.70 47.56
N ASP F 39 33.33 3.63 46.81
CA ASP F 39 34.41 3.59 45.80
C ASP F 39 34.17 4.72 44.75
N VAL F 40 35.07 5.68 44.77
CA VAL F 40 34.96 6.87 43.93
C VAL F 40 35.01 6.55 42.41
N ASN F 41 35.65 5.44 42.10
CA ASN F 41 35.83 4.88 40.79
C ASN F 41 34.96 3.61 40.50
N ALA F 42 33.85 3.45 41.22
CA ALA F 42 32.80 2.48 40.84
C ALA F 42 32.42 2.65 39.37
N ALA F 43 32.21 1.55 38.66
CA ALA F 43 31.93 1.65 37.26
C ALA F 43 30.66 0.87 36.93
N ASP F 44 29.84 1.40 36.01
CA ASP F 44 28.64 0.68 35.59
C ASP F 44 28.99 -0.27 34.45
N VAL F 45 27.97 -0.96 33.90
CA VAL F 45 28.16 -1.93 32.77
C VAL F 45 28.78 -1.35 31.54
N VAL F 46 28.62 -0.04 31.28
CA VAL F 46 29.31 0.54 30.13
C VAL F 46 30.69 1.20 30.49
N GLY F 47 31.11 1.06 31.75
CA GLY F 47 32.41 1.48 32.18
C GLY F 47 32.44 2.94 32.61
N TRP F 48 31.26 3.52 32.88
CA TRP F 48 31.14 4.90 33.28
C TRP F 48 31.29 4.94 34.78
N THR F 49 32.14 5.88 35.23
CA THR F 49 32.39 6.18 36.62
C THR F 49 31.49 7.30 37.02
N PRO F 50 31.45 7.64 38.33
CA PRO F 50 30.69 8.81 38.74
C PRO F 50 31.14 10.10 38.05
N LEU F 51 32.41 10.18 37.73
CA LEU F 51 32.92 11.40 37.10
C LEU F 51 32.39 11.50 35.61
N HIS F 52 32.40 10.36 34.90
CA HIS F 52 31.75 10.29 33.56
C HIS F 52 30.34 10.78 33.67
N LEU F 53 29.57 10.26 34.62
CA LEU F 53 28.17 10.62 34.73
C LEU F 53 27.98 12.10 35.06
N ALA F 54 28.78 12.61 36.03
CA ALA F 54 28.64 14.03 36.37
C ALA F 54 29.09 14.95 35.22
N ALA F 55 30.12 14.56 34.51
CA ALA F 55 30.56 15.25 33.33
C ALA F 55 29.49 15.26 32.20
N TYR F 56 28.84 14.12 31.99
CA TYR F 56 27.81 14.05 30.97
C TYR F 56 26.61 14.92 31.26
N TRP F 57 26.05 14.75 32.45
CA TRP F 57 24.84 15.48 32.83
C TRP F 57 25.13 16.92 33.32
N GLY F 58 26.39 17.33 33.34
CA GLY F 58 26.80 18.72 33.62
C GLY F 58 26.74 19.11 35.10
N HIS F 59 27.14 18.22 36.03
CA HIS F 59 27.05 18.51 37.48
C HIS F 59 28.45 18.90 38.03
N LEU F 60 28.72 20.22 37.98
CA LEU F 60 30.08 20.77 38.21
C LEU F 60 30.58 20.50 39.65
N GLU F 61 29.69 20.75 40.60
CA GLU F 61 30.03 20.67 42.05
C GLU F 61 30.39 19.21 42.34
N ILE F 62 29.60 18.28 41.72
CA ILE F 62 29.88 16.84 41.85
C ILE F 62 31.24 16.48 41.21
N VAL F 63 31.52 17.00 40.02
CA VAL F 63 32.81 16.78 39.41
C VAL F 63 33.94 17.17 40.41
N GLU F 64 33.79 18.36 40.99
CA GLU F 64 34.76 18.87 41.98
C GLU F 64 34.90 17.96 43.19
N VAL F 65 33.80 17.67 43.86
CA VAL F 65 33.81 16.78 45.03
C VAL F 65 34.50 15.45 44.67
N LEU F 66 34.17 14.85 43.51
CA LEU F 66 34.77 13.54 43.16
C LEU F 66 36.26 13.61 42.92
N LEU F 67 36.69 14.67 42.24
CA LEU F 67 38.14 14.88 41.98
C LEU F 67 38.88 15.13 43.32
N LYS F 68 38.26 15.96 44.15
CA LYS F 68 38.72 16.14 45.52
C LYS F 68 38.87 14.80 46.29
N ASN F 69 38.03 13.80 46.02
CA ASN F 69 38.09 12.54 46.78
C ASN F 69 38.88 11.47 46.07
N GLY F 70 39.71 11.84 45.11
CA GLY F 70 40.55 10.89 44.39
C GLY F 70 39.97 10.18 43.14
N ALA F 71 38.85 10.68 42.58
CA ALA F 71 38.36 10.09 41.29
C ALA F 71 39.45 10.09 40.27
N ASP F 72 39.54 9.00 39.49
CA ASP F 72 40.46 8.94 38.35
C ASP F 72 39.95 9.85 37.25
N VAL F 73 40.70 10.94 37.03
CA VAL F 73 40.33 11.94 36.08
C VAL F 73 40.35 11.40 34.65
N ASN F 74 41.17 10.38 34.38
CA ASN F 74 41.34 9.80 33.06
C ASN F 74 40.73 8.40 32.89
N ALA F 75 39.69 8.13 33.66
CA ALA F 75 38.95 6.88 33.59
C ALA F 75 38.39 6.71 32.14
N TYR F 76 38.47 5.49 31.62
CA TYR F 76 38.08 5.16 30.26
C TYR F 76 36.88 4.27 30.39
N ASP F 77 35.83 4.54 29.60
CA ASP F 77 34.70 3.61 29.50
C ASP F 77 35.08 2.46 28.57
N THR F 78 34.13 1.54 28.33
CA THR F 78 34.44 0.37 27.50
C THR F 78 34.79 0.69 26.04
N LEU F 79 34.52 1.88 25.57
CA LEU F 79 34.95 2.28 24.25
C LEU F 79 36.05 3.31 24.28
N GLY F 80 36.78 3.41 25.40
CA GLY F 80 37.96 4.31 25.46
C GLY F 80 37.70 5.80 25.68
N SER F 81 36.47 6.20 25.93
CA SER F 81 36.12 7.58 26.17
C SER F 81 36.25 7.99 27.66
N THR F 82 36.67 9.25 27.86
CA THR F 82 37.00 9.82 29.17
C THR F 82 35.98 10.84 29.55
N PRO F 83 35.96 11.21 30.85
CA PRO F 83 35.07 12.29 31.28
C PRO F 83 35.27 13.58 30.50
N LEU F 84 36.51 13.86 30.12
CA LEU F 84 36.77 15.05 29.33
C LEU F 84 36.14 14.98 27.93
N HIS F 85 36.18 13.81 27.27
CA HIS F 85 35.42 13.64 26.02
C HIS F 85 33.96 14.05 26.20
N LEU F 86 33.31 13.61 27.27
CA LEU F 86 31.93 13.92 27.51
C LEU F 86 31.64 15.40 27.80
N ALA F 87 32.50 16.01 28.61
CA ALA F 87 32.30 17.43 28.94
C ALA F 87 32.58 18.30 27.69
N ALA F 88 33.60 17.98 26.93
CA ALA F 88 33.89 18.67 25.71
C ALA F 88 32.73 18.55 24.68
N HIS F 89 32.27 17.32 24.49
CA HIS F 89 31.20 17.09 23.52
C HIS F 89 29.89 17.80 23.87
N PHE F 90 29.53 17.79 25.15
CA PHE F 90 28.28 18.38 25.57
C PHE F 90 28.34 19.82 25.97
N GLY F 91 29.46 20.49 25.71
CA GLY F 91 29.55 21.93 25.94
C GLY F 91 29.66 22.39 27.38
N HIS F 92 30.26 21.58 28.25
CA HIS F 92 30.29 21.93 29.67
C HIS F 92 31.67 22.57 29.96
N LEU F 93 31.75 23.87 29.66
CA LEU F 93 32.99 24.62 29.74
C LEU F 93 33.63 24.55 31.16
N GLU F 94 32.85 24.79 32.21
CA GLU F 94 33.43 24.89 33.58
C GLU F 94 33.97 23.53 33.99
N ILE F 95 33.21 22.47 33.59
CA ILE F 95 33.67 21.10 33.81
C ILE F 95 34.91 20.81 33.01
N VAL F 96 35.01 21.28 31.75
CA VAL F 96 36.25 21.03 30.98
C VAL F 96 37.49 21.67 31.68
N GLU F 97 37.29 22.89 32.19
CA GLU F 97 38.37 23.63 32.93
C GLU F 97 38.77 22.84 34.16
N VAL F 98 37.80 22.38 34.95
CA VAL F 98 38.10 21.61 36.17
C VAL F 98 38.81 20.31 35.89
N LEU F 99 38.37 19.57 34.86
CA LEU F 99 39.03 18.33 34.54
C LEU F 99 40.43 18.61 34.07
N LEU F 100 40.61 19.58 33.20
CA LEU F 100 41.95 19.82 32.69
C LEU F 100 42.95 20.30 33.83
N LYS F 101 42.44 21.15 34.70
CA LYS F 101 43.15 21.64 35.91
C LYS F 101 43.62 20.44 36.77
N ASN F 102 42.77 19.40 36.87
CA ASN F 102 43.10 18.17 37.60
C ASN F 102 43.80 17.07 36.92
N GLY F 103 44.32 17.32 35.75
CA GLY F 103 45.21 16.37 35.11
C GLY F 103 44.59 15.59 33.95
N ALA F 104 43.38 15.95 33.52
CA ALA F 104 42.78 15.28 32.31
C ALA F 104 43.73 15.21 31.12
N ASP F 105 43.86 14.05 30.48
CA ASP F 105 44.67 13.93 29.26
C ASP F 105 43.96 14.64 28.10
N VAL F 106 44.49 15.81 27.73
CA VAL F 106 43.85 16.67 26.76
C VAL F 106 43.86 16.05 25.37
N ASN F 107 44.81 15.16 25.12
CA ASN F 107 44.88 14.45 23.86
C ASN F 107 44.38 12.99 23.87
N ALA F 108 43.60 12.57 24.89
CA ALA F 108 43.12 11.19 24.97
C ALA F 108 42.32 10.87 23.71
N LYS F 109 42.60 9.70 23.16
CA LYS F 109 41.89 9.15 22.02
C LYS F 109 41.01 7.98 22.50
N ASP F 110 39.73 7.93 22.07
CA ASP F 110 38.87 6.76 22.37
C ASP F 110 39.22 5.69 21.38
N ASP F 111 38.45 4.61 21.36
CA ASP F 111 38.77 3.50 20.45
C ASP F 111 38.72 3.85 18.97
N ASN F 112 38.03 4.92 18.61
CA ASN F 112 37.93 5.39 17.25
C ASN F 112 39.05 6.41 16.88
N GLY F 113 39.95 6.68 17.83
CA GLY F 113 40.92 7.73 17.62
C GLY F 113 40.34 9.12 17.80
N ILE F 114 39.16 9.23 18.39
CA ILE F 114 38.50 10.53 18.50
C ILE F 114 38.95 11.19 19.84
N THR F 115 39.23 12.51 19.79
CA THR F 115 39.80 13.25 20.90
C THR F 115 38.75 14.23 21.36
N PRO F 116 38.95 14.83 22.55
CA PRO F 116 38.00 15.84 22.98
C PRO F 116 37.90 17.05 22.08
N LEU F 117 38.99 17.40 21.43
CA LEU F 117 38.99 18.53 20.51
C LEU F 117 38.08 18.19 19.27
N HIS F 118 38.14 16.95 18.77
CA HIS F 118 37.24 16.57 17.64
C HIS F 118 35.80 16.79 18.02
N LEU F 119 35.47 16.38 19.24
CA LEU F 119 34.13 16.39 19.72
C LEU F 119 33.65 17.83 19.91
N ALA F 120 34.49 18.64 20.53
CA ALA F 120 34.11 20.05 20.74
C ALA F 120 33.99 20.78 19.37
N ALA F 121 34.92 20.53 18.48
CA ALA F 121 34.88 21.14 17.16
C ALA F 121 33.60 20.75 16.42
N ASN F 122 33.27 19.45 16.43
CA ASN F 122 32.08 18.99 15.74
C ASN F 122 30.79 19.59 16.24
N ARG F 123 30.70 19.85 17.55
CA ARG F 123 29.54 20.57 18.06
C ARG F 123 29.68 22.11 18.04
N GLY F 124 30.80 22.62 17.60
CA GLY F 124 30.97 24.05 17.52
C GLY F 124 31.08 24.77 18.85
N HIS F 125 31.65 24.09 19.86
CA HIS F 125 31.83 24.65 21.19
C HIS F 125 33.17 25.41 21.19
N LEU F 126 33.10 26.68 20.78
CA LEU F 126 34.33 27.47 20.49
C LEU F 126 35.20 27.75 21.71
N GLU F 127 34.56 28.07 22.83
CA GLU F 127 35.32 28.33 24.06
C GLU F 127 36.07 27.07 24.53
N ILE F 128 35.43 25.90 24.38
CA ILE F 128 36.01 24.65 24.87
C ILE F 128 37.21 24.31 24.02
N VAL F 129 37.06 24.53 22.71
CA VAL F 129 38.12 24.37 21.77
C VAL F 129 39.34 25.22 22.21
N GLU F 130 39.12 26.47 22.60
CA GLU F 130 40.26 27.36 23.00
C GLU F 130 40.95 26.89 24.27
N VAL F 131 40.14 26.54 25.27
CA VAL F 131 40.63 25.95 26.52
C VAL F 131 41.44 24.69 26.28
N LEU F 132 40.91 23.81 25.44
CA LEU F 132 41.66 22.62 25.08
C LEU F 132 42.99 22.93 24.42
N LEU F 133 42.95 23.83 23.45
CA LEU F 133 44.15 24.28 22.76
C LEU F 133 45.16 24.91 23.76
N LYS F 134 44.65 25.74 24.66
CA LYS F 134 45.53 26.34 25.69
C LYS F 134 46.22 25.24 26.48
N TYR F 135 45.50 24.17 26.82
CA TYR F 135 46.10 23.09 27.60
C TYR F 135 46.89 22.11 26.81
N GLY F 136 47.21 22.45 25.56
CA GLY F 136 48.08 21.62 24.77
C GLY F 136 47.43 20.67 23.75
N ALA F 137 46.14 20.85 23.49
CA ALA F 137 45.48 19.95 22.50
C ALA F 137 46.27 19.92 21.18
N ASP F 138 46.59 18.74 20.67
CA ASP F 138 47.21 18.58 19.36
C ASP F 138 46.15 18.87 18.27
N VAL F 139 46.23 20.07 17.74
CA VAL F 139 45.45 20.51 16.61
C VAL F 139 45.47 19.55 15.40
N ASN F 140 46.58 18.84 15.17
CA ASN F 140 46.71 17.97 14.00
C ASN F 140 46.37 16.50 14.24
N ALA F 141 45.87 16.18 15.43
CA ALA F 141 45.54 14.82 15.75
C ALA F 141 44.41 14.40 14.78
N GLN F 142 44.56 13.18 14.26
CA GLN F 142 43.68 12.55 13.29
C GLN F 142 42.95 11.40 13.98
N ASP F 143 41.67 11.20 13.62
CA ASP F 143 40.91 10.04 14.10
C ASP F 143 41.21 8.90 13.14
N LYS F 144 40.57 7.75 13.32
CA LYS F 144 40.81 6.60 12.48
C LYS F 144 40.53 6.88 11.02
N PHE F 145 39.70 7.88 10.70
CA PHE F 145 39.46 8.24 9.30
C PHE F 145 40.42 9.31 8.78
N GLY F 146 41.46 9.62 9.53
CA GLY F 146 42.45 10.59 9.09
C GLY F 146 42.00 12.03 9.25
N LYS F 147 40.86 12.29 9.90
CA LYS F 147 40.33 13.63 9.98
C LYS F 147 40.79 14.40 11.19
N THR F 148 41.04 15.70 10.97
CA THR F 148 41.37 16.63 12.06
C THR F 148 40.24 17.53 12.42
N ALA F 149 40.42 18.31 13.49
CA ALA F 149 39.46 19.32 13.87
C ALA F 149 39.25 20.37 12.78
N PHE F 150 40.28 20.66 12.06
CA PHE F 150 40.17 21.52 10.92
C PHE F 150 39.22 20.95 9.81
N ASP F 151 39.42 19.70 9.43
CA ASP F 151 38.52 19.05 8.47
C ASP F 151 37.07 19.17 8.93
N ILE F 152 36.85 19.03 10.23
CA ILE F 152 35.53 19.11 10.82
C ILE F 152 34.91 20.45 10.58
N SER F 153 35.65 21.49 10.92
CA SER F 153 35.24 22.86 10.69
C SER F 153 34.91 23.17 9.21
N ILE F 154 35.75 22.72 8.31
CA ILE F 154 35.46 22.87 6.91
C ILE F 154 34.17 22.05 6.57
N ASN F 155 34.09 20.77 6.93
CA ASN F 155 32.87 19.99 6.56
C ASN F 155 31.56 20.58 7.11
N ASN F 156 31.60 21.06 8.33
CA ASN F 156 30.44 21.67 8.97
C ASN F 156 30.14 23.09 8.48
N GLY F 157 31.13 23.72 7.84
CA GLY F 157 31.04 25.11 7.41
C GLY F 157 31.08 26.08 8.59
N ASN F 158 31.91 25.76 9.60
CA ASN F 158 32.00 26.63 10.78
C ASN F 158 33.21 27.51 10.60
N GLU F 159 32.96 28.74 10.20
CA GLU F 159 34.03 29.65 9.74
C GLU F 159 34.81 30.24 10.92
N ASP F 160 34.10 30.59 11.99
CA ASP F 160 34.72 30.96 13.27
C ASP F 160 35.67 29.90 13.83
N LEU F 161 35.20 28.64 13.85
CA LEU F 161 36.05 27.53 14.29
C LEU F 161 37.34 27.43 13.45
N ALA F 162 37.16 27.50 12.12
CA ALA F 162 38.26 27.31 11.16
C ALA F 162 39.34 28.36 11.30
N GLU F 163 38.95 29.57 11.70
CA GLU F 163 39.91 30.63 12.01
C GLU F 163 40.68 30.39 13.30
N ILE F 164 40.00 30.05 14.40
CA ILE F 164 40.67 29.67 15.67
C ILE F 164 41.77 28.59 15.44
N LEU F 165 41.56 27.72 14.47
CA LEU F 165 42.52 26.67 14.10
C LEU F 165 43.43 27.03 12.87
N GLN F 166 44.14 28.18 12.92
CA GLN F 166 45.14 28.61 11.85
C GLN F 166 45.03 28.02 10.43
#